data_3B8E
#
_entry.id   3B8E
#
_cell.length_a   68.930
_cell.length_b   261.500
_cell.length_c   334.780
_cell.angle_alpha   90.00
_cell.angle_beta   90.00
_cell.angle_gamma   90.00
#
_symmetry.space_group_name_H-M   'P 21 21 21'
#
loop_
_entity.id
_entity.type
_entity.pdbx_description
1 polymer 'Sodium/potassium-transporting ATPase subunit alpha-1'
2 polymer 'Sodium/potassium-transporting ATPase subunit beta-1'
3 polymer 'Na+/K+ ATPase gamma subunit transcript variant a'
4 non-polymer 'MAGNESIUM ION'
5 non-polymer 'RUBIDIUM ION'
6 non-polymer TETRAFLUOROMAGNESATE(2-)
7 non-polymer 1,2-DIACYL-SN-GLYCERO-3-PHOSPHOCHOLINE
#
loop_
_entity_poly.entity_id
_entity_poly.type
_entity_poly.pdbx_seq_one_letter_code
_entity_poly.pdbx_strand_id
1 'polypeptide(L)'
;AKKERDMDELKKEVSMDDHKLSLDELHRKYGTDLSRGLTPARAAEILARDGPNALTPPPTTPEWVKFCRQLFGGFSMLLW
IGAILCFLAYGIQAATEEEPQNDNLYLGVVLSAVVIITGCFSYYQEAKSSKIMESFKNMVPQQALVIRNGEKMSINAEEV
VVGDLVEVKGGDRIPADLRIISANGCKVDNSSLTGESEPQTRSPDFTNENPLETRNIAFFSTNCVEGTARGIVVYTGDRT
VMGRIATLASGLEGGQTPIAAEIEHFIHIITGVAVFLGVSFFILSLILEYTWLEAVIFLIGIIVANVPEGLLATVTVCLT
LTAKRMARKNCLVKNLEAVETLGSTSTICSDKTGTLTQNRMTVAHMWSDNQIHEADTTENQSGVSFDKTSATWLALSRIA
GLCNRAVFQANQENLPILKRAVAGDASESALLKCIELCCGSVKEMRERYTKIVEIPFNSTNKYQLSIHKNPNTAEPRHLL
VMKGAPERILDRCSSILIHGKEQPLDEELKDAFQNAYLELGGLGERVLGFCHLFLPDEQFPEGFQFDTDDVNFPLDNLCF
VGLISMIDPPRAAVPDAVGKCRSAGIKVIMVTGDHPITAKAIAKGVGIISEGNETVEDIAARLNIPVSQVNPRDAKACVV
HGSDLKDMTSEQLDDILKYHTEIVFARTSPQQKLIIVEGCQRQGAIVAVTGDGVNDSPASKKADIGVAMGIAGSDVSKQA
ADMILLDDNFASIVTGVEEGRLIFDNLKKSIAYTLTSNIPEITPFLIFIIANIPLPLGTVTILCIDLGTDMVPAISLAYE
QAESDIMKRQPRNPKTDKLVNEQLISMAYGQIGMIQALGGFFTYFVILAENGFLPIHLLGLRVNWDDRWINDVEDSYGQQ
WTYEQRKIVEFTCHTPFFVTIVVVQWADLVICKTRRNSVFQQGMKNKILIFGLFEETALAAFLSYCPGMGVALRMYPLKP
TWWFCAFPYSLLIFVYDEVRKLIIRRRPGGWVEKETYY
;
A,C
2 'polypeptide(L)' TGGSWFKILLFYVIFYGCLAGIFIGTIQVMLLTISEFKPTYQDRVA B,D
3 'polypeptide(L)' YETVRNGGLIFAALAFIVGLIIILSKRLR G,H
#
# COMPACT_ATOMS: atom_id res chain seq x y z
N ALA A 1 13.26 -26.56 19.90
CA ALA A 1 14.30 -26.35 18.87
C ALA A 1 15.53 -27.25 19.12
N LYS A 2 15.45 -28.49 18.64
CA LYS A 2 16.54 -29.46 18.80
C LYS A 2 17.11 -29.87 17.44
N LYS A 3 17.62 -31.09 17.35
CA LYS A 3 18.18 -31.59 16.09
C LYS A 3 17.14 -31.77 14.99
N GLU A 4 17.52 -32.47 13.93
CA GLU A 4 16.61 -32.73 12.81
C GLU A 4 15.89 -34.04 12.96
N ARG A 5 16.53 -35.00 13.62
CA ARG A 5 15.91 -36.30 13.84
C ARG A 5 14.78 -36.12 14.85
N ASP A 6 14.35 -34.87 15.02
CA ASP A 6 13.29 -34.52 15.95
C ASP A 6 12.46 -33.35 15.40
N MET A 7 13.14 -32.32 14.89
CA MET A 7 12.48 -31.14 14.34
C MET A 7 11.75 -31.48 13.03
N ASP A 8 12.11 -32.61 12.43
CA ASP A 8 11.50 -33.05 11.19
C ASP A 8 11.52 -34.58 11.10
N GLU A 9 11.48 -35.23 12.27
CA GLU A 9 11.50 -36.69 12.36
C GLU A 9 10.68 -37.12 13.56
N LEU A 10 9.71 -36.29 13.93
CA LEU A 10 8.84 -36.59 15.05
C LEU A 10 7.44 -36.88 14.50
N LYS A 11 7.41 -37.50 13.33
CA LYS A 11 6.15 -37.84 12.68
C LYS A 11 6.12 -39.34 12.39
N LYS A 12 7.09 -40.05 12.95
CA LYS A 12 7.15 -41.51 12.79
C LYS A 12 6.12 -42.05 13.76
N GLU A 13 5.46 -41.12 14.45
CA GLU A 13 4.44 -41.41 15.44
C GLU A 13 3.19 -40.68 14.96
N VAL A 14 2.02 -41.01 15.51
CA VAL A 14 0.80 -40.36 15.04
C VAL A 14 -0.23 -39.95 16.14
N SER A 15 -0.51 -40.89 17.04
CA SER A 15 -1.47 -40.70 18.12
C SER A 15 -1.24 -39.51 19.04
N MET A 16 -1.48 -39.76 20.34
CA MET A 16 -1.33 -38.78 21.40
C MET A 16 -2.52 -37.82 21.35
N ASP A 17 -3.68 -38.28 21.86
CA ASP A 17 -4.88 -37.44 21.87
C ASP A 17 -5.86 -37.68 23.04
N ASP A 18 -6.56 -36.62 23.44
CA ASP A 18 -7.55 -36.65 24.51
C ASP A 18 -8.85 -36.05 23.98
N HIS A 19 -9.75 -36.96 23.68
CA HIS A 19 -11.03 -36.67 23.08
C HIS A 19 -11.84 -37.87 23.51
N LYS A 20 -11.20 -38.79 24.22
CA LYS A 20 -11.93 -39.95 24.69
C LYS A 20 -12.05 -39.73 26.18
N LEU A 21 -12.53 -38.54 26.53
CA LEU A 21 -12.72 -38.15 27.91
C LEU A 21 -14.06 -37.41 28.11
N SER A 22 -14.64 -37.61 29.31
CA SER A 22 -15.92 -37.01 29.70
C SER A 22 -15.92 -35.51 29.55
N LEU A 23 -17.07 -34.96 29.15
CA LEU A 23 -17.17 -33.52 28.95
C LEU A 23 -16.68 -32.83 30.20
N ASP A 24 -16.86 -33.51 31.32
CA ASP A 24 -16.42 -32.97 32.59
C ASP A 24 -14.90 -32.86 32.51
N GLU A 25 -14.25 -33.98 32.20
CA GLU A 25 -12.80 -34.01 32.08
C GLU A 25 -12.30 -32.98 31.07
N LEU A 26 -12.98 -32.92 29.93
CA LEU A 26 -12.65 -31.98 28.88
C LEU A 26 -12.70 -30.57 29.46
N HIS A 27 -13.89 -30.18 29.92
CA HIS A 27 -14.11 -28.87 30.53
C HIS A 27 -12.99 -28.53 31.50
N ARG A 28 -12.66 -29.47 32.37
CA ARG A 28 -11.61 -29.28 33.35
C ARG A 28 -10.25 -29.07 32.68
N LYS A 29 -9.91 -29.94 31.73
CA LYS A 29 -8.63 -29.84 31.03
C LYS A 29 -8.36 -28.46 30.44
N TYR A 30 -9.34 -27.89 29.76
CA TYR A 30 -9.20 -26.57 29.13
C TYR A 30 -9.79 -25.46 29.96
N GLY A 31 -10.45 -25.84 31.04
CA GLY A 31 -11.08 -24.85 31.91
C GLY A 31 -11.87 -23.89 31.07
N THR A 32 -12.92 -24.40 30.42
CA THR A 32 -13.73 -23.57 29.56
C THR A 32 -15.21 -23.97 29.58
N ASP A 33 -16.07 -23.00 29.90
CA ASP A 33 -17.51 -23.24 29.95
C ASP A 33 -17.97 -23.79 28.60
N LEU A 34 -18.47 -25.01 28.59
CA LEU A 34 -18.88 -25.63 27.35
C LEU A 34 -20.17 -25.14 26.71
N SER A 35 -20.49 -23.86 26.90
CA SER A 35 -21.69 -23.31 26.27
C SER A 35 -21.72 -21.80 26.36
N ARG A 36 -21.13 -21.24 27.41
CA ARG A 36 -21.06 -19.79 27.56
C ARG A 36 -19.85 -19.38 26.77
N GLY A 37 -19.00 -20.38 26.51
CA GLY A 37 -17.79 -20.17 25.75
C GLY A 37 -16.58 -19.95 26.63
N LEU A 38 -15.76 -19.00 26.22
CA LEU A 38 -14.54 -18.67 26.92
C LEU A 38 -14.54 -17.15 27.15
N THR A 39 -13.81 -16.68 28.14
CA THR A 39 -13.73 -15.24 28.43
C THR A 39 -12.80 -14.52 27.45
N PRO A 40 -13.25 -13.38 26.88
CA PRO A 40 -12.39 -12.66 25.93
C PRO A 40 -11.06 -12.31 26.57
N ALA A 41 -11.11 -11.92 27.84
CA ALA A 41 -9.91 -11.57 28.56
C ALA A 41 -8.99 -12.79 28.49
N ARG A 42 -9.54 -13.94 28.88
CA ARG A 42 -8.82 -15.20 28.88
C ARG A 42 -8.36 -15.55 27.46
N ALA A 43 -9.15 -15.15 26.48
CA ALA A 43 -8.83 -15.41 25.08
C ALA A 43 -7.44 -14.90 24.76
N ALA A 44 -7.30 -13.59 24.69
CA ALA A 44 -6.02 -12.97 24.39
C ALA A 44 -4.95 -13.45 25.37
N GLU A 45 -5.34 -13.61 26.62
CA GLU A 45 -4.41 -14.06 27.66
C GLU A 45 -3.73 -15.35 27.19
N ILE A 46 -4.37 -16.04 26.25
CA ILE A 46 -3.82 -17.26 25.71
C ILE A 46 -3.13 -17.04 24.38
N LEU A 47 -3.68 -16.17 23.53
CA LEU A 47 -3.06 -15.92 22.23
C LEU A 47 -1.69 -15.30 22.40
N ALA A 48 -1.58 -14.35 23.30
CA ALA A 48 -0.32 -13.67 23.55
C ALA A 48 0.65 -14.61 24.28
N ARG A 49 0.16 -15.81 24.58
CA ARG A 49 0.95 -16.83 25.27
C ARG A 49 1.32 -17.96 24.30
N ASP A 50 0.30 -18.52 23.65
CA ASP A 50 0.47 -19.63 22.70
C ASP A 50 0.91 -19.26 21.30
N GLY A 51 0.44 -18.14 20.78
CA GLY A 51 0.84 -17.72 19.44
C GLY A 51 -0.10 -18.08 18.30
N PRO A 52 -0.66 -17.06 17.63
CA PRO A 52 -1.60 -17.12 16.51
C PRO A 52 -1.85 -18.46 15.84
N ASN A 53 -3.11 -18.71 15.49
CA ASN A 53 -3.51 -19.93 14.82
C ASN A 53 -3.28 -19.76 13.34
N ALA A 54 -2.10 -20.18 12.88
CA ALA A 54 -1.75 -20.08 11.48
C ALA A 54 -0.39 -20.70 11.26
N LEU A 55 -0.12 -21.07 10.01
CA LEU A 55 1.14 -21.68 9.64
C LEU A 55 2.11 -20.62 9.17
N THR A 56 3.40 -20.93 9.26
CA THR A 56 4.46 -20.00 8.85
C THR A 56 5.40 -20.64 7.83
N PRO A 57 5.43 -20.10 6.60
CA PRO A 57 6.32 -20.64 5.57
C PRO A 57 7.75 -20.79 6.07
N PRO A 58 8.51 -21.73 5.50
CA PRO A 58 9.89 -21.91 5.96
C PRO A 58 10.73 -20.68 5.67
N PRO A 59 11.70 -20.39 6.54
CA PRO A 59 12.58 -19.23 6.35
C PRO A 59 13.42 -19.42 5.10
N THR A 60 12.92 -18.91 3.98
CA THR A 60 13.66 -19.06 2.74
C THR A 60 13.25 -18.08 1.64
N THR A 61 14.25 -17.44 1.05
CA THR A 61 14.08 -16.48 -0.04
C THR A 61 15.44 -16.20 -0.69
N PRO A 62 16.32 -17.22 -0.78
CA PRO A 62 17.62 -16.96 -1.39
C PRO A 62 17.64 -17.15 -2.91
N GLU A 63 17.94 -16.08 -3.65
CA GLU A 63 18.01 -16.19 -5.11
C GLU A 63 19.46 -16.09 -5.61
N TRP A 64 20.38 -16.52 -4.76
CA TRP A 64 21.80 -16.47 -5.10
C TRP A 64 22.45 -17.80 -4.80
N VAL A 65 22.58 -18.11 -3.51
CA VAL A 65 23.23 -19.35 -3.09
C VAL A 65 23.00 -20.47 -4.10
N LYS A 66 21.90 -20.41 -4.83
CA LYS A 66 21.60 -21.42 -5.85
C LYS A 66 22.23 -20.99 -7.19
N PHE A 67 22.15 -19.71 -7.54
CA PHE A 67 22.77 -19.22 -8.78
C PHE A 67 24.26 -19.44 -8.61
N CYS A 68 24.80 -18.89 -7.52
CA CYS A 68 26.20 -19.04 -7.17
C CYS A 68 26.40 -20.50 -6.73
N ARG A 69 26.31 -21.41 -7.70
CA ARG A 69 26.51 -22.83 -7.47
C ARG A 69 27.77 -23.13 -8.24
N GLN A 70 27.92 -22.43 -9.37
CA GLN A 70 29.06 -22.60 -10.24
C GLN A 70 30.40 -22.47 -9.53
N LEU A 71 30.43 -21.81 -8.37
CA LEU A 71 31.67 -21.65 -7.62
C LEU A 71 32.17 -23.02 -7.15
N PHE A 72 31.72 -24.04 -7.87
CA PHE A 72 32.05 -25.45 -7.68
C PHE A 72 31.39 -26.06 -8.92
N GLY A 73 30.39 -25.33 -9.42
CA GLY A 73 29.62 -25.74 -10.58
C GLY A 73 30.39 -26.35 -11.72
N GLY A 74 30.07 -27.60 -12.00
CA GLY A 74 30.75 -28.30 -13.08
C GLY A 74 32.24 -28.35 -12.83
N PHE A 75 33.00 -27.73 -13.72
CA PHE A 75 34.44 -27.71 -13.60
C PHE A 75 34.93 -26.29 -13.38
N SER A 76 34.01 -25.42 -12.96
CA SER A 76 34.32 -24.01 -12.73
C SER A 76 35.43 -23.75 -11.71
N MET A 77 35.84 -24.80 -11.01
CA MET A 77 36.92 -24.65 -10.04
C MET A 77 38.21 -24.39 -10.84
N LEU A 78 38.63 -25.38 -11.64
CA LEU A 78 39.83 -25.25 -12.45
C LEU A 78 39.73 -24.05 -13.34
N LEU A 79 38.53 -23.82 -13.87
CA LEU A 79 38.30 -22.69 -14.73
C LEU A 79 38.64 -21.41 -13.97
N TRP A 80 38.16 -21.33 -12.73
CA TRP A 80 38.46 -20.16 -11.92
C TRP A 80 39.95 -20.12 -11.58
N ILE A 81 40.47 -21.23 -11.05
CA ILE A 81 41.88 -21.33 -10.69
C ILE A 81 42.71 -21.16 -11.96
N GLY A 82 42.06 -21.37 -13.10
CA GLY A 82 42.73 -21.23 -14.37
C GLY A 82 42.69 -19.78 -14.81
N ALA A 83 41.49 -19.28 -15.11
CA ALA A 83 41.32 -17.92 -15.57
C ALA A 83 41.82 -16.86 -14.58
N ILE A 84 42.26 -17.29 -13.41
CA ILE A 84 42.81 -16.36 -12.43
C ILE A 84 44.31 -16.48 -12.66
N LEU A 85 44.77 -17.72 -12.81
CA LEU A 85 46.19 -18.00 -13.06
C LEU A 85 46.56 -17.43 -14.41
N CYS A 86 45.64 -17.54 -15.38
CA CYS A 86 45.90 -17.01 -16.71
C CYS A 86 45.41 -15.55 -16.73
N PHE A 87 45.12 -15.03 -15.54
CA PHE A 87 44.69 -13.64 -15.41
C PHE A 87 45.89 -12.99 -14.74
N LEU A 88 46.84 -13.83 -14.34
CA LEU A 88 48.06 -13.39 -13.71
C LEU A 88 49.09 -13.25 -14.81
N ALA A 89 48.96 -14.09 -15.83
CA ALA A 89 49.86 -14.05 -16.97
C ALA A 89 50.02 -12.61 -17.43
N TYR A 90 48.92 -12.00 -17.88
CA TYR A 90 48.94 -10.62 -18.36
C TYR A 90 49.60 -9.67 -17.35
N GLY A 91 49.81 -10.15 -16.13
CA GLY A 91 50.43 -9.33 -15.11
C GLY A 91 51.93 -9.46 -15.15
N ILE A 92 52.42 -10.69 -15.01
CA ILE A 92 53.84 -10.96 -15.03
C ILE A 92 54.45 -10.63 -16.39
N GLN A 93 54.40 -9.36 -16.77
CA GLN A 93 54.93 -8.90 -18.04
C GLN A 93 55.84 -7.69 -17.79
N ALA A 94 56.86 -7.52 -18.64
CA ALA A 94 57.80 -6.43 -18.49
C ALA A 94 57.67 -5.34 -19.56
N ALA A 95 58.58 -5.34 -20.54
CA ALA A 95 58.60 -4.35 -21.61
C ALA A 95 57.25 -4.09 -22.27
N THR A 96 56.44 -3.24 -21.66
CA THR A 96 55.10 -2.89 -22.16
C THR A 96 54.34 -4.09 -22.72
N GLU A 97 53.55 -4.74 -21.86
CA GLU A 97 52.75 -5.91 -22.23
C GLU A 97 52.43 -5.92 -23.72
N GLU A 98 53.36 -6.46 -24.50
CA GLU A 98 53.24 -6.55 -25.96
C GLU A 98 51.98 -7.29 -26.36
N GLU A 99 52.10 -8.21 -27.32
CA GLU A 99 50.95 -8.97 -27.75
C GLU A 99 50.35 -9.71 -26.58
N PRO A 100 51.18 -10.12 -25.59
CA PRO A 100 50.60 -10.82 -24.44
C PRO A 100 49.49 -9.99 -23.77
N GLN A 101 49.28 -8.78 -24.30
CA GLN A 101 48.25 -7.88 -23.82
C GLN A 101 46.94 -8.45 -24.38
N ASN A 102 46.98 -8.81 -25.65
CA ASN A 102 45.83 -9.40 -26.33
C ASN A 102 45.55 -10.75 -25.69
N ASP A 103 46.50 -11.68 -25.81
CA ASP A 103 46.36 -13.02 -25.23
C ASP A 103 46.28 -12.90 -23.71
N ASN A 104 46.20 -14.04 -23.03
CA ASN A 104 46.13 -14.07 -21.58
C ASN A 104 44.98 -13.25 -21.02
N LEU A 105 45.16 -11.92 -20.96
CA LEU A 105 44.13 -11.05 -20.43
C LEU A 105 42.79 -11.42 -21.05
N TYR A 106 42.78 -11.61 -22.38
CA TYR A 106 41.56 -11.98 -23.06
C TYR A 106 41.14 -13.40 -22.71
N LEU A 107 42.08 -14.34 -22.77
CA LEU A 107 41.76 -15.72 -22.44
C LEU A 107 41.32 -15.84 -20.99
N GLY A 108 41.63 -14.82 -20.18
CA GLY A 108 41.23 -14.82 -18.79
C GLY A 108 39.77 -14.42 -18.67
N VAL A 109 39.41 -13.33 -19.36
CA VAL A 109 38.06 -12.82 -19.37
C VAL A 109 37.14 -13.75 -20.14
N VAL A 110 37.71 -14.48 -21.09
CA VAL A 110 36.92 -15.42 -21.87
C VAL A 110 36.56 -16.62 -20.98
N LEU A 111 37.59 -17.31 -20.48
CA LEU A 111 37.35 -18.44 -19.61
C LEU A 111 36.54 -17.95 -18.43
N SER A 112 36.62 -16.66 -18.18
CA SER A 112 35.90 -16.01 -17.09
C SER A 112 34.38 -16.06 -17.36
N ALA A 113 33.97 -15.48 -18.49
CA ALA A 113 32.57 -15.48 -18.86
C ALA A 113 32.04 -16.91 -18.88
N VAL A 114 32.83 -17.81 -19.48
CA VAL A 114 32.47 -19.22 -19.57
C VAL A 114 31.88 -19.75 -18.25
N VAL A 115 32.69 -19.70 -17.20
CA VAL A 115 32.25 -20.15 -15.89
C VAL A 115 30.87 -19.60 -15.62
N ILE A 116 30.76 -18.28 -15.73
CA ILE A 116 29.48 -17.59 -15.52
C ILE A 116 28.35 -18.23 -16.34
N ILE A 117 28.60 -18.46 -17.61
CA ILE A 117 27.60 -19.05 -18.48
C ILE A 117 27.41 -20.54 -18.26
N THR A 118 28.48 -21.23 -17.92
CA THR A 118 28.38 -22.66 -17.69
C THR A 118 27.56 -22.86 -16.43
N GLY A 119 27.22 -21.77 -15.76
CA GLY A 119 26.43 -21.84 -14.55
C GLY A 119 24.93 -21.71 -14.81
N CYS A 120 24.57 -20.77 -15.67
CA CYS A 120 23.18 -20.54 -16.03
C CYS A 120 22.51 -21.82 -16.52
N PHE A 121 23.32 -22.76 -17.00
CA PHE A 121 22.81 -24.04 -17.47
C PHE A 121 22.86 -24.99 -16.29
N SER A 122 23.81 -24.74 -15.40
CA SER A 122 23.96 -25.55 -14.20
C SER A 122 23.09 -24.85 -13.17
N TYR A 123 22.09 -24.14 -13.68
CA TYR A 123 21.13 -23.40 -12.88
C TYR A 123 19.72 -23.69 -13.43
N TYR A 124 19.51 -23.36 -14.69
CA TYR A 124 18.22 -23.62 -15.31
C TYR A 124 17.88 -25.11 -15.17
N GLN A 125 18.78 -25.87 -14.56
CA GLN A 125 18.57 -27.30 -14.37
C GLN A 125 17.82 -27.55 -13.06
N GLU A 126 17.79 -26.53 -12.21
CA GLU A 126 17.11 -26.62 -10.93
C GLU A 126 16.36 -25.32 -10.64
N ALA A 127 15.34 -25.03 -11.45
CA ALA A 127 14.55 -23.82 -11.28
C ALA A 127 14.03 -23.76 -9.85
N LYS A 128 13.87 -22.55 -9.33
CA LYS A 128 13.39 -22.38 -7.96
C LYS A 128 12.22 -23.32 -7.68
N SER A 129 12.52 -24.40 -6.97
CA SER A 129 11.53 -25.42 -6.64
C SER A 129 11.17 -25.40 -5.16
N SER A 130 9.98 -24.86 -4.84
CA SER A 130 9.53 -24.79 -3.45
C SER A 130 8.05 -24.43 -3.35
N LYS A 131 7.63 -23.94 -2.19
CA LYS A 131 6.26 -23.50 -1.93
C LYS A 131 5.16 -24.54 -1.70
N ILE A 132 5.22 -25.24 -0.57
CA ILE A 132 4.20 -26.23 -0.22
C ILE A 132 3.32 -25.55 0.81
N MET A 133 3.92 -25.30 1.98
CA MET A 133 3.27 -24.63 3.08
C MET A 133 2.39 -23.53 2.52
N GLU A 134 2.79 -23.02 1.36
CA GLU A 134 2.06 -21.96 0.69
C GLU A 134 0.58 -22.30 0.67
N SER A 135 0.22 -23.31 -0.12
CA SER A 135 -1.17 -23.75 -0.22
C SER A 135 -1.78 -24.15 1.14
N PHE A 136 -1.10 -25.00 1.94
CA PHE A 136 -1.56 -25.43 3.28
C PHE A 136 -2.12 -24.28 4.10
N LYS A 137 -1.27 -23.30 4.37
CA LYS A 137 -1.64 -22.11 5.12
C LYS A 137 -2.74 -21.35 4.37
N ASN A 138 -2.98 -21.74 3.13
CA ASN A 138 -4.02 -21.12 2.30
C ASN A 138 -5.19 -22.09 2.19
N MET A 139 -5.34 -22.92 3.22
CA MET A 139 -6.42 -23.92 3.28
C MET A 139 -7.22 -23.71 4.58
N VAL A 140 -6.65 -22.92 5.48
CA VAL A 140 -7.26 -22.57 6.75
C VAL A 140 -8.29 -21.49 6.35
N PRO A 141 -9.39 -21.37 7.11
CA PRO A 141 -10.35 -20.34 6.72
C PRO A 141 -9.90 -18.99 7.22
N GLN A 142 -10.51 -17.93 6.68
CA GLN A 142 -10.14 -16.60 7.11
C GLN A 142 -10.90 -16.28 8.40
N GLN A 143 -12.22 -16.39 8.35
CA GLN A 143 -13.07 -16.12 9.50
C GLN A 143 -13.31 -17.38 10.32
N ALA A 144 -14.01 -17.22 11.43
CA ALA A 144 -14.35 -18.32 12.31
C ALA A 144 -15.46 -17.88 13.24
N LEU A 145 -16.41 -18.77 13.49
CA LEU A 145 -17.52 -18.48 14.37
C LEU A 145 -17.28 -19.20 15.69
N VAL A 146 -16.98 -18.46 16.73
CA VAL A 146 -16.73 -19.08 18.01
C VAL A 146 -17.55 -18.39 19.06
N ILE A 147 -17.81 -19.11 20.15
CA ILE A 147 -18.58 -18.59 21.24
C ILE A 147 -17.68 -18.18 22.37
N ARG A 148 -17.95 -17.01 22.93
CA ARG A 148 -17.17 -16.52 24.03
C ARG A 148 -18.06 -15.72 24.95
N ASN A 149 -17.64 -15.63 26.22
CA ASN A 149 -18.36 -14.90 27.24
C ASN A 149 -19.81 -14.64 26.85
N GLY A 150 -20.51 -15.70 26.48
CA GLY A 150 -21.91 -15.55 26.12
C GLY A 150 -22.33 -15.70 24.67
N GLU A 151 -22.16 -14.63 23.89
CA GLU A 151 -22.58 -14.64 22.49
C GLU A 151 -21.67 -15.38 21.54
N LYS A 152 -22.16 -15.51 20.31
CA LYS A 152 -21.40 -16.13 19.25
C LYS A 152 -20.89 -14.94 18.44
N MET A 153 -19.58 -14.88 18.23
CA MET A 153 -18.98 -13.79 17.47
C MET A 153 -18.05 -14.41 16.44
N SER A 154 -17.79 -13.66 15.37
CA SER A 154 -16.93 -14.11 14.26
C SER A 154 -15.61 -13.36 14.18
N ILE A 155 -14.52 -14.10 13.99
CA ILE A 155 -13.20 -13.48 13.89
C ILE A 155 -12.15 -14.21 13.06
N ASN A 156 -10.98 -13.59 12.92
CA ASN A 156 -9.90 -14.17 12.16
C ASN A 156 -9.41 -15.45 12.78
N ALA A 157 -9.46 -16.50 11.97
CA ALA A 157 -9.02 -17.82 12.39
C ALA A 157 -7.75 -17.70 13.23
N GLU A 158 -6.83 -16.86 12.78
CA GLU A 158 -5.59 -16.68 13.50
C GLU A 158 -5.83 -16.44 14.98
N GLU A 159 -6.90 -15.70 15.30
CA GLU A 159 -7.23 -15.36 16.68
C GLU A 159 -7.88 -16.44 17.55
N VAL A 160 -8.00 -17.65 17.03
CA VAL A 160 -8.58 -18.75 17.79
C VAL A 160 -7.54 -19.36 18.71
N VAL A 161 -7.74 -19.26 20.00
CA VAL A 161 -6.76 -19.84 20.91
C VAL A 161 -7.22 -21.25 21.26
N VAL A 162 -6.34 -22.02 21.89
CA VAL A 162 -6.69 -23.38 22.29
C VAL A 162 -7.65 -23.23 23.45
N GLY A 163 -8.64 -24.10 23.52
CA GLY A 163 -9.55 -24.03 24.64
C GLY A 163 -10.98 -23.56 24.40
N ASP A 164 -11.21 -22.66 23.46
CA ASP A 164 -12.58 -22.24 23.28
C ASP A 164 -13.33 -23.10 22.29
N LEU A 165 -14.66 -22.93 22.29
CA LEU A 165 -15.54 -23.69 21.42
C LEU A 165 -15.96 -22.85 20.23
N VAL A 166 -16.03 -23.53 19.10
CA VAL A 166 -16.42 -22.89 17.87
C VAL A 166 -17.56 -23.70 17.28
N GLU A 167 -18.39 -23.03 16.49
CA GLU A 167 -19.53 -23.64 15.85
C GLU A 167 -19.15 -23.72 14.38
N VAL A 168 -19.53 -24.81 13.72
CA VAL A 168 -19.24 -24.94 12.30
C VAL A 168 -20.50 -25.33 11.53
N LYS A 169 -20.84 -24.53 10.53
CA LYS A 169 -22.02 -24.82 9.73
C LYS A 169 -21.55 -25.66 8.55
N GLY A 170 -22.47 -26.13 7.72
CA GLY A 170 -22.07 -26.91 6.55
C GLY A 170 -21.56 -26.01 5.44
N GLY A 171 -20.40 -26.35 4.88
CA GLY A 171 -19.85 -25.54 3.80
C GLY A 171 -18.76 -24.60 4.25
N ASP A 172 -18.22 -24.85 5.44
CA ASP A 172 -17.15 -24.02 6.00
C ASP A 172 -15.93 -24.89 6.29
N ARG A 173 -14.77 -24.28 6.40
CA ARG A 173 -13.57 -25.04 6.69
C ARG A 173 -13.37 -25.06 8.21
N ILE A 174 -13.08 -26.23 8.76
CA ILE A 174 -12.87 -26.35 10.18
C ILE A 174 -11.76 -25.39 10.64
N PRO A 175 -12.04 -24.45 11.56
CA PRO A 175 -11.01 -23.53 12.03
C PRO A 175 -9.72 -24.21 12.46
N ALA A 176 -9.79 -25.03 13.50
CA ALA A 176 -8.60 -25.72 13.94
C ALA A 176 -9.03 -27.13 14.26
N ASP A 177 -8.15 -27.89 14.90
CA ASP A 177 -8.52 -29.24 15.28
C ASP A 177 -9.42 -29.07 16.47
N LEU A 178 -10.56 -29.74 16.48
CA LEU A 178 -11.44 -29.62 17.62
C LEU A 178 -12.24 -30.86 17.96
N ARG A 179 -12.52 -31.03 19.24
CA ARG A 179 -13.29 -32.17 19.72
C ARG A 179 -14.71 -31.67 19.88
N ILE A 180 -15.61 -32.07 18.96
CA ILE A 180 -17.00 -31.64 19.03
C ILE A 180 -17.66 -32.15 20.28
N ILE A 181 -18.34 -31.27 21.00
CA ILE A 181 -19.03 -31.65 22.21
C ILE A 181 -20.49 -31.84 21.89
N SER A 182 -20.93 -31.31 20.75
CA SER A 182 -22.32 -31.48 20.34
C SER A 182 -22.50 -31.11 18.88
N ALA A 183 -23.46 -31.75 18.25
CA ALA A 183 -23.73 -31.50 16.84
C ALA A 183 -25.09 -32.04 16.44
N ASN A 184 -25.48 -31.73 15.21
CA ASN A 184 -26.76 -32.18 14.71
C ASN A 184 -26.69 -32.41 13.22
N GLY A 185 -26.59 -33.69 12.84
CA GLY A 185 -26.51 -34.05 11.42
C GLY A 185 -25.25 -33.57 10.76
N CYS A 186 -24.17 -33.54 11.55
CA CYS A 186 -22.89 -33.08 11.05
C CYS A 186 -22.14 -34.13 10.26
N LYS A 187 -21.68 -33.73 9.08
CA LYS A 187 -20.93 -34.58 8.19
C LYS A 187 -19.76 -33.79 7.62
N VAL A 188 -18.54 -34.23 7.93
CA VAL A 188 -17.34 -33.56 7.47
C VAL A 188 -16.67 -34.36 6.36
N ASP A 189 -16.04 -33.64 5.43
CA ASP A 189 -15.33 -34.25 4.31
C ASP A 189 -13.87 -34.38 4.70
N ASN A 190 -13.40 -35.61 4.88
CA ASN A 190 -12.02 -35.81 5.29
C ASN A 190 -10.96 -36.03 4.21
N SER A 191 -11.34 -35.87 2.94
CA SER A 191 -10.43 -36.06 1.81
C SER A 191 -8.96 -35.88 2.20
N SER A 192 -8.61 -34.62 2.44
CA SER A 192 -7.27 -34.20 2.81
C SER A 192 -6.63 -34.90 4.01
N LEU A 193 -7.11 -36.09 4.36
CA LEU A 193 -6.56 -36.79 5.52
C LEU A 193 -6.68 -38.30 5.32
N THR A 194 -7.88 -38.71 4.93
CA THR A 194 -8.17 -40.11 4.67
C THR A 194 -7.84 -40.32 3.20
N GLY A 195 -8.05 -39.29 2.41
CA GLY A 195 -7.79 -39.43 1.00
C GLY A 195 -9.09 -39.83 0.33
N GLU A 196 -10.05 -40.30 1.13
CA GLU A 196 -11.36 -40.70 0.62
C GLU A 196 -12.29 -39.49 0.65
N SER A 197 -13.26 -39.46 -0.27
CA SER A 197 -14.15 -38.32 -0.37
C SER A 197 -15.55 -38.40 0.29
N GLU A 198 -16.13 -39.60 0.39
CA GLU A 198 -17.46 -39.71 0.98
C GLU A 198 -17.50 -39.11 2.38
N PRO A 199 -18.49 -38.25 2.63
CA PRO A 199 -18.67 -37.57 3.91
C PRO A 199 -18.74 -38.49 5.11
N GLN A 200 -18.13 -38.05 6.20
CA GLN A 200 -18.16 -38.78 7.46
C GLN A 200 -19.10 -37.96 8.33
N THR A 201 -19.50 -38.50 9.47
CA THR A 201 -20.40 -37.79 10.37
C THR A 201 -19.76 -37.48 11.70
N ARG A 202 -20.30 -36.50 12.39
CA ARG A 202 -19.74 -36.12 13.66
C ARG A 202 -20.74 -36.26 14.81
N SER A 203 -20.34 -37.04 15.82
CA SER A 203 -21.14 -37.26 17.03
C SER A 203 -20.41 -36.57 18.19
N PRO A 204 -21.17 -36.08 19.17
CA PRO A 204 -20.44 -35.44 20.26
C PRO A 204 -19.66 -36.46 21.06
N ASP A 205 -20.22 -37.65 21.20
CA ASP A 205 -19.53 -38.66 21.99
C ASP A 205 -18.79 -39.62 21.09
N PHE A 206 -18.86 -40.91 21.42
CA PHE A 206 -18.21 -41.98 20.65
C PHE A 206 -16.76 -42.22 21.04
N THR A 207 -16.17 -43.17 20.34
CA THR A 207 -14.77 -43.55 20.48
C THR A 207 -14.54 -44.54 19.33
N ASN A 208 -13.29 -44.92 19.11
CA ASN A 208 -12.93 -45.85 18.05
C ASN A 208 -11.42 -45.78 17.96
N GLU A 209 -10.91 -46.01 16.74
CA GLU A 209 -9.47 -45.94 16.47
C GLU A 209 -9.12 -44.60 17.06
N ASN A 210 -8.97 -44.66 18.37
CA ASN A 210 -8.69 -43.55 19.24
C ASN A 210 -8.49 -42.15 18.65
N PRO A 211 -7.87 -42.01 17.47
CA PRO A 211 -7.86 -40.56 17.25
C PRO A 211 -8.41 -40.07 15.93
N LEU A 212 -7.91 -40.65 14.84
CA LEU A 212 -8.31 -40.23 13.52
C LEU A 212 -9.65 -40.71 13.05
N GLU A 213 -10.14 -41.80 13.63
CA GLU A 213 -11.40 -42.32 13.16
C GLU A 213 -12.62 -42.10 14.02
N THR A 214 -12.42 -41.52 15.20
CA THR A 214 -13.54 -41.24 16.10
C THR A 214 -14.44 -40.10 15.61
N ARG A 215 -15.75 -40.33 15.63
CA ARG A 215 -16.70 -39.35 15.14
C ARG A 215 -16.84 -38.10 15.97
N ASN A 216 -15.97 -37.92 16.97
CA ASN A 216 -16.06 -36.72 17.82
C ASN A 216 -14.87 -35.75 17.70
N ILE A 217 -14.19 -35.82 16.58
CA ILE A 217 -13.07 -34.93 16.30
C ILE A 217 -13.26 -34.34 14.91
N ALA A 218 -12.88 -33.08 14.73
CA ALA A 218 -12.97 -32.43 13.43
C ALA A 218 -11.52 -32.04 13.18
N PHE A 219 -11.10 -32.07 11.93
CA PHE A 219 -9.72 -31.76 11.62
C PHE A 219 -9.39 -30.46 10.90
N PHE A 220 -8.20 -29.95 11.17
CA PHE A 220 -7.76 -28.69 10.61
C PHE A 220 -8.10 -28.37 9.15
N SER A 221 -7.62 -29.18 8.22
CA SER A 221 -7.91 -28.87 6.83
C SER A 221 -9.36 -29.09 6.41
N THR A 222 -9.91 -30.24 6.77
CA THR A 222 -11.28 -30.60 6.42
C THR A 222 -12.33 -29.52 6.59
N ASN A 223 -13.50 -29.81 6.04
CA ASN A 223 -14.62 -28.89 6.11
C ASN A 223 -15.94 -29.64 6.26
N CYS A 224 -16.88 -28.95 6.90
CA CYS A 224 -18.22 -29.45 7.16
C CYS A 224 -19.01 -29.42 5.86
N VAL A 225 -19.72 -30.51 5.57
CA VAL A 225 -20.49 -30.59 4.33
C VAL A 225 -22.00 -30.46 4.52
N GLU A 226 -22.46 -30.65 5.74
CA GLU A 226 -23.88 -30.52 6.06
C GLU A 226 -24.08 -30.70 7.56
N GLY A 227 -25.14 -30.11 8.09
CA GLY A 227 -25.39 -30.20 9.51
C GLY A 227 -24.69 -29.06 10.20
N THR A 228 -24.48 -29.20 11.51
CA THR A 228 -23.80 -28.17 12.29
C THR A 228 -23.13 -28.79 13.50
N ALA A 229 -22.19 -28.07 14.11
CA ALA A 229 -21.50 -28.60 15.27
C ALA A 229 -20.71 -27.56 16.05
N ARG A 230 -20.45 -27.91 17.32
CA ARG A 230 -19.69 -27.06 18.23
C ARG A 230 -18.72 -27.99 18.92
N GLY A 231 -17.45 -27.59 18.95
CA GLY A 231 -16.43 -28.41 19.57
C GLY A 231 -15.42 -27.55 20.28
N ILE A 232 -14.37 -28.16 20.82
CA ILE A 232 -13.38 -27.36 21.50
C ILE A 232 -11.98 -27.57 20.93
N VAL A 233 -11.38 -26.47 20.49
CA VAL A 233 -10.05 -26.47 19.89
C VAL A 233 -9.06 -27.25 20.73
N VAL A 234 -8.67 -28.42 20.26
CA VAL A 234 -7.74 -29.24 21.00
C VAL A 234 -6.30 -28.95 20.51
N TYR A 235 -6.18 -28.41 19.30
CA TYR A 235 -4.87 -28.06 18.74
C TYR A 235 -4.94 -26.88 17.79
N THR A 236 -3.97 -25.98 17.89
CA THR A 236 -4.00 -24.81 17.05
C THR A 236 -2.83 -24.67 16.06
N GLY A 237 -3.19 -24.49 14.79
CA GLY A 237 -2.21 -24.33 13.72
C GLY A 237 -1.06 -25.32 13.65
N ASP A 238 0.15 -24.78 13.67
CA ASP A 238 1.37 -25.54 13.60
C ASP A 238 1.36 -26.80 14.46
N ARG A 239 0.51 -26.83 15.47
CA ARG A 239 0.45 -27.98 16.36
C ARG A 239 -0.66 -28.98 16.03
N THR A 240 -1.49 -28.69 15.05
CA THR A 240 -2.60 -29.58 14.68
C THR A 240 -2.08 -30.83 14.01
N VAL A 241 -2.99 -31.61 13.44
CA VAL A 241 -2.60 -32.83 12.74
C VAL A 241 -2.12 -32.47 11.35
N MET A 242 -2.82 -31.54 10.73
CA MET A 242 -2.42 -31.11 9.39
C MET A 242 -1.26 -30.14 9.50
N GLY A 243 -1.03 -29.65 10.71
CA GLY A 243 0.08 -28.73 10.93
C GLY A 243 1.34 -29.56 10.91
N ARG A 244 1.34 -30.63 11.71
CA ARG A 244 2.47 -31.53 11.78
C ARG A 244 2.88 -31.87 10.34
N ILE A 245 1.88 -32.21 9.53
CA ILE A 245 2.09 -32.54 8.11
C ILE A 245 2.55 -31.32 7.34
N ALA A 246 1.72 -30.28 7.34
CA ALA A 246 2.02 -29.04 6.66
C ALA A 246 3.48 -28.70 6.89
N THR A 247 3.94 -28.95 8.10
CA THR A 247 5.33 -28.70 8.44
C THR A 247 6.19 -29.76 7.74
N LEU A 248 5.94 -31.03 8.06
CA LEU A 248 6.68 -32.15 7.49
C LEU A 248 6.77 -32.09 5.97
N ALA A 249 5.63 -32.15 5.30
CA ALA A 249 5.65 -32.11 3.85
C ALA A 249 6.06 -30.71 3.38
N SER A 250 7.11 -30.18 4.01
CA SER A 250 7.61 -28.86 3.67
C SER A 250 9.07 -28.75 4.06
N GLY A 251 9.35 -28.82 5.35
CA GLY A 251 10.72 -28.75 5.83
C GLY A 251 11.56 -29.94 5.40
N LEU A 252 10.89 -30.96 4.87
CA LEU A 252 11.57 -32.17 4.42
C LEU A 252 12.13 -32.00 3.02
N GLU A 253 13.29 -32.61 2.77
CA GLU A 253 13.92 -32.51 1.46
C GLU A 253 14.31 -33.85 0.80
N GLY A 254 14.08 -33.93 -0.50
CA GLY A 254 14.40 -35.13 -1.26
C GLY A 254 15.88 -35.41 -1.32
N GLY A 255 16.60 -34.72 -2.21
CA GLY A 255 18.04 -34.93 -2.31
C GLY A 255 18.63 -34.89 -3.70
N GLN A 256 19.43 -35.90 -4.02
CA GLN A 256 20.09 -35.99 -5.32
C GLN A 256 19.31 -36.75 -6.39
N THR A 257 18.98 -36.05 -7.47
CA THR A 257 18.27 -36.61 -8.61
C THR A 257 19.28 -37.55 -9.28
N PRO A 258 19.01 -38.87 -9.27
CA PRO A 258 19.92 -39.86 -9.88
C PRO A 258 20.77 -39.30 -11.02
N ILE A 259 20.11 -39.00 -12.13
CA ILE A 259 20.78 -38.47 -13.29
C ILE A 259 21.69 -37.32 -12.91
N ALA A 260 21.23 -36.48 -11.99
CA ALA A 260 22.00 -35.33 -11.54
C ALA A 260 23.14 -35.72 -10.59
N ALA A 261 23.05 -36.93 -10.04
CA ALA A 261 24.09 -37.40 -9.14
C ALA A 261 25.11 -38.16 -9.99
N GLU A 262 24.76 -38.38 -11.24
CA GLU A 262 25.66 -39.04 -12.15
C GLU A 262 26.49 -37.92 -12.77
N ILE A 263 25.91 -36.71 -12.80
CA ILE A 263 26.58 -35.52 -13.31
C ILE A 263 27.67 -35.27 -12.27
N GLU A 264 27.79 -36.17 -11.32
CA GLU A 264 28.80 -36.04 -10.29
C GLU A 264 29.92 -37.03 -10.48
N HIS A 265 29.65 -38.31 -10.23
CA HIS A 265 30.65 -39.37 -10.36
C HIS A 265 31.62 -39.21 -11.52
N PHE A 266 31.22 -38.52 -12.59
CA PHE A 266 32.12 -38.32 -13.74
C PHE A 266 32.80 -36.98 -13.69
N ILE A 267 32.06 -35.96 -13.27
CA ILE A 267 32.62 -34.62 -13.17
C ILE A 267 33.90 -34.74 -12.32
N HIS A 268 33.95 -35.77 -11.48
CA HIS A 268 35.11 -36.05 -10.62
C HIS A 268 36.22 -36.76 -11.38
N ILE A 269 35.88 -37.88 -12.00
CA ILE A 269 36.83 -38.67 -12.76
C ILE A 269 37.55 -37.75 -13.76
N ILE A 270 36.79 -37.01 -14.57
CA ILE A 270 37.40 -36.09 -15.52
C ILE A 270 38.31 -35.14 -14.74
N THR A 271 37.80 -34.56 -13.66
CA THR A 271 38.57 -33.64 -12.85
C THR A 271 39.66 -34.37 -12.08
N GLY A 272 39.75 -35.68 -12.29
CA GLY A 272 40.78 -36.49 -11.65
C GLY A 272 42.05 -36.35 -12.47
N VAL A 273 41.92 -36.50 -13.77
CA VAL A 273 43.05 -36.36 -14.67
C VAL A 273 43.28 -34.84 -14.80
N ALA A 274 42.27 -34.07 -14.40
CA ALA A 274 42.33 -32.62 -14.46
C ALA A 274 43.59 -32.07 -13.80
N VAL A 275 44.24 -32.89 -12.99
CA VAL A 275 45.43 -32.44 -12.31
C VAL A 275 46.53 -33.48 -12.34
N PHE A 276 46.15 -34.76 -12.31
CA PHE A 276 47.16 -35.83 -12.34
C PHE A 276 48.23 -35.50 -13.38
N LEU A 277 47.84 -34.71 -14.37
CA LEU A 277 48.74 -34.29 -15.43
C LEU A 277 48.91 -32.83 -15.12
N GLY A 278 47.80 -32.10 -15.22
CA GLY A 278 47.80 -30.67 -14.95
C GLY A 278 48.90 -30.15 -14.04
N VAL A 279 49.05 -30.74 -12.86
CA VAL A 279 50.09 -30.29 -11.94
C VAL A 279 51.34 -31.10 -12.23
N SER A 280 51.15 -32.39 -12.50
CA SER A 280 52.26 -33.29 -12.79
C SER A 280 53.33 -32.65 -13.67
N PHE A 281 52.90 -31.97 -14.73
CA PHE A 281 53.83 -31.32 -15.64
C PHE A 281 54.30 -30.00 -15.09
N PHE A 282 53.44 -29.31 -14.37
CA PHE A 282 53.86 -28.06 -13.78
C PHE A 282 55.10 -28.42 -12.95
N ILE A 283 55.07 -29.60 -12.33
CA ILE A 283 56.20 -30.07 -11.54
C ILE A 283 57.15 -30.73 -12.53
N LEU A 284 56.99 -32.05 -12.71
CA LEU A 284 57.82 -32.89 -13.59
C LEU A 284 57.99 -32.30 -14.99
N SER A 285 58.52 -31.08 -15.06
CA SER A 285 58.74 -30.40 -16.32
C SER A 285 59.21 -28.96 -16.08
N LEU A 286 58.35 -28.15 -15.46
CA LEU A 286 58.69 -26.76 -15.18
C LEU A 286 59.96 -26.65 -14.33
N ILE A 287 60.68 -27.76 -14.18
CA ILE A 287 61.92 -27.80 -13.40
C ILE A 287 62.90 -26.71 -13.87
N LEU A 288 62.69 -25.47 -13.41
CA LEU A 288 63.51 -24.31 -13.79
C LEU A 288 64.28 -24.50 -15.10
N GLU A 289 63.60 -25.06 -16.11
CA GLU A 289 64.14 -25.29 -17.46
C GLU A 289 63.29 -24.49 -18.43
N TYR A 290 62.21 -23.94 -17.87
CA TYR A 290 61.22 -23.10 -18.55
C TYR A 290 61.00 -21.93 -17.60
N THR A 291 60.61 -20.77 -18.13
CA THR A 291 60.40 -19.62 -17.26
C THR A 291 59.09 -19.79 -16.50
N TRP A 292 58.95 -19.07 -15.39
CA TRP A 292 57.72 -19.14 -14.61
C TRP A 292 56.55 -18.91 -15.57
N LEU A 293 56.53 -17.73 -16.19
CA LEU A 293 55.49 -17.37 -17.15
C LEU A 293 55.28 -18.48 -18.15
N GLU A 294 56.28 -19.32 -18.36
CA GLU A 294 56.11 -20.42 -19.31
C GLU A 294 55.22 -21.49 -18.71
N ALA A 295 55.69 -22.09 -17.63
CA ALA A 295 54.94 -23.15 -16.96
C ALA A 295 53.47 -22.78 -16.91
N VAL A 296 53.19 -21.62 -16.32
CA VAL A 296 51.84 -21.13 -16.18
C VAL A 296 51.05 -21.04 -17.49
N ILE A 297 51.66 -20.52 -18.55
CA ILE A 297 50.95 -20.43 -19.82
C ILE A 297 50.68 -21.87 -20.24
N PHE A 298 51.54 -22.77 -19.77
CA PHE A 298 51.39 -24.19 -20.07
C PHE A 298 50.36 -24.82 -19.14
N LEU A 299 50.24 -24.26 -17.94
CA LEU A 299 49.28 -24.74 -16.93
C LEU A 299 47.88 -24.41 -17.40
N ILE A 300 47.63 -23.12 -17.63
CA ILE A 300 46.32 -22.63 -18.07
C ILE A 300 45.90 -23.27 -19.38
N GLY A 301 46.80 -24.03 -19.99
CA GLY A 301 46.47 -24.68 -21.24
C GLY A 301 45.81 -26.01 -20.94
N ILE A 302 46.58 -26.93 -20.40
CA ILE A 302 46.07 -28.24 -20.09
C ILE A 302 44.74 -28.11 -19.37
N ILE A 303 44.60 -27.03 -18.61
CA ILE A 303 43.36 -26.77 -17.91
C ILE A 303 42.30 -26.69 -19.00
N VAL A 304 42.42 -25.67 -19.84
CA VAL A 304 41.50 -25.47 -20.93
C VAL A 304 41.40 -26.77 -21.71
N ALA A 305 42.54 -27.41 -21.91
CA ALA A 305 42.54 -28.66 -22.64
C ALA A 305 42.22 -29.81 -21.69
N ASN A 306 41.08 -29.72 -21.00
CA ASN A 306 40.70 -30.78 -20.08
C ASN A 306 39.25 -30.71 -19.64
N VAL A 307 38.84 -29.54 -19.19
CA VAL A 307 37.47 -29.33 -18.75
C VAL A 307 36.64 -29.17 -20.01
N PRO A 308 35.81 -30.16 -20.33
CA PRO A 308 34.98 -30.04 -21.54
C PRO A 308 34.02 -28.83 -21.50
N GLU A 309 34.57 -27.63 -21.73
CA GLU A 309 33.78 -26.41 -21.69
C GLU A 309 32.35 -26.59 -22.16
N GLY A 310 32.18 -27.22 -23.31
CA GLY A 310 30.84 -27.45 -23.81
C GLY A 310 30.41 -28.88 -23.55
N LEU A 311 29.63 -29.09 -22.50
CA LEU A 311 29.19 -30.44 -22.17
C LEU A 311 28.08 -30.48 -21.13
N LEU A 312 28.31 -29.86 -19.99
CA LEU A 312 27.30 -29.82 -18.93
C LEU A 312 26.20 -28.97 -19.51
N ALA A 313 26.64 -27.88 -20.14
CA ALA A 313 25.77 -26.94 -20.80
C ALA A 313 25.07 -27.67 -21.93
N THR A 314 25.57 -28.86 -22.24
CA THR A 314 25.02 -29.72 -23.28
C THR A 314 23.97 -30.63 -22.70
N VAL A 315 24.32 -31.31 -21.62
CA VAL A 315 23.37 -32.22 -20.98
C VAL A 315 22.16 -31.40 -20.61
N THR A 316 22.40 -30.19 -20.08
CA THR A 316 21.31 -29.30 -19.73
C THR A 316 20.34 -29.30 -20.91
N VAL A 317 20.87 -29.02 -22.10
CA VAL A 317 20.04 -29.01 -23.29
C VAL A 317 19.43 -30.39 -23.54
N CYS A 318 20.25 -31.44 -23.44
CA CYS A 318 19.73 -32.78 -23.65
C CYS A 318 18.53 -33.03 -22.74
N LEU A 319 18.52 -32.40 -21.58
CA LEU A 319 17.38 -32.54 -20.68
C LEU A 319 16.28 -31.69 -21.28
N THR A 320 16.50 -30.38 -21.26
CA THR A 320 15.57 -29.40 -21.80
C THR A 320 14.76 -29.94 -22.97
N LEU A 321 15.37 -30.78 -23.79
CA LEU A 321 14.66 -31.35 -24.93
C LEU A 321 13.68 -32.44 -24.53
N THR A 322 14.19 -33.51 -23.94
CA THR A 322 13.33 -34.62 -23.55
C THR A 322 12.24 -34.16 -22.59
N ALA A 323 12.26 -32.88 -22.26
CA ALA A 323 11.24 -32.29 -21.41
C ALA A 323 10.26 -31.70 -22.40
N LYS A 324 10.74 -30.69 -23.14
CA LYS A 324 9.95 -30.02 -24.16
C LYS A 324 9.51 -31.01 -25.22
N ARG A 325 9.63 -32.30 -24.92
CA ARG A 325 9.23 -33.36 -25.83
C ARG A 325 8.05 -34.10 -25.20
N MET A 326 8.09 -34.25 -23.89
CA MET A 326 7.03 -34.95 -23.19
C MET A 326 5.86 -34.02 -22.99
N ALA A 327 6.15 -32.74 -22.77
CA ALA A 327 5.13 -31.72 -22.55
C ALA A 327 4.17 -31.58 -23.74
N ARG A 328 4.64 -31.96 -24.93
CA ARG A 328 3.78 -31.89 -26.11
C ARG A 328 2.76 -33.01 -25.94
N LYS A 329 3.10 -33.95 -25.06
CA LYS A 329 2.24 -35.10 -24.76
C LYS A 329 1.73 -34.91 -23.31
N ASN A 330 1.78 -33.65 -22.86
CA ASN A 330 1.34 -33.23 -21.52
C ASN A 330 2.31 -33.56 -20.39
N CYS A 331 1.84 -34.29 -19.38
CA CYS A 331 2.67 -34.66 -18.23
C CYS A 331 3.80 -33.65 -17.97
N LEU A 332 3.44 -32.36 -17.95
CA LEU A 332 4.41 -31.29 -17.72
C LEU A 332 5.46 -31.61 -16.67
N VAL A 333 6.60 -30.95 -16.82
CA VAL A 333 7.71 -31.12 -15.89
C VAL A 333 8.11 -29.79 -15.27
N LYS A 334 8.33 -29.81 -13.96
CA LYS A 334 8.70 -28.61 -13.24
C LYS A 334 10.18 -28.63 -12.91
N ASN A 335 10.76 -29.84 -12.91
CA ASN A 335 12.18 -30.04 -12.60
C ASN A 335 12.81 -30.95 -13.67
N LEU A 336 13.76 -30.41 -14.42
CA LEU A 336 14.37 -31.18 -15.50
C LEU A 336 14.84 -32.58 -15.12
N GLU A 337 16.00 -32.65 -14.48
CA GLU A 337 16.59 -33.93 -14.08
C GLU A 337 15.58 -35.04 -13.82
N ALA A 338 14.42 -34.67 -13.30
CA ALA A 338 13.40 -35.67 -13.02
C ALA A 338 13.22 -36.55 -14.26
N VAL A 339 13.16 -35.91 -15.42
CA VAL A 339 12.97 -36.61 -16.67
C VAL A 339 13.76 -37.91 -16.75
N GLU A 340 15.04 -37.85 -16.39
CA GLU A 340 15.89 -39.04 -16.47
C GLU A 340 15.99 -39.85 -15.19
N THR A 341 15.07 -39.57 -14.27
CA THR A 341 15.02 -40.29 -13.00
C THR A 341 13.86 -41.25 -13.15
N LEU A 342 12.84 -40.79 -13.86
CA LEU A 342 11.66 -41.59 -14.07
C LEU A 342 12.09 -42.85 -14.81
N GLY A 343 13.23 -42.76 -15.49
CA GLY A 343 13.74 -43.89 -16.24
C GLY A 343 14.61 -44.77 -15.38
N SER A 344 15.35 -44.15 -14.47
CA SER A 344 16.23 -44.87 -13.57
C SER A 344 15.36 -45.53 -12.49
N THR A 345 14.08 -45.16 -12.51
CA THR A 345 13.06 -45.64 -11.56
C THR A 345 12.97 -47.14 -11.36
N SER A 346 12.90 -47.56 -10.10
CA SER A 346 12.80 -48.99 -9.79
C SER A 346 11.48 -49.37 -9.14
N THR A 347 10.88 -48.43 -8.40
CA THR A 347 9.61 -48.69 -7.74
C THR A 347 8.65 -47.51 -7.78
N ILE A 348 7.36 -47.84 -7.93
CA ILE A 348 6.30 -46.84 -7.99
C ILE A 348 5.34 -47.03 -6.82
N CYS A 349 4.95 -45.91 -6.22
CA CYS A 349 4.01 -45.89 -5.12
C CYS A 349 2.81 -45.05 -5.56
N SER A 350 1.62 -45.63 -5.46
CA SER A 350 0.41 -44.96 -5.90
C SER A 350 -0.75 -44.83 -4.92
N ASP A 351 -1.41 -43.69 -5.01
CA ASP A 351 -2.59 -43.37 -4.24
C ASP A 351 -3.67 -44.03 -5.08
N LYS A 352 -4.37 -44.99 -4.50
CA LYS A 352 -5.42 -45.70 -5.22
C LYS A 352 -6.44 -44.69 -5.71
N THR A 353 -7.23 -44.19 -4.77
CA THR A 353 -8.29 -43.23 -5.05
C THR A 353 -7.81 -41.91 -5.62
N GLY A 354 -8.32 -41.58 -6.80
CA GLY A 354 -7.97 -40.33 -7.44
C GLY A 354 -6.87 -40.47 -8.46
N THR A 355 -5.98 -41.44 -8.23
CA THR A 355 -4.86 -41.69 -9.13
C THR A 355 -5.20 -42.88 -9.99
N LEU A 356 -5.11 -44.07 -9.43
CA LEU A 356 -5.44 -45.25 -10.20
C LEU A 356 -6.91 -45.13 -10.57
N THR A 357 -7.79 -45.16 -9.57
CA THR A 357 -9.22 -45.03 -9.83
C THR A 357 -9.56 -43.57 -10.08
N GLN A 358 -10.63 -43.34 -10.81
CA GLN A 358 -11.07 -41.99 -11.16
C GLN A 358 -11.77 -41.21 -10.04
N ASN A 359 -12.07 -41.88 -8.93
CA ASN A 359 -12.73 -41.23 -7.80
C ASN A 359 -14.08 -40.64 -8.22
N ARG A 360 -15.05 -41.51 -8.43
CA ARG A 360 -16.40 -41.14 -8.85
C ARG A 360 -17.16 -42.46 -8.81
N MET A 361 -18.15 -42.54 -7.91
CA MET A 361 -18.94 -43.76 -7.78
C MET A 361 -19.61 -44.07 -9.10
N THR A 362 -19.34 -45.24 -9.67
CA THR A 362 -19.95 -45.60 -10.93
C THR A 362 -20.55 -46.98 -10.88
N VAL A 363 -21.70 -47.14 -11.53
CA VAL A 363 -22.38 -48.43 -11.55
C VAL A 363 -21.53 -49.46 -12.25
N ALA A 364 -21.11 -50.47 -11.50
CA ALA A 364 -20.23 -51.52 -12.03
C ALA A 364 -21.00 -52.63 -12.68
N HIS A 365 -22.01 -53.08 -11.98
CA HIS A 365 -22.78 -54.19 -12.48
C HIS A 365 -24.26 -54.04 -12.20
N MET A 366 -25.02 -55.05 -12.60
CA MET A 366 -26.45 -55.07 -12.40
C MET A 366 -26.95 -56.50 -12.45
N TRP A 367 -27.99 -56.81 -11.69
CA TRP A 367 -28.53 -58.16 -11.68
C TRP A 367 -29.96 -58.23 -12.22
N SER A 368 -30.17 -57.75 -13.44
CA SER A 368 -31.49 -57.81 -14.03
C SER A 368 -31.68 -59.11 -14.80
N ASP A 369 -32.71 -59.86 -14.45
CA ASP A 369 -33.06 -61.13 -15.12
C ASP A 369 -32.32 -62.38 -14.65
N ASN A 370 -32.02 -62.49 -13.36
CA ASN A 370 -31.33 -63.67 -12.89
C ASN A 370 -29.94 -63.79 -13.54
N GLN A 371 -29.52 -62.74 -14.25
CA GLN A 371 -28.21 -62.75 -14.91
C GLN A 371 -27.42 -61.49 -14.56
N ILE A 372 -26.09 -61.62 -14.49
CA ILE A 372 -25.19 -60.50 -14.17
C ILE A 372 -24.95 -59.60 -15.38
N HIS A 373 -24.59 -58.35 -15.13
CA HIS A 373 -24.30 -57.41 -16.21
C HIS A 373 -23.15 -56.49 -15.81
N GLU A 374 -22.39 -56.03 -16.81
CA GLU A 374 -21.26 -55.13 -16.55
C GLU A 374 -21.43 -53.89 -17.43
N ALA A 375 -20.90 -52.75 -16.99
CA ALA A 375 -21.05 -51.53 -17.77
C ALA A 375 -19.74 -50.80 -18.06
N ASP A 376 -19.84 -49.73 -18.85
CA ASP A 376 -18.70 -48.90 -19.22
C ASP A 376 -18.15 -48.22 -17.97
N THR A 377 -17.46 -49.00 -17.14
CA THR A 377 -16.89 -48.52 -15.89
C THR A 377 -15.81 -47.46 -16.16
N THR A 378 -15.63 -47.13 -17.43
CA THR A 378 -14.62 -46.18 -17.86
C THR A 378 -15.06 -44.72 -17.90
N GLU A 379 -14.29 -43.90 -18.61
CA GLU A 379 -14.57 -42.48 -18.76
C GLU A 379 -15.13 -42.31 -20.16
N ASN A 380 -16.22 -43.04 -20.41
CA ASN A 380 -16.90 -43.06 -21.71
C ASN A 380 -15.94 -43.66 -22.72
N GLN A 381 -16.04 -44.98 -22.90
CA GLN A 381 -15.16 -45.68 -23.83
C GLN A 381 -15.87 -46.86 -24.46
N SER A 382 -15.15 -47.98 -24.52
CA SER A 382 -15.65 -49.22 -25.10
C SER A 382 -16.54 -50.01 -24.12
N GLY A 383 -16.66 -51.31 -24.38
CA GLY A 383 -17.49 -52.17 -23.54
C GLY A 383 -18.94 -52.08 -23.94
N VAL A 384 -19.40 -50.84 -24.11
CA VAL A 384 -20.78 -50.50 -24.50
C VAL A 384 -21.91 -51.33 -23.91
N SER A 385 -22.76 -50.64 -23.15
CA SER A 385 -23.93 -51.20 -22.49
C SER A 385 -23.82 -52.62 -21.91
N PHE A 386 -24.96 -53.10 -21.43
CA PHE A 386 -25.12 -54.42 -20.79
C PHE A 386 -26.16 -55.19 -21.59
N ASP A 387 -27.07 -54.45 -22.18
CA ASP A 387 -28.16 -54.99 -22.98
C ASP A 387 -29.11 -53.87 -23.39
N LYS A 388 -30.03 -53.52 -22.49
CA LYS A 388 -31.02 -52.47 -22.73
C LYS A 388 -32.23 -52.97 -23.55
N THR A 389 -32.33 -54.28 -23.68
CA THR A 389 -33.42 -54.92 -24.44
C THR A 389 -34.55 -55.32 -23.50
N SER A 390 -34.34 -56.42 -22.79
CA SER A 390 -35.33 -56.96 -21.86
C SER A 390 -36.10 -55.90 -21.08
N ALA A 391 -37.42 -55.94 -21.20
CA ALA A 391 -38.28 -54.98 -20.53
C ALA A 391 -37.91 -54.86 -19.06
N THR A 392 -37.39 -55.93 -18.46
CA THR A 392 -37.04 -55.87 -17.06
C THR A 392 -36.19 -54.65 -16.78
N TRP A 393 -35.03 -54.56 -17.43
CA TRP A 393 -34.18 -53.40 -17.21
C TRP A 393 -35.03 -52.15 -17.35
N LEU A 394 -35.83 -52.08 -18.41
CA LEU A 394 -36.68 -50.93 -18.65
C LEU A 394 -37.23 -50.41 -17.31
N ALA A 395 -37.78 -51.33 -16.50
CA ALA A 395 -38.34 -51.00 -15.19
C ALA A 395 -37.27 -50.50 -14.24
N LEU A 396 -36.32 -51.39 -13.96
CA LEU A 396 -35.21 -51.08 -13.09
C LEU A 396 -34.73 -49.67 -13.39
N SER A 397 -34.67 -49.35 -14.68
CA SER A 397 -34.26 -48.04 -15.15
C SER A 397 -34.98 -46.93 -14.42
N ARG A 398 -36.28 -46.82 -14.66
CA ARG A 398 -37.07 -45.78 -14.02
C ARG A 398 -36.86 -45.79 -12.50
N ILE A 399 -36.98 -46.97 -11.88
CA ILE A 399 -36.79 -47.05 -10.44
C ILE A 399 -35.61 -46.18 -10.00
N ALA A 400 -34.42 -46.60 -10.40
CA ALA A 400 -33.19 -45.89 -10.08
C ALA A 400 -33.31 -44.42 -10.40
N GLY A 401 -34.10 -44.14 -11.43
CA GLY A 401 -34.30 -42.76 -11.84
C GLY A 401 -35.24 -41.99 -10.92
N LEU A 402 -36.45 -42.52 -10.73
CA LEU A 402 -37.43 -41.85 -9.89
C LEU A 402 -37.05 -41.82 -8.41
N CYS A 403 -36.74 -43.00 -7.87
CA CYS A 403 -36.35 -43.11 -6.48
C CYS A 403 -34.97 -42.48 -6.37
N ASN A 404 -34.90 -41.15 -6.54
CA ASN A 404 -33.62 -40.46 -6.55
C ASN A 404 -33.81 -38.95 -6.31
N ARG A 405 -32.85 -38.29 -5.64
CA ARG A 405 -32.91 -36.85 -5.36
C ARG A 405 -31.85 -36.08 -6.12
N ALA A 406 -31.24 -36.73 -7.11
CA ALA A 406 -30.15 -36.14 -7.89
C ALA A 406 -30.53 -35.23 -9.07
N VAL A 407 -29.58 -34.40 -9.46
CA VAL A 407 -29.74 -33.46 -10.57
C VAL A 407 -28.37 -32.95 -11.04
N PHE A 408 -28.38 -31.85 -11.78
CA PHE A 408 -27.15 -31.25 -12.29
C PHE A 408 -27.23 -29.74 -12.02
N GLN A 409 -26.11 -29.02 -12.08
CA GLN A 409 -26.10 -27.57 -11.82
C GLN A 409 -26.33 -26.65 -13.02
N ALA A 410 -25.26 -26.06 -13.53
CA ALA A 410 -25.38 -25.17 -14.68
C ALA A 410 -26.03 -25.91 -15.83
N ASN A 411 -26.06 -25.28 -16.99
CA ASN A 411 -26.67 -25.87 -18.17
C ASN A 411 -25.89 -27.09 -18.70
N GLN A 412 -24.62 -27.19 -18.32
CA GLN A 412 -23.75 -28.29 -18.75
C GLN A 412 -24.09 -28.70 -20.18
N GLU A 413 -23.54 -28.00 -21.15
CA GLU A 413 -23.79 -28.30 -22.55
C GLU A 413 -22.82 -29.38 -22.97
N ASN A 414 -21.64 -29.35 -22.36
CA ASN A 414 -20.60 -30.34 -22.66
C ASN A 414 -21.22 -31.73 -22.50
N LEU A 415 -21.03 -32.57 -23.51
CA LEU A 415 -21.57 -33.92 -23.49
C LEU A 415 -21.03 -34.85 -22.38
N PRO A 416 -19.99 -34.43 -21.63
CA PRO A 416 -19.48 -35.29 -20.58
C PRO A 416 -20.53 -35.64 -19.53
N ILE A 417 -21.50 -36.45 -19.93
CA ILE A 417 -22.55 -36.86 -19.03
C ILE A 417 -21.90 -37.32 -17.72
N LEU A 418 -20.82 -38.06 -17.86
CA LEU A 418 -20.09 -38.59 -16.70
C LEU A 418 -19.22 -37.58 -15.97
N LYS A 419 -18.82 -36.51 -16.65
CA LYS A 419 -17.98 -35.51 -16.01
C LYS A 419 -18.82 -34.31 -15.57
N ARG A 420 -20.15 -34.44 -15.67
CA ARG A 420 -21.05 -33.36 -15.29
C ARG A 420 -21.17 -33.20 -13.78
N ALA A 421 -21.79 -32.09 -13.36
CA ALA A 421 -21.94 -31.79 -11.93
C ALA A 421 -23.13 -32.44 -11.21
N VAL A 422 -22.82 -33.18 -10.15
CA VAL A 422 -23.82 -33.86 -9.33
C VAL A 422 -24.40 -32.92 -8.28
N ALA A 423 -25.28 -33.45 -7.46
CA ALA A 423 -25.92 -32.67 -6.40
C ALA A 423 -26.04 -33.52 -5.14
N GLY A 424 -26.84 -34.58 -5.23
CA GLY A 424 -27.04 -35.45 -4.09
C GLY A 424 -25.80 -36.04 -3.47
N ASP A 425 -25.46 -37.25 -3.90
CA ASP A 425 -24.30 -37.96 -3.36
C ASP A 425 -23.88 -39.12 -4.27
N ALA A 426 -22.65 -39.57 -4.08
CA ALA A 426 -22.08 -40.67 -4.86
C ALA A 426 -23.14 -41.70 -5.18
N SER A 427 -23.43 -42.53 -4.19
CA SER A 427 -24.41 -43.59 -4.34
C SER A 427 -25.54 -43.25 -5.31
N GLU A 428 -26.20 -42.11 -5.09
CA GLU A 428 -27.30 -41.70 -5.96
C GLU A 428 -26.92 -41.14 -7.32
N SER A 429 -26.12 -40.08 -7.35
CA SER A 429 -25.70 -39.46 -8.60
C SER A 429 -25.10 -40.54 -9.48
N ALA A 430 -24.44 -41.49 -8.84
CA ALA A 430 -23.84 -42.60 -9.54
C ALA A 430 -24.93 -43.20 -10.42
N LEU A 431 -26.10 -43.37 -9.83
CA LEU A 431 -27.23 -43.92 -10.53
C LEU A 431 -27.78 -42.99 -11.58
N LEU A 432 -28.06 -41.75 -11.18
CA LEU A 432 -28.58 -40.75 -12.11
C LEU A 432 -27.78 -40.82 -13.39
N LYS A 433 -26.47 -40.59 -13.25
CA LYS A 433 -25.56 -40.61 -14.38
C LYS A 433 -25.76 -41.90 -15.17
N CYS A 434 -25.65 -43.05 -14.52
CA CYS A 434 -25.84 -44.32 -15.20
C CYS A 434 -27.07 -44.27 -16.07
N ILE A 435 -28.06 -43.50 -15.65
CA ILE A 435 -29.27 -43.37 -16.44
C ILE A 435 -29.21 -42.05 -17.19
N GLU A 436 -28.31 -42.01 -18.16
CA GLU A 436 -28.07 -40.87 -19.02
C GLU A 436 -27.16 -41.38 -20.11
N LEU A 437 -26.49 -42.48 -19.83
CA LEU A 437 -25.62 -43.11 -20.81
C LEU A 437 -26.65 -43.55 -21.83
N CYS A 438 -27.77 -44.01 -21.29
CA CYS A 438 -28.90 -44.49 -22.08
C CYS A 438 -30.19 -44.01 -21.41
N CYS A 439 -31.33 -44.51 -21.89
CA CYS A 439 -32.64 -44.14 -21.37
C CYS A 439 -32.83 -42.63 -21.22
N GLY A 440 -32.53 -41.90 -22.29
CA GLY A 440 -32.69 -40.44 -22.29
C GLY A 440 -32.34 -39.71 -21.00
N SER A 441 -32.99 -38.58 -20.79
CA SER A 441 -32.76 -37.77 -19.60
C SER A 441 -33.73 -38.04 -18.45
N VAL A 442 -33.15 -38.22 -17.27
CA VAL A 442 -33.94 -38.48 -16.07
C VAL A 442 -34.82 -37.30 -15.75
N LYS A 443 -34.30 -36.08 -15.91
CA LYS A 443 -35.10 -34.91 -15.59
C LYS A 443 -36.47 -34.98 -16.22
N GLU A 444 -36.51 -35.48 -17.45
CA GLU A 444 -37.78 -35.59 -18.17
C GLU A 444 -38.55 -36.79 -17.63
N MET A 445 -37.82 -37.86 -17.31
CA MET A 445 -38.43 -39.08 -16.77
C MET A 445 -38.97 -38.81 -15.37
N ARG A 446 -38.37 -37.82 -14.69
CA ARG A 446 -38.78 -37.42 -13.35
C ARG A 446 -40.11 -36.69 -13.44
N GLU A 447 -40.32 -36.01 -14.56
CA GLU A 447 -41.56 -35.28 -14.77
C GLU A 447 -42.57 -36.16 -15.48
N ARG A 448 -42.09 -37.23 -16.13
CA ARG A 448 -42.97 -38.15 -16.82
C ARG A 448 -43.88 -38.73 -15.74
N TYR A 449 -43.26 -39.37 -14.75
CA TYR A 449 -43.97 -39.96 -13.62
C TYR A 449 -43.90 -38.96 -12.47
N THR A 450 -44.96 -38.18 -12.28
CA THR A 450 -44.95 -37.20 -11.19
C THR A 450 -45.01 -37.83 -9.82
N LYS A 451 -44.19 -37.29 -8.93
CA LYS A 451 -44.09 -37.74 -7.55
C LYS A 451 -45.17 -37.09 -6.69
N ILE A 452 -45.89 -37.90 -5.91
CA ILE A 452 -46.93 -37.34 -5.05
C ILE A 452 -46.55 -37.46 -3.59
N VAL A 453 -45.79 -38.49 -3.27
CA VAL A 453 -45.32 -38.72 -1.90
C VAL A 453 -44.01 -39.48 -1.93
N GLU A 454 -43.13 -39.17 -0.98
CA GLU A 454 -41.84 -39.86 -0.90
C GLU A 454 -41.37 -40.04 0.54
N ILE A 455 -40.86 -41.23 0.84
CA ILE A 455 -40.36 -41.53 2.15
C ILE A 455 -38.85 -41.37 2.14
N PRO A 456 -38.34 -40.31 2.80
CA PRO A 456 -36.92 -39.95 2.91
C PRO A 456 -35.96 -41.14 2.88
N PHE A 457 -34.83 -40.95 2.20
CA PHE A 457 -33.79 -41.97 2.06
C PHE A 457 -33.58 -42.66 3.41
N ASN A 458 -33.00 -43.86 3.35
CA ASN A 458 -32.75 -44.64 4.56
C ASN A 458 -32.80 -43.80 5.82
N SER A 459 -33.76 -44.13 6.68
CA SER A 459 -33.92 -43.43 7.93
C SER A 459 -33.73 -44.46 9.01
N THR A 460 -32.52 -45.04 9.02
CA THR A 460 -32.14 -46.07 9.99
C THR A 460 -32.87 -47.37 9.66
N ASN A 461 -34.12 -47.25 9.21
CA ASN A 461 -34.94 -48.41 8.88
C ASN A 461 -34.70 -48.98 7.48
N LYS A 462 -33.60 -48.58 6.85
CA LYS A 462 -33.25 -49.06 5.52
C LYS A 462 -34.38 -48.80 4.51
N TYR A 463 -34.01 -48.75 3.24
CA TYR A 463 -34.91 -48.49 2.11
C TYR A 463 -35.34 -47.03 1.91
N GLN A 464 -35.92 -46.76 0.75
CA GLN A 464 -36.38 -45.43 0.40
C GLN A 464 -37.43 -45.63 -0.67
N LEU A 465 -38.57 -44.99 -0.54
CA LEU A 465 -39.62 -45.15 -1.52
C LEU A 465 -40.39 -43.89 -1.82
N SER A 466 -41.15 -43.95 -2.89
CA SER A 466 -41.97 -42.83 -3.30
C SER A 466 -42.99 -43.34 -4.29
N ILE A 467 -44.17 -42.74 -4.25
CA ILE A 467 -45.22 -43.15 -5.15
C ILE A 467 -45.46 -42.02 -6.14
N HIS A 468 -45.43 -42.39 -7.42
CA HIS A 468 -45.64 -41.47 -8.52
C HIS A 468 -46.84 -41.98 -9.30
N LYS A 469 -47.40 -41.13 -10.15
CA LYS A 469 -48.54 -41.57 -10.94
C LYS A 469 -48.12 -41.97 -12.34
N ASN A 470 -48.54 -43.18 -12.73
CA ASN A 470 -48.22 -43.73 -14.03
C ASN A 470 -49.11 -43.14 -15.11
N PRO A 471 -48.50 -42.67 -16.22
CA PRO A 471 -49.27 -42.07 -17.33
C PRO A 471 -49.83 -43.08 -18.33
N ASN A 472 -49.31 -44.30 -18.30
CA ASN A 472 -49.75 -45.37 -19.20
C ASN A 472 -51.19 -45.81 -18.95
N THR A 473 -52.09 -44.83 -18.93
CA THR A 473 -53.51 -45.04 -18.68
C THR A 473 -54.06 -46.38 -19.21
N ALA A 474 -53.73 -47.45 -18.49
CA ALA A 474 -54.15 -48.80 -18.82
C ALA A 474 -53.97 -49.62 -17.57
N GLU A 475 -52.72 -49.87 -17.20
CA GLU A 475 -52.40 -50.61 -15.98
C GLU A 475 -52.44 -49.60 -14.84
N PRO A 476 -52.32 -50.07 -13.58
CA PRO A 476 -52.35 -49.20 -12.39
C PRO A 476 -52.13 -47.70 -12.61
N ARG A 477 -52.79 -46.91 -11.77
CA ARG A 477 -52.72 -45.46 -11.89
C ARG A 477 -51.71 -44.93 -10.86
N HIS A 478 -51.22 -45.82 -10.02
CA HIS A 478 -50.27 -45.45 -8.98
C HIS A 478 -49.07 -46.38 -8.88
N LEU A 479 -47.89 -45.86 -9.15
CA LEU A 479 -46.69 -46.68 -9.05
C LEU A 479 -45.78 -46.18 -7.95
N LEU A 480 -45.53 -47.06 -6.98
CA LEU A 480 -44.65 -46.74 -5.89
C LEU A 480 -43.37 -47.52 -6.16
N VAL A 481 -42.26 -46.96 -5.73
CA VAL A 481 -40.96 -47.60 -5.95
C VAL A 481 -40.06 -47.39 -4.76
N MET A 482 -39.22 -48.39 -4.47
CA MET A 482 -38.30 -48.29 -3.35
C MET A 482 -37.01 -49.04 -3.56
N LYS A 483 -35.96 -48.60 -2.88
CA LYS A 483 -34.64 -49.21 -2.95
C LYS A 483 -33.97 -49.03 -1.61
N GLY A 484 -33.11 -49.96 -1.26
CA GLY A 484 -32.41 -49.87 0.01
C GLY A 484 -31.44 -51.01 0.08
N ALA A 485 -31.03 -51.36 1.30
CA ALA A 485 -30.09 -52.47 1.43
C ALA A 485 -30.58 -53.66 0.63
N PRO A 486 -29.68 -54.30 -0.13
CA PRO A 486 -30.06 -55.46 -0.95
C PRO A 486 -30.81 -56.55 -0.15
N GLU A 487 -30.28 -56.91 1.02
CA GLU A 487 -30.91 -57.93 1.85
C GLU A 487 -32.36 -57.52 2.10
N ARG A 488 -32.53 -56.47 2.92
CA ARG A 488 -33.85 -55.95 3.27
C ARG A 488 -34.83 -56.01 2.09
N ILE A 489 -34.64 -55.11 1.14
CA ILE A 489 -35.49 -55.04 -0.05
C ILE A 489 -36.00 -56.41 -0.45
N LEU A 490 -35.09 -57.27 -0.88
CA LEU A 490 -35.47 -58.62 -1.30
C LEU A 490 -36.45 -59.24 -0.33
N ASP A 491 -36.02 -59.42 0.92
CA ASP A 491 -36.88 -60.01 1.95
C ASP A 491 -38.04 -59.13 2.37
N ARG A 492 -38.83 -58.70 1.40
CA ARG A 492 -40.01 -57.89 1.63
C ARG A 492 -40.74 -57.70 0.30
N CYS A 493 -40.54 -58.68 -0.58
CA CYS A 493 -41.18 -58.69 -1.89
C CYS A 493 -41.94 -60.01 -1.93
N SER A 494 -42.33 -60.44 -3.12
CA SER A 494 -43.04 -61.69 -3.25
C SER A 494 -43.04 -62.13 -4.71
N SER A 495 -42.62 -61.23 -5.59
CA SER A 495 -42.56 -61.52 -7.02
C SER A 495 -41.50 -60.65 -7.67
N ILE A 496 -40.76 -61.20 -8.62
CA ILE A 496 -39.69 -60.46 -9.31
C ILE A 496 -39.80 -60.61 -10.82
N LEU A 497 -39.42 -59.57 -11.54
CA LEU A 497 -39.47 -59.57 -13.00
C LEU A 497 -38.64 -60.65 -13.71
N ILE A 498 -38.85 -60.73 -15.03
CA ILE A 498 -38.17 -61.67 -15.94
C ILE A 498 -38.58 -61.34 -17.39
N HIS A 499 -37.80 -60.49 -18.04
CA HIS A 499 -38.06 -60.06 -19.43
C HIS A 499 -39.34 -59.22 -19.51
N GLY A 500 -40.20 -59.37 -18.51
CA GLY A 500 -41.44 -58.61 -18.47
C GLY A 500 -42.52 -59.26 -17.61
N LYS A 501 -42.49 -60.59 -17.54
CA LYS A 501 -43.45 -61.37 -16.77
C LYS A 501 -43.29 -61.07 -15.29
N GLU A 502 -43.90 -61.88 -14.43
CA GLU A 502 -43.79 -61.65 -13.00
C GLU A 502 -43.84 -62.93 -12.18
N GLN A 503 -43.02 -63.92 -12.53
CA GLN A 503 -43.03 -65.16 -11.77
C GLN A 503 -42.76 -64.83 -10.30
N PRO A 504 -43.44 -65.52 -9.37
CA PRO A 504 -43.31 -65.30 -7.93
C PRO A 504 -41.95 -65.60 -7.32
N LEU A 505 -41.68 -64.96 -6.18
CA LEU A 505 -40.44 -65.17 -5.45
C LEU A 505 -40.52 -66.58 -4.88
N ASP A 506 -39.39 -67.18 -4.56
CA ASP A 506 -39.38 -68.53 -4.02
C ASP A 506 -37.99 -68.95 -3.54
N GLU A 507 -37.69 -70.23 -3.70
CA GLU A 507 -36.40 -70.78 -3.30
C GLU A 507 -35.45 -70.77 -4.49
N GLU A 508 -35.97 -71.11 -5.66
CA GLU A 508 -35.19 -71.17 -6.89
C GLU A 508 -34.33 -69.93 -7.16
N LEU A 509 -34.94 -68.75 -7.20
CA LEU A 509 -34.20 -67.52 -7.48
C LEU A 509 -33.55 -66.88 -6.26
N LYS A 510 -34.14 -67.11 -5.09
CA LYS A 510 -33.59 -66.54 -3.87
C LYS A 510 -32.12 -66.98 -3.77
N ASP A 511 -31.77 -67.99 -4.57
CA ASP A 511 -30.42 -68.54 -4.61
C ASP A 511 -29.54 -67.71 -5.54
N ALA A 512 -29.84 -67.76 -6.83
CA ALA A 512 -29.09 -67.00 -7.83
C ALA A 512 -28.95 -65.56 -7.36
N PHE A 513 -29.89 -65.13 -6.51
CA PHE A 513 -29.89 -63.80 -5.93
C PHE A 513 -28.71 -63.67 -4.98
N GLN A 514 -28.72 -64.47 -3.91
CA GLN A 514 -27.63 -64.47 -2.94
C GLN A 514 -26.30 -64.53 -3.70
N ASN A 515 -26.24 -65.42 -4.68
CA ASN A 515 -25.06 -65.56 -5.52
C ASN A 515 -24.68 -64.17 -5.96
N ALA A 516 -25.45 -63.65 -6.90
CA ALA A 516 -25.24 -62.31 -7.44
C ALA A 516 -24.73 -61.35 -6.39
N TYR A 517 -25.39 -61.35 -5.23
CA TYR A 517 -25.01 -60.49 -4.13
C TYR A 517 -23.59 -60.74 -3.69
N LEU A 518 -23.40 -61.80 -2.92
CA LEU A 518 -22.06 -62.16 -2.45
C LEU A 518 -21.07 -62.15 -3.61
N GLU A 519 -21.52 -62.63 -4.77
CA GLU A 519 -20.68 -62.69 -5.97
C GLU A 519 -20.30 -61.30 -6.45
N LEU A 520 -21.09 -60.30 -6.08
CA LEU A 520 -20.78 -58.94 -6.45
C LEU A 520 -20.04 -58.26 -5.31
N GLY A 521 -20.51 -58.51 -4.09
CA GLY A 521 -19.87 -57.93 -2.93
C GLY A 521 -18.39 -58.22 -2.99
N GLY A 522 -18.07 -59.44 -3.42
CA GLY A 522 -16.68 -59.86 -3.54
C GLY A 522 -15.83 -58.85 -4.29
N LEU A 523 -16.34 -58.32 -5.40
CA LEU A 523 -15.58 -57.34 -6.16
C LEU A 523 -15.47 -56.05 -5.37
N GLY A 524 -16.09 -56.04 -4.19
CA GLY A 524 -16.04 -54.88 -3.32
C GLY A 524 -16.84 -53.66 -3.70
N GLU A 525 -17.87 -53.82 -4.52
CA GLU A 525 -18.69 -52.68 -4.88
C GLU A 525 -19.93 -52.70 -3.98
N ARG A 526 -20.52 -51.53 -3.73
CA ARG A 526 -21.71 -51.45 -2.87
C ARG A 526 -22.89 -51.85 -3.73
N VAL A 527 -23.82 -52.60 -3.13
CA VAL A 527 -25.00 -53.02 -3.87
C VAL A 527 -26.29 -52.57 -3.23
N LEU A 528 -27.23 -52.17 -4.07
CA LEU A 528 -28.53 -51.71 -3.63
C LEU A 528 -29.66 -52.57 -4.19
N GLY A 529 -30.74 -52.66 -3.44
CA GLY A 529 -31.87 -53.44 -3.91
C GLY A 529 -32.92 -52.52 -4.48
N PHE A 530 -33.41 -52.84 -5.67
CA PHE A 530 -34.43 -52.03 -6.31
C PHE A 530 -35.69 -52.86 -6.51
N CYS A 531 -36.84 -52.23 -6.34
CA CYS A 531 -38.12 -52.92 -6.49
C CYS A 531 -39.25 -51.89 -6.56
N HIS A 532 -40.35 -52.30 -7.19
CA HIS A 532 -41.49 -51.40 -7.33
C HIS A 532 -42.80 -52.15 -7.18
N LEU A 533 -43.88 -51.39 -7.11
CA LEU A 533 -45.19 -51.99 -7.01
C LEU A 533 -46.24 -51.08 -7.61
N PHE A 534 -47.20 -51.71 -8.25
CA PHE A 534 -48.31 -51.00 -8.87
C PHE A 534 -49.50 -51.22 -7.95
N LEU A 535 -49.85 -50.19 -7.19
CA LEU A 535 -50.97 -50.27 -6.26
C LEU A 535 -52.28 -50.44 -7.01
N PRO A 536 -52.98 -51.56 -6.79
CA PRO A 536 -54.26 -51.84 -7.45
C PRO A 536 -55.25 -50.66 -7.41
N ASP A 537 -56.04 -50.51 -8.47
CA ASP A 537 -57.02 -49.41 -8.58
C ASP A 537 -58.20 -49.48 -7.59
N GLU A 538 -58.94 -50.58 -7.66
CA GLU A 538 -60.08 -50.81 -6.80
C GLU A 538 -59.67 -50.66 -5.34
N GLN A 539 -58.39 -50.39 -5.13
CA GLN A 539 -57.79 -50.21 -3.81
C GLN A 539 -57.36 -48.76 -3.62
N PHE A 540 -56.99 -48.10 -4.72
CA PHE A 540 -56.55 -46.72 -4.67
C PHE A 540 -57.06 -45.94 -5.87
N PRO A 541 -58.18 -45.24 -5.70
CA PRO A 541 -58.69 -44.47 -6.83
C PRO A 541 -57.86 -43.21 -6.98
N GLU A 542 -57.83 -42.63 -8.17
CA GLU A 542 -57.06 -41.42 -8.42
C GLU A 542 -57.37 -40.42 -7.32
N GLY A 543 -56.36 -39.67 -6.89
CA GLY A 543 -56.58 -38.69 -5.84
C GLY A 543 -56.52 -39.30 -4.44
N PHE A 544 -56.39 -40.63 -4.39
CA PHE A 544 -56.30 -41.35 -3.11
C PHE A 544 -55.36 -40.58 -2.19
N GLN A 545 -55.63 -40.61 -0.89
CA GLN A 545 -54.76 -39.90 0.02
C GLN A 545 -53.72 -40.77 0.68
N PHE A 546 -52.46 -40.57 0.30
CA PHE A 546 -51.36 -41.33 0.88
C PHE A 546 -50.81 -40.55 2.05
N ASP A 547 -50.61 -41.23 3.19
CA ASP A 547 -50.07 -40.57 4.36
C ASP A 547 -48.56 -40.71 4.37
N THR A 548 -47.87 -39.58 4.23
CA THR A 548 -46.41 -39.50 4.16
C THR A 548 -45.68 -40.39 5.14
N ASP A 549 -45.18 -39.79 6.21
CA ASP A 549 -44.44 -40.50 7.23
C ASP A 549 -45.34 -41.41 8.06
N ASP A 550 -46.42 -41.92 7.46
CA ASP A 550 -47.32 -42.80 8.19
C ASP A 550 -47.82 -44.00 7.39
N VAL A 551 -47.78 -45.17 8.02
CA VAL A 551 -48.23 -46.41 7.38
C VAL A 551 -49.55 -46.09 6.69
N ASN A 552 -49.75 -46.67 5.52
CA ASN A 552 -50.98 -46.39 4.80
C ASN A 552 -51.18 -47.19 3.50
N PHE A 553 -50.07 -47.57 2.86
CA PHE A 553 -50.09 -48.35 1.63
C PHE A 553 -49.10 -49.51 1.75
N PRO A 554 -49.32 -50.58 0.97
CA PRO A 554 -48.46 -51.77 1.00
C PRO A 554 -46.96 -51.51 1.07
N LEU A 555 -46.24 -52.50 1.59
CA LEU A 555 -44.80 -52.43 1.73
C LEU A 555 -44.19 -53.79 1.45
N ASP A 556 -44.94 -54.83 1.77
CA ASP A 556 -44.49 -56.20 1.52
C ASP A 556 -45.14 -56.71 0.25
N ASN A 557 -44.81 -57.94 -0.13
CA ASN A 557 -45.38 -58.52 -1.34
C ASN A 557 -45.17 -57.60 -2.53
N LEU A 558 -44.09 -56.82 -2.50
CA LEU A 558 -43.80 -55.91 -3.60
C LEU A 558 -43.10 -56.70 -4.70
N CYS A 559 -42.71 -56.01 -5.76
CA CYS A 559 -42.04 -56.69 -6.86
C CYS A 559 -40.56 -56.33 -6.91
N PHE A 560 -39.70 -57.34 -6.73
CA PHE A 560 -38.26 -57.15 -6.79
C PHE A 560 -37.80 -57.09 -8.25
N VAL A 561 -37.30 -55.94 -8.65
CA VAL A 561 -36.87 -55.76 -10.02
C VAL A 561 -35.40 -56.01 -10.29
N GLY A 562 -34.53 -55.77 -9.31
CA GLY A 562 -33.11 -56.00 -9.54
C GLY A 562 -32.08 -55.47 -8.57
N LEU A 563 -30.82 -55.72 -8.91
CA LEU A 563 -29.67 -55.30 -8.13
C LEU A 563 -28.73 -54.41 -8.92
N ILE A 564 -28.16 -53.40 -8.26
CA ILE A 564 -27.21 -52.52 -8.91
C ILE A 564 -26.04 -52.22 -7.97
N SER A 565 -24.83 -52.43 -8.50
CA SER A 565 -23.61 -52.21 -7.75
C SER A 565 -22.82 -51.07 -8.38
N MET A 566 -22.26 -50.22 -7.53
CA MET A 566 -21.48 -49.10 -8.03
C MET A 566 -20.13 -49.14 -7.33
N ILE A 567 -19.13 -48.48 -7.91
CA ILE A 567 -17.79 -48.49 -7.33
C ILE A 567 -16.93 -47.36 -7.85
N ASP A 568 -15.71 -47.28 -7.34
CA ASP A 568 -14.74 -46.28 -7.78
C ASP A 568 -13.86 -47.08 -8.72
N PRO A 569 -14.18 -47.02 -10.02
CA PRO A 569 -13.46 -47.73 -11.08
C PRO A 569 -12.10 -47.19 -11.40
N PRO A 570 -11.26 -48.05 -11.98
CA PRO A 570 -9.89 -47.74 -12.40
C PRO A 570 -9.97 -46.81 -13.61
N ARG A 571 -8.99 -45.94 -13.79
CA ARG A 571 -9.03 -45.09 -14.96
C ARG A 571 -8.96 -45.97 -16.19
N ALA A 572 -9.27 -45.40 -17.36
CA ALA A 572 -9.23 -46.15 -18.60
C ALA A 572 -7.93 -46.91 -18.74
N ALA A 573 -6.85 -46.14 -18.77
CA ALA A 573 -5.48 -46.66 -18.91
C ALA A 573 -4.95 -47.52 -17.77
N VAL A 574 -5.01 -46.98 -16.54
CA VAL A 574 -4.51 -47.65 -15.35
C VAL A 574 -4.43 -49.17 -15.48
N PRO A 575 -5.51 -49.81 -15.94
CA PRO A 575 -5.50 -51.27 -16.09
C PRO A 575 -4.18 -51.90 -16.50
N ASP A 576 -3.80 -51.71 -17.77
CA ASP A 576 -2.57 -52.29 -18.31
C ASP A 576 -1.34 -51.41 -18.19
N ALA A 577 -1.52 -50.10 -18.12
CA ALA A 577 -0.37 -49.19 -17.98
C ALA A 577 0.43 -49.68 -16.77
N VAL A 578 -0.24 -50.35 -15.84
CA VAL A 578 0.44 -50.89 -14.67
C VAL A 578 1.24 -52.09 -15.16
N GLY A 579 0.58 -52.98 -15.89
CA GLY A 579 1.26 -54.16 -16.42
C GLY A 579 2.52 -53.79 -17.20
N LYS A 580 2.47 -52.67 -17.94
CA LYS A 580 3.60 -52.20 -18.73
C LYS A 580 4.79 -51.92 -17.83
N CYS A 581 4.53 -51.23 -16.71
CA CYS A 581 5.59 -50.91 -15.75
C CYS A 581 6.18 -52.18 -15.20
N ARG A 582 5.38 -53.25 -15.25
CA ARG A 582 5.83 -54.56 -14.79
C ARG A 582 6.61 -55.16 -15.95
N SER A 583 6.11 -54.96 -17.16
CA SER A 583 6.79 -55.47 -18.36
C SER A 583 8.22 -54.97 -18.23
N ALA A 584 8.36 -53.81 -17.60
CA ALA A 584 9.66 -53.18 -17.40
C ALA A 584 10.27 -53.48 -16.02
N GLY A 585 9.93 -54.63 -15.45
CA GLY A 585 10.48 -55.01 -14.17
C GLY A 585 10.36 -54.04 -13.00
N ILE A 586 9.59 -52.96 -13.18
CA ILE A 586 9.37 -51.97 -12.11
C ILE A 586 8.43 -52.56 -11.07
N LYS A 587 8.75 -52.37 -9.81
CA LYS A 587 7.86 -52.88 -8.77
C LYS A 587 6.92 -51.75 -8.42
N VAL A 588 5.71 -52.09 -8.01
CA VAL A 588 4.73 -51.10 -7.62
C VAL A 588 4.19 -51.46 -6.27
N ILE A 589 3.45 -50.54 -5.68
CA ILE A 589 2.87 -50.74 -4.37
C ILE A 589 1.70 -49.78 -4.26
N MET A 590 0.67 -50.19 -3.55
CA MET A 590 -0.48 -49.32 -3.37
C MET A 590 -0.39 -48.73 -1.98
N VAL A 591 -0.32 -47.40 -1.90
CA VAL A 591 -0.24 -46.74 -0.62
C VAL A 591 -1.54 -45.97 -0.51
N THR A 592 -2.50 -46.54 0.21
CA THR A 592 -3.80 -45.92 0.34
C THR A 592 -4.40 -45.87 1.74
N GLY A 593 -5.06 -44.74 2.02
CA GLY A 593 -5.71 -44.56 3.30
C GLY A 593 -7.10 -45.14 3.26
N ASP A 594 -7.57 -45.55 2.08
CA ASP A 594 -8.89 -46.15 1.97
C ASP A 594 -8.85 -47.47 2.74
N HIS A 595 -9.97 -48.18 2.80
CA HIS A 595 -10.02 -49.44 3.55
C HIS A 595 -9.57 -50.67 2.77
N PRO A 596 -9.11 -51.71 3.49
CA PRO A 596 -8.62 -52.98 2.95
C PRO A 596 -9.39 -53.55 1.78
N ILE A 597 -10.59 -54.05 2.07
CA ILE A 597 -11.46 -54.64 1.05
C ILE A 597 -11.31 -53.97 -0.29
N THR A 598 -11.66 -52.69 -0.33
CA THR A 598 -11.56 -51.89 -1.55
C THR A 598 -10.14 -51.95 -2.13
N ALA A 599 -9.17 -51.50 -1.35
CA ALA A 599 -7.78 -51.48 -1.79
C ALA A 599 -7.35 -52.78 -2.48
N LYS A 600 -7.69 -53.92 -1.88
CA LYS A 600 -7.33 -55.19 -2.47
C LYS A 600 -8.11 -55.46 -3.73
N ALA A 601 -9.43 -55.43 -3.64
CA ALA A 601 -10.25 -55.68 -4.82
C ALA A 601 -9.82 -54.80 -5.97
N ILE A 602 -9.39 -53.58 -5.66
CA ILE A 602 -8.94 -52.65 -6.69
C ILE A 602 -7.52 -53.02 -7.13
N ALA A 603 -6.74 -53.55 -6.20
CA ALA A 603 -5.38 -53.96 -6.52
C ALA A 603 -5.46 -55.05 -7.60
N LYS A 604 -6.28 -56.07 -7.35
CA LYS A 604 -6.46 -57.17 -8.29
C LYS A 604 -6.96 -56.64 -9.63
N GLY A 605 -7.82 -55.64 -9.55
CA GLY A 605 -8.38 -55.04 -10.75
C GLY A 605 -7.38 -54.45 -11.72
N VAL A 606 -6.32 -53.83 -11.21
CA VAL A 606 -5.29 -53.21 -12.05
C VAL A 606 -3.95 -53.95 -12.07
N GLY A 607 -4.01 -55.28 -12.07
CA GLY A 607 -2.81 -56.10 -12.11
C GLY A 607 -1.92 -56.05 -10.89
N ILE A 608 -1.98 -54.95 -10.15
CA ILE A 608 -1.17 -54.79 -8.95
C ILE A 608 -1.03 -56.09 -8.17
N ILE A 609 -2.00 -56.98 -8.31
CA ILE A 609 -1.99 -58.27 -7.63
C ILE A 609 -2.55 -59.34 -8.57
N SER A 610 -1.90 -60.49 -8.64
CA SER A 610 -2.38 -61.55 -9.51
C SER A 610 -3.00 -62.69 -8.73
N GLU A 611 -2.23 -63.76 -8.52
CA GLU A 611 -2.72 -64.91 -7.76
C GLU A 611 -1.80 -65.30 -6.61
N GLY A 612 -2.40 -65.44 -5.43
CA GLY A 612 -1.66 -65.83 -4.24
C GLY A 612 -1.84 -64.94 -3.02
N ASN A 613 -3.06 -64.52 -2.74
CA ASN A 613 -3.27 -63.67 -1.56
C ASN A 613 -2.91 -64.49 -0.34
N GLU A 614 -2.34 -63.82 0.65
CA GLU A 614 -1.94 -64.49 1.87
C GLU A 614 -3.16 -64.98 2.65
N THR A 615 -3.80 -64.05 3.35
CA THR A 615 -4.97 -64.35 4.18
C THR A 615 -6.07 -65.19 3.52
N VAL A 616 -5.96 -65.43 2.21
CA VAL A 616 -6.98 -66.24 1.53
C VAL A 616 -6.69 -67.72 1.62
N GLU A 617 -5.49 -68.13 1.21
CA GLU A 617 -5.15 -69.53 1.30
C GLU A 617 -5.42 -69.95 2.73
N ASP A 618 -5.33 -68.98 3.63
CA ASP A 618 -5.59 -69.24 5.03
C ASP A 618 -6.90 -70.00 5.16
N ILE A 619 -7.82 -69.72 4.24
CA ILE A 619 -9.12 -70.37 4.25
C ILE A 619 -9.21 -71.44 3.16
N ALA A 620 -8.62 -71.14 2.01
CA ALA A 620 -8.65 -72.08 0.88
C ALA A 620 -7.94 -73.39 1.18
N ALA A 621 -7.70 -73.68 2.45
CA ALA A 621 -7.01 -74.90 2.87
C ALA A 621 -7.00 -75.06 4.39
N ARG A 622 -5.79 -75.18 4.93
CA ARG A 622 -5.53 -75.36 6.36
C ARG A 622 -6.19 -74.30 7.24
N LEU A 623 -7.50 -74.18 7.08
CA LEU A 623 -8.34 -73.24 7.80
C LEU A 623 -7.69 -72.66 9.06
N ASN A 624 -6.77 -71.71 8.86
CA ASN A 624 -6.07 -71.04 9.96
C ASN A 624 -5.29 -69.85 9.47
N ILE A 625 -4.47 -69.26 10.34
CA ILE A 625 -3.65 -68.13 9.96
C ILE A 625 -2.20 -68.54 10.15
N PRO A 626 -1.81 -68.89 11.38
CA PRO A 626 -0.42 -69.29 11.56
C PRO A 626 -0.21 -70.63 10.87
N VAL A 627 -0.06 -71.69 11.66
CA VAL A 627 0.15 -73.05 11.15
C VAL A 627 0.95 -73.12 9.86
N SER A 628 0.57 -74.04 8.97
CA SER A 628 1.25 -74.23 7.69
C SER A 628 1.06 -73.06 6.74
N GLN A 629 0.66 -71.92 7.28
CA GLN A 629 0.44 -70.75 6.44
C GLN A 629 1.51 -69.68 6.54
N VAL A 630 1.35 -68.77 7.51
CA VAL A 630 2.28 -67.66 7.72
C VAL A 630 3.75 -67.93 7.34
N ASN A 631 4.44 -68.72 8.15
CA ASN A 631 5.84 -69.05 7.92
C ASN A 631 6.07 -69.35 6.44
N PRO A 632 5.40 -70.39 5.90
CA PRO A 632 5.56 -70.74 4.50
C PRO A 632 5.54 -69.55 3.54
N ARG A 633 4.87 -68.47 3.92
CA ARG A 633 4.81 -67.31 3.03
C ARG A 633 4.52 -67.86 1.65
N ASP A 634 3.75 -68.94 1.57
CA ASP A 634 3.43 -69.54 0.28
C ASP A 634 2.73 -68.48 -0.58
N ALA A 635 2.59 -67.28 0.01
CA ALA A 635 1.94 -66.14 -0.63
C ALA A 635 2.88 -65.08 -1.18
N LYS A 636 2.78 -64.83 -2.48
CA LYS A 636 3.63 -63.84 -3.15
C LYS A 636 3.21 -62.42 -2.80
N ALA A 637 1.95 -62.24 -2.41
CA ALA A 637 1.46 -60.90 -2.05
C ALA A 637 0.54 -60.86 -0.83
N CYS A 638 0.44 -59.68 -0.24
CA CYS A 638 -0.36 -59.48 0.95
C CYS A 638 -0.86 -58.04 1.09
N VAL A 639 -1.83 -57.87 1.99
CA VAL A 639 -2.41 -56.56 2.24
C VAL A 639 -2.12 -56.17 3.66
N VAL A 640 -1.37 -55.08 3.82
CA VAL A 640 -1.00 -54.59 5.14
C VAL A 640 -1.84 -53.39 5.57
N HIS A 641 -2.53 -53.55 6.69
CA HIS A 641 -3.36 -52.50 7.23
C HIS A 641 -2.46 -51.55 8.00
N GLY A 642 -2.72 -50.25 7.89
CA GLY A 642 -1.90 -49.28 8.59
C GLY A 642 -1.87 -49.50 10.09
N SER A 643 -2.98 -49.99 10.63
CA SER A 643 -3.10 -50.24 12.07
C SER A 643 -1.94 -51.07 12.58
N ASP A 644 -1.44 -51.94 11.71
CA ASP A 644 -0.32 -52.81 12.06
C ASP A 644 1.03 -52.20 11.68
N LEU A 645 1.09 -51.43 10.59
CA LEU A 645 2.33 -50.80 10.17
C LEU A 645 2.80 -49.85 11.28
N LYS A 646 1.87 -49.42 12.11
CA LYS A 646 2.15 -48.51 13.21
C LYS A 646 3.04 -49.16 14.25
N ASP A 647 2.87 -50.47 14.44
CA ASP A 647 3.65 -51.23 15.41
C ASP A 647 4.81 -52.04 14.79
N MET A 648 5.40 -51.53 13.72
CA MET A 648 6.49 -52.23 13.07
C MET A 648 7.82 -51.46 13.13
N THR A 649 8.92 -52.20 13.14
CA THR A 649 10.26 -51.61 13.20
C THR A 649 10.89 -51.56 11.82
N SER A 650 11.92 -50.73 11.67
CA SER A 650 12.62 -50.57 10.41
C SER A 650 12.70 -51.90 9.67
N GLU A 651 13.50 -52.81 10.18
CA GLU A 651 13.67 -54.11 9.56
C GLU A 651 12.36 -54.89 9.38
N GLN A 652 11.44 -54.78 10.33
CA GLN A 652 10.16 -55.48 10.22
C GLN A 652 9.51 -55.14 8.88
N LEU A 653 9.58 -53.86 8.52
CA LEU A 653 9.01 -53.39 7.27
C LEU A 653 9.81 -54.00 6.14
N ASP A 654 11.13 -53.87 6.23
CA ASP A 654 12.04 -54.40 5.22
C ASP A 654 11.57 -55.79 4.84
N ASP A 655 11.48 -56.67 5.83
CA ASP A 655 11.02 -58.03 5.59
C ASP A 655 9.78 -57.98 4.72
N ILE A 656 8.67 -57.57 5.33
CA ILE A 656 7.41 -57.49 4.62
C ILE A 656 7.57 -56.84 3.26
N LEU A 657 8.18 -55.65 3.23
CA LEU A 657 8.38 -54.91 2.00
C LEU A 657 9.10 -55.69 0.89
N LYS A 658 10.24 -56.29 1.21
CA LYS A 658 11.00 -57.02 0.19
C LYS A 658 11.10 -58.53 0.35
N TYR A 659 9.97 -59.18 0.58
CA TYR A 659 9.95 -60.64 0.71
C TYR A 659 8.80 -61.18 -0.12
N HIS A 660 8.05 -60.25 -0.71
CA HIS A 660 6.93 -60.58 -1.59
C HIS A 660 6.42 -59.33 -2.29
N THR A 661 5.75 -59.53 -3.42
CA THR A 661 5.21 -58.42 -4.21
C THR A 661 3.71 -58.17 -3.98
N GLU A 662 3.40 -57.83 -2.72
CA GLU A 662 2.04 -57.55 -2.27
C GLU A 662 1.50 -56.35 -3.01
N ILE A 663 2.31 -55.31 -3.08
CA ILE A 663 1.95 -54.08 -3.76
C ILE A 663 0.77 -53.33 -3.08
N VAL A 664 0.45 -53.63 -1.81
CA VAL A 664 -0.69 -52.93 -1.16
C VAL A 664 -0.84 -52.80 0.38
N PHE A 665 -0.61 -51.59 0.88
CA PHE A 665 -0.77 -51.27 2.29
C PHE A 665 -2.03 -50.43 2.26
N ALA A 666 -2.99 -50.67 3.16
CA ALA A 666 -4.22 -49.89 3.17
C ALA A 666 -4.41 -49.06 4.42
N ARG A 667 -5.42 -48.19 4.38
CA ARG A 667 -5.74 -47.30 5.50
C ARG A 667 -4.42 -46.85 6.09
N THR A 668 -3.83 -45.81 5.53
CA THR A 668 -2.54 -45.35 6.00
C THR A 668 -2.49 -43.87 6.27
N SER A 669 -1.85 -43.48 7.36
CA SER A 669 -1.76 -42.07 7.67
C SER A 669 -0.66 -41.50 6.78
N PRO A 670 -0.83 -40.24 6.32
CA PRO A 670 0.14 -39.55 5.45
C PRO A 670 1.59 -39.95 5.76
N GLN A 671 1.98 -39.80 7.02
CA GLN A 671 3.32 -40.15 7.48
C GLN A 671 3.65 -41.52 6.96
N GLN A 672 2.72 -42.44 7.16
CA GLN A 672 2.91 -43.82 6.73
C GLN A 672 3.28 -43.95 5.25
N LYS A 673 2.62 -43.20 4.37
CA LYS A 673 2.94 -43.30 2.96
C LYS A 673 4.44 -43.06 2.82
N LEU A 674 4.94 -42.03 3.49
CA LEU A 674 6.36 -41.67 3.46
C LEU A 674 7.19 -42.74 4.16
N ILE A 675 6.91 -43.02 5.42
CA ILE A 675 7.69 -44.04 6.11
C ILE A 675 7.76 -45.26 5.18
N ILE A 676 6.72 -45.48 4.39
CA ILE A 676 6.71 -46.60 3.46
C ILE A 676 7.72 -46.30 2.36
N VAL A 677 7.59 -45.15 1.75
CA VAL A 677 8.50 -44.77 0.70
C VAL A 677 9.93 -44.91 1.21
N GLU A 678 10.22 -44.27 2.36
CA GLU A 678 11.55 -44.33 2.95
C GLU A 678 12.04 -45.76 2.91
N GLY A 679 11.30 -46.65 3.57
CA GLY A 679 11.65 -48.05 3.61
C GLY A 679 11.98 -48.64 2.25
N CYS A 680 11.29 -48.18 1.21
CA CYS A 680 11.58 -48.68 -0.12
C CYS A 680 12.96 -48.13 -0.48
N GLN A 681 13.14 -46.83 -0.26
CA GLN A 681 14.39 -46.15 -0.55
C GLN A 681 15.59 -46.69 0.22
N ARG A 682 15.42 -46.91 1.51
CA ARG A 682 16.51 -47.42 2.34
C ARG A 682 17.09 -48.73 1.81
N GLN A 683 16.45 -49.32 0.81
CA GLN A 683 16.99 -50.54 0.22
C GLN A 683 17.63 -50.23 -1.12
N GLY A 684 18.37 -49.12 -1.16
CA GLY A 684 19.07 -48.67 -2.35
C GLY A 684 18.28 -48.72 -3.64
N ALA A 685 17.17 -48.00 -3.71
CA ALA A 685 16.34 -48.00 -4.92
C ALA A 685 15.88 -46.62 -5.30
N ILE A 686 15.29 -46.52 -6.48
CA ILE A 686 14.79 -45.27 -6.99
C ILE A 686 13.28 -45.39 -7.09
N VAL A 687 12.57 -44.83 -6.12
CA VAL A 687 11.11 -44.88 -6.10
C VAL A 687 10.39 -43.62 -6.52
N ALA A 688 9.29 -43.81 -7.22
CA ALA A 688 8.49 -42.73 -7.70
C ALA A 688 7.14 -42.84 -7.02
N VAL A 689 6.48 -41.71 -6.75
CA VAL A 689 5.17 -41.72 -6.11
C VAL A 689 4.15 -40.92 -6.90
N THR A 690 2.99 -41.54 -7.07
CA THR A 690 1.89 -40.97 -7.81
C THR A 690 0.73 -40.65 -6.88
N GLY A 691 0.30 -39.39 -6.85
CA GLY A 691 -0.79 -39.03 -5.96
C GLY A 691 -1.80 -38.07 -6.54
N ASP A 692 -2.72 -37.62 -5.67
CA ASP A 692 -3.76 -36.68 -6.06
C ASP A 692 -4.09 -35.76 -4.90
N GLY A 693 -4.50 -36.37 -3.79
CA GLY A 693 -4.87 -35.62 -2.62
C GLY A 693 -3.70 -35.13 -1.79
N VAL A 694 -4.01 -34.25 -0.87
CA VAL A 694 -3.00 -33.66 0.01
C VAL A 694 -2.41 -34.68 0.95
N ASN A 695 -3.14 -35.76 1.20
CA ASN A 695 -2.60 -36.76 2.11
C ASN A 695 -1.29 -37.33 1.56
N ASP A 696 -1.02 -37.09 0.28
CA ASP A 696 0.21 -37.59 -0.34
C ASP A 696 1.40 -36.68 -0.09
N SER A 697 1.15 -35.37 -0.12
CA SER A 697 2.17 -34.34 0.07
C SER A 697 3.51 -34.89 0.45
N PRO A 698 3.64 -35.42 1.67
CA PRO A 698 4.91 -35.97 2.14
C PRO A 698 5.51 -36.96 1.13
N ALA A 699 4.95 -38.16 1.06
CA ALA A 699 5.44 -39.17 0.13
C ALA A 699 5.74 -38.62 -1.27
N SER A 700 5.10 -37.51 -1.62
CA SER A 700 5.36 -36.90 -2.92
C SER A 700 6.59 -36.03 -2.84
N LYS A 701 7.41 -36.26 -1.82
CA LYS A 701 8.63 -35.50 -1.65
C LYS A 701 9.80 -36.39 -1.37
N LYS A 702 9.71 -37.22 -0.33
CA LYS A 702 10.82 -38.11 -0.02
C LYS A 702 11.00 -39.00 -1.24
N ALA A 703 9.96 -39.08 -2.05
CA ALA A 703 10.00 -39.87 -3.27
C ALA A 703 10.99 -39.23 -4.22
N ASP A 704 11.77 -40.05 -4.91
CA ASP A 704 12.74 -39.54 -5.85
C ASP A 704 12.03 -38.64 -6.85
N ILE A 705 11.06 -39.20 -7.57
CA ILE A 705 10.29 -38.39 -8.50
C ILE A 705 8.81 -38.48 -8.12
N GLY A 706 8.16 -37.31 -8.09
CA GLY A 706 6.77 -37.24 -7.72
C GLY A 706 5.84 -36.86 -8.85
N VAL A 707 4.78 -37.63 -9.02
CA VAL A 707 3.83 -37.39 -10.08
C VAL A 707 2.45 -36.99 -9.54
N ALA A 708 2.08 -35.73 -9.77
CA ALA A 708 0.80 -35.23 -9.31
C ALA A 708 -0.33 -35.86 -10.13
N MET A 709 -1.36 -35.08 -10.42
CA MET A 709 -2.49 -35.57 -11.20
C MET A 709 -3.30 -34.45 -11.85
N GLY A 710 -2.64 -33.33 -12.13
CA GLY A 710 -3.30 -32.19 -12.76
C GLY A 710 -4.60 -31.73 -12.14
N ILE A 711 -5.70 -32.21 -12.69
CA ILE A 711 -7.04 -31.85 -12.22
C ILE A 711 -7.50 -32.67 -11.01
N ALA A 712 -7.25 -33.98 -11.03
CA ALA A 712 -7.64 -34.84 -9.92
C ALA A 712 -6.78 -34.58 -8.67
N GLY A 713 -6.00 -33.51 -8.72
CA GLY A 713 -5.12 -33.19 -7.60
C GLY A 713 -5.35 -31.86 -6.88
N SER A 714 -4.92 -31.84 -5.62
CA SER A 714 -5.02 -30.68 -4.74
C SER A 714 -4.04 -29.61 -5.18
N ASP A 715 -4.45 -28.36 -5.03
CA ASP A 715 -3.60 -27.24 -5.42
C ASP A 715 -2.34 -27.25 -4.55
N VAL A 716 -1.98 -28.44 -4.08
CA VAL A 716 -0.80 -28.65 -3.23
C VAL A 716 -0.05 -29.91 -3.65
N SER A 717 -0.78 -31.01 -3.73
CA SER A 717 -0.21 -32.29 -4.12
C SER A 717 0.74 -32.00 -5.27
N LYS A 718 0.27 -31.18 -6.21
CA LYS A 718 1.06 -30.79 -7.36
C LYS A 718 2.25 -29.97 -6.95
N GLN A 719 2.02 -28.96 -6.12
CA GLN A 719 3.11 -28.11 -5.68
C GLN A 719 4.26 -28.95 -5.13
N ALA A 720 3.94 -30.14 -4.64
CA ALA A 720 4.97 -31.01 -4.10
C ALA A 720 5.58 -31.93 -5.13
N ALA A 721 4.84 -32.23 -6.19
CA ALA A 721 5.31 -33.14 -7.23
C ALA A 721 6.29 -32.54 -8.23
N ASP A 722 6.93 -33.42 -8.99
CA ASP A 722 7.91 -33.08 -10.02
C ASP A 722 7.20 -33.01 -11.36
N MET A 723 6.45 -34.06 -11.66
CA MET A 723 5.67 -34.17 -12.89
C MET A 723 4.19 -33.97 -12.63
N ILE A 724 3.54 -33.29 -13.56
CA ILE A 724 2.14 -32.96 -13.44
C ILE A 724 1.28 -33.46 -14.60
N LEU A 725 0.89 -34.73 -14.60
CA LEU A 725 0.06 -35.24 -15.68
C LEU A 725 -1.16 -34.31 -15.81
N LEU A 726 -1.30 -33.60 -16.93
CA LEU A 726 -2.44 -32.70 -17.08
C LEU A 726 -3.63 -33.29 -17.86
N ASP A 727 -3.53 -34.56 -18.18
CA ASP A 727 -4.60 -35.25 -18.88
C ASP A 727 -4.96 -36.45 -18.01
N ASP A 728 -4.31 -36.51 -16.84
CA ASP A 728 -4.54 -37.58 -15.88
C ASP A 728 -4.40 -38.97 -16.51
N ASN A 729 -3.81 -39.04 -17.70
CA ASN A 729 -3.63 -40.31 -18.39
C ASN A 729 -2.48 -41.02 -17.70
N PHE A 730 -2.81 -41.93 -16.79
CA PHE A 730 -1.80 -42.66 -16.05
C PHE A 730 -0.88 -43.51 -16.91
N ALA A 731 -0.98 -43.39 -18.22
CA ALA A 731 -0.12 -44.17 -19.10
C ALA A 731 1.15 -43.38 -19.40
N SER A 732 1.11 -42.07 -19.18
CA SER A 732 2.27 -41.22 -19.42
C SER A 732 3.43 -41.67 -18.55
N ILE A 733 3.14 -42.38 -17.47
CA ILE A 733 4.20 -42.87 -16.60
C ILE A 733 5.09 -43.75 -17.48
N VAL A 734 4.49 -44.58 -18.32
CA VAL A 734 5.28 -45.42 -19.22
C VAL A 734 5.88 -44.57 -20.34
N THR A 735 5.09 -43.65 -20.90
CA THR A 735 5.59 -42.76 -21.94
C THR A 735 6.39 -41.69 -21.23
N GLY A 736 7.13 -42.11 -20.22
CA GLY A 736 7.96 -41.23 -19.43
C GLY A 736 9.12 -42.04 -18.93
N VAL A 737 8.86 -43.29 -18.57
CA VAL A 737 9.91 -44.17 -18.11
C VAL A 737 10.71 -44.53 -19.36
N GLU A 738 10.03 -44.57 -20.50
CA GLU A 738 10.72 -44.90 -21.75
C GLU A 738 11.52 -43.68 -22.12
N GLU A 739 10.83 -42.59 -22.46
CA GLU A 739 11.50 -41.35 -22.85
C GLU A 739 12.65 -40.98 -21.92
N GLY A 740 12.59 -41.46 -20.68
CA GLY A 740 13.65 -41.18 -19.72
C GLY A 740 14.82 -42.10 -19.97
N ARG A 741 14.55 -43.41 -19.98
CA ARG A 741 15.56 -44.42 -20.25
C ARG A 741 16.31 -44.12 -21.55
N LEU A 742 15.60 -43.52 -22.49
CA LEU A 742 16.17 -43.15 -23.77
C LEU A 742 17.33 -42.20 -23.55
N ILE A 743 17.05 -41.08 -22.91
CA ILE A 743 18.05 -40.06 -22.67
C ILE A 743 19.22 -40.47 -21.80
N PHE A 744 19.11 -41.63 -21.14
CA PHE A 744 20.25 -42.07 -20.34
C PHE A 744 21.29 -42.44 -21.36
N ASP A 745 20.89 -43.33 -22.26
CA ASP A 745 21.77 -43.76 -23.35
C ASP A 745 22.09 -42.56 -24.22
N ASN A 746 21.06 -41.99 -24.84
CA ASN A 746 21.26 -40.83 -25.69
C ASN A 746 21.92 -39.64 -25.00
N LEU A 747 22.66 -39.92 -23.94
CA LEU A 747 23.40 -38.90 -23.23
C LEU A 747 24.85 -39.35 -23.22
N LYS A 748 25.05 -40.63 -22.95
CA LYS A 748 26.40 -41.21 -22.96
C LYS A 748 26.95 -40.90 -24.33
N LYS A 749 26.28 -41.42 -25.35
CA LYS A 749 26.69 -41.19 -26.72
C LYS A 749 26.99 -39.69 -26.83
N SER A 750 26.01 -38.89 -26.43
CA SER A 750 26.16 -37.45 -26.49
C SER A 750 27.35 -36.97 -25.68
N ILE A 751 27.75 -37.69 -24.64
CA ILE A 751 28.88 -37.23 -23.85
C ILE A 751 30.20 -37.83 -24.25
N ALA A 752 30.25 -39.16 -24.38
CA ALA A 752 31.49 -39.81 -24.78
C ALA A 752 32.16 -38.96 -25.85
N TYR A 753 31.51 -38.88 -27.00
CA TYR A 753 32.02 -38.09 -28.10
C TYR A 753 32.42 -36.72 -27.60
N THR A 754 31.48 -35.97 -27.03
CA THR A 754 31.78 -34.62 -26.60
C THR A 754 33.06 -34.45 -25.80
N LEU A 755 33.77 -35.55 -25.54
CA LEU A 755 35.02 -35.41 -24.83
C LEU A 755 36.15 -36.23 -25.44
N THR A 756 35.81 -37.22 -26.26
CA THR A 756 36.87 -38.02 -26.87
C THR A 756 37.86 -37.03 -27.47
N SER A 757 37.32 -35.96 -28.05
CA SER A 757 38.14 -34.93 -28.67
C SER A 757 38.94 -34.14 -27.64
N ASN A 758 38.86 -34.57 -26.38
CA ASN A 758 39.58 -33.92 -25.31
C ASN A 758 41.03 -34.30 -25.52
N ILE A 759 41.27 -35.59 -25.73
CA ILE A 759 42.62 -36.10 -25.95
C ILE A 759 43.32 -35.26 -27.01
N PRO A 760 42.81 -35.24 -28.25
CA PRO A 760 43.44 -34.44 -29.30
C PRO A 760 43.71 -33.01 -28.87
N GLU A 761 43.15 -32.62 -27.74
CA GLU A 761 43.38 -31.27 -27.26
C GLU A 761 44.43 -31.19 -26.16
N ILE A 762 44.65 -32.26 -25.43
CA ILE A 762 45.68 -32.23 -24.39
C ILE A 762 47.03 -32.46 -25.04
N THR A 763 47.24 -33.71 -25.48
CA THR A 763 48.49 -34.15 -26.11
C THR A 763 49.41 -33.06 -26.65
N PRO A 764 48.87 -32.11 -27.43
CA PRO A 764 49.76 -31.07 -27.92
C PRO A 764 50.64 -30.51 -26.80
N PHE A 765 50.03 -29.85 -25.82
CA PHE A 765 50.78 -29.27 -24.71
C PHE A 765 51.68 -30.28 -23.99
N LEU A 766 51.24 -31.54 -23.94
CA LEU A 766 52.03 -32.58 -23.28
C LEU A 766 53.30 -32.86 -24.10
N ILE A 767 53.15 -33.01 -25.41
CA ILE A 767 54.31 -33.24 -26.26
C ILE A 767 55.09 -31.93 -26.30
N PHE A 768 54.35 -30.83 -26.31
CA PHE A 768 54.92 -29.48 -26.33
C PHE A 768 55.94 -29.31 -25.22
N ILE A 769 55.98 -30.28 -24.31
CA ILE A 769 56.93 -30.20 -23.22
C ILE A 769 58.00 -31.27 -23.32
N ILE A 770 57.61 -32.47 -23.70
CA ILE A 770 58.57 -33.55 -23.81
C ILE A 770 59.63 -33.27 -24.89
N ALA A 771 59.28 -32.48 -25.91
CA ALA A 771 60.22 -32.17 -27.00
C ALA A 771 60.01 -30.83 -27.72
N ASN A 772 60.03 -29.73 -26.96
CA ASN A 772 59.85 -28.35 -27.45
C ASN A 772 59.45 -28.05 -28.91
N ILE A 773 58.70 -28.98 -29.52
CA ILE A 773 58.20 -28.89 -30.89
C ILE A 773 56.93 -28.03 -30.85
N PRO A 774 57.07 -26.75 -31.18
CA PRO A 774 56.10 -25.66 -31.23
C PRO A 774 54.61 -25.95 -31.10
N LEU A 775 54.01 -25.22 -30.16
CA LEU A 775 52.58 -25.30 -29.82
C LEU A 775 51.72 -25.71 -31.00
N PRO A 776 51.45 -27.02 -31.14
CA PRO A 776 50.61 -27.50 -32.25
C PRO A 776 49.17 -27.01 -32.16
N LEU A 777 48.59 -27.13 -30.97
CA LEU A 777 47.22 -26.70 -30.74
C LEU A 777 47.24 -25.47 -29.85
N GLY A 778 46.39 -24.49 -30.13
CA GLY A 778 46.39 -23.28 -29.32
C GLY A 778 45.30 -23.22 -28.26
N THR A 779 45.61 -22.56 -27.13
CA THR A 779 44.65 -22.43 -26.05
C THR A 779 43.39 -21.76 -26.61
N VAL A 780 43.51 -20.52 -27.07
CA VAL A 780 42.38 -19.80 -27.63
C VAL A 780 41.74 -20.64 -28.72
N THR A 781 42.43 -21.70 -29.13
CA THR A 781 41.93 -22.61 -30.15
C THR A 781 41.10 -23.74 -29.55
N ILE A 782 41.47 -24.14 -28.33
CA ILE A 782 40.72 -25.20 -27.67
C ILE A 782 39.31 -24.69 -27.40
N LEU A 783 39.21 -23.48 -26.84
CA LEU A 783 37.90 -22.89 -26.59
C LEU A 783 37.33 -22.52 -27.94
N CYS A 784 36.90 -23.54 -28.68
CA CYS A 784 36.34 -23.33 -30.01
C CYS A 784 36.00 -24.67 -30.64
N ILE A 785 36.02 -25.72 -29.83
CA ILE A 785 35.72 -27.06 -30.31
C ILE A 785 34.57 -27.64 -29.51
N ASP A 786 34.81 -27.76 -28.21
CA ASP A 786 33.84 -28.28 -27.26
C ASP A 786 32.81 -27.19 -26.98
N LEU A 787 33.29 -25.95 -27.00
CA LEU A 787 32.46 -24.78 -26.75
C LEU A 787 32.12 -24.00 -28.03
N GLY A 788 32.51 -24.54 -29.20
CA GLY A 788 32.23 -23.86 -30.46
C GLY A 788 31.97 -24.76 -31.67
N THR A 789 32.62 -25.92 -31.71
CA THR A 789 32.46 -26.85 -32.83
C THR A 789 31.51 -28.02 -32.55
N ASP A 790 31.94 -28.93 -31.70
CA ASP A 790 31.18 -30.11 -31.35
C ASP A 790 29.84 -29.80 -30.67
N MET A 791 29.54 -28.52 -30.46
CA MET A 791 28.30 -28.09 -29.82
C MET A 791 27.08 -28.86 -30.32
N VAL A 792 26.49 -28.33 -31.40
CA VAL A 792 25.32 -28.93 -32.02
C VAL A 792 25.32 -30.46 -32.18
N PRO A 793 26.49 -31.07 -32.41
CA PRO A 793 26.56 -32.53 -32.56
C PRO A 793 26.34 -33.27 -31.24
N ALA A 794 26.79 -32.65 -30.14
CA ALA A 794 26.59 -33.26 -28.83
C ALA A 794 25.08 -33.25 -28.66
N ILE A 795 24.52 -32.05 -28.84
CA ILE A 795 23.09 -31.82 -28.75
C ILE A 795 22.44 -32.89 -29.63
N SER A 796 22.73 -32.79 -30.91
CA SER A 796 22.23 -33.73 -31.91
C SER A 796 22.12 -35.17 -31.39
N LEU A 797 23.21 -35.71 -30.87
CA LEU A 797 23.19 -37.07 -30.36
C LEU A 797 21.89 -37.37 -29.64
N ALA A 798 21.46 -36.45 -28.78
CA ALA A 798 20.23 -36.59 -28.00
C ALA A 798 19.06 -37.07 -28.84
N TYR A 799 18.84 -36.41 -29.96
CA TYR A 799 17.75 -36.75 -30.87
C TYR A 799 17.82 -38.18 -31.42
N GLU A 800 19.01 -38.78 -31.41
CA GLU A 800 19.17 -40.15 -31.91
C GLU A 800 18.15 -41.05 -31.23
N GLN A 801 17.44 -41.84 -32.02
CA GLN A 801 16.42 -42.74 -31.49
C GLN A 801 16.92 -44.05 -30.89
N ALA A 802 15.97 -44.86 -30.43
CA ALA A 802 16.21 -46.15 -29.78
C ALA A 802 17.31 -47.07 -30.34
N GLU A 803 17.37 -48.27 -29.77
CA GLU A 803 18.34 -49.30 -30.15
C GLU A 803 17.83 -50.69 -29.80
N SER A 804 16.61 -50.79 -29.27
CA SER A 804 16.05 -52.09 -28.91
C SER A 804 14.81 -51.98 -28.03
N ASP A 805 14.17 -53.11 -27.77
CA ASP A 805 12.98 -53.15 -26.92
C ASP A 805 13.54 -52.75 -25.56
N ILE A 806 13.56 -51.45 -25.30
CA ILE A 806 14.08 -50.91 -24.03
C ILE A 806 13.25 -51.40 -22.85
N MET A 807 11.94 -51.18 -22.92
CA MET A 807 11.01 -51.58 -21.88
C MET A 807 11.04 -53.08 -21.65
N LYS A 808 12.16 -53.71 -21.99
CA LYS A 808 12.32 -55.15 -21.84
C LYS A 808 13.42 -55.47 -20.82
N ARG A 809 14.13 -54.43 -20.37
CA ARG A 809 15.20 -54.64 -19.41
C ARG A 809 14.91 -54.12 -18.00
N GLN A 810 15.44 -54.84 -17.02
CA GLN A 810 15.29 -54.52 -15.61
C GLN A 810 15.72 -53.07 -15.39
N PRO A 811 15.18 -52.43 -14.36
CA PRO A 811 15.58 -51.05 -14.14
C PRO A 811 17.08 -50.97 -13.93
N ARG A 812 17.70 -49.99 -14.57
CA ARG A 812 19.13 -49.79 -14.43
C ARG A 812 19.49 -49.56 -12.98
N ASN A 813 20.16 -50.52 -12.35
CA ASN A 813 20.57 -50.34 -10.97
C ASN A 813 21.29 -48.98 -10.86
N PRO A 814 21.43 -48.43 -9.63
CA PRO A 814 22.12 -47.13 -9.60
C PRO A 814 23.53 -47.17 -8.99
N LYS A 815 23.86 -48.27 -8.31
CA LYS A 815 25.17 -48.42 -7.67
C LYS A 815 26.23 -48.99 -8.58
N THR A 816 25.82 -49.87 -9.48
CA THR A 816 26.74 -50.48 -10.42
C THR A 816 26.70 -49.76 -11.75
N ASP A 817 25.76 -50.14 -12.60
CA ASP A 817 25.64 -49.55 -13.91
C ASP A 817 25.54 -48.03 -13.86
N LYS A 818 26.68 -47.36 -14.02
CA LYS A 818 26.75 -45.90 -13.97
C LYS A 818 26.50 -45.30 -15.35
N LEU A 819 26.85 -44.04 -15.48
CA LEU A 819 26.71 -43.32 -16.73
C LEU A 819 28.08 -43.32 -17.36
N VAL A 820 29.02 -42.65 -16.69
CA VAL A 820 30.41 -42.54 -17.11
C VAL A 820 31.25 -43.55 -16.36
N ASN A 821 32.16 -44.23 -17.05
CA ASN A 821 32.99 -45.21 -16.40
C ASN A 821 34.15 -45.69 -17.28
N GLU A 822 34.91 -46.67 -16.81
CA GLU A 822 36.03 -47.19 -17.58
C GLU A 822 35.48 -47.52 -18.95
N GLN A 823 34.54 -48.45 -18.99
CA GLN A 823 33.92 -48.85 -20.24
C GLN A 823 33.90 -47.63 -21.16
N LEU A 824 33.40 -46.49 -20.67
CA LEU A 824 33.38 -45.29 -21.49
C LEU A 824 34.77 -44.68 -21.69
N ILE A 825 35.37 -44.15 -20.63
CA ILE A 825 36.70 -43.53 -20.72
C ILE A 825 37.69 -44.32 -21.60
N SER A 826 37.91 -45.58 -21.23
CA SER A 826 38.83 -46.45 -21.96
C SER A 826 38.59 -46.41 -23.45
N MET A 827 37.31 -46.43 -23.82
CA MET A 827 36.90 -46.44 -25.22
C MET A 827 36.74 -45.04 -25.84
N ALA A 828 37.11 -44.00 -25.12
CA ALA A 828 36.97 -42.65 -25.65
C ALA A 828 38.12 -41.76 -25.28
N TYR A 829 38.91 -42.19 -24.31
CA TYR A 829 40.09 -41.44 -23.87
C TYR A 829 41.32 -42.25 -24.28
N GLY A 830 41.32 -43.54 -23.95
CA GLY A 830 42.44 -44.41 -24.28
C GLY A 830 42.37 -45.15 -25.61
N GLN A 831 41.34 -44.92 -26.41
CA GLN A 831 41.22 -45.59 -27.68
C GLN A 831 41.09 -44.56 -28.79
N ILE A 832 39.88 -44.10 -29.04
CA ILE A 832 39.69 -43.12 -30.10
C ILE A 832 40.40 -41.81 -29.80
N GLY A 833 40.31 -41.33 -28.57
CA GLY A 833 40.98 -40.09 -28.24
C GLY A 833 42.40 -40.05 -28.78
N MET A 834 43.01 -41.22 -28.85
CA MET A 834 44.37 -41.39 -29.34
C MET A 834 44.42 -41.28 -30.87
N ILE A 835 43.77 -42.20 -31.55
CA ILE A 835 43.72 -42.21 -33.02
C ILE A 835 43.45 -40.81 -33.59
N GLN A 836 42.61 -40.05 -32.91
CA GLN A 836 42.31 -38.70 -33.33
C GLN A 836 43.59 -37.93 -33.14
N ALA A 837 44.19 -38.09 -31.96
CA ALA A 837 45.44 -37.41 -31.63
C ALA A 837 46.42 -37.42 -32.78
N LEU A 838 46.86 -38.61 -33.19
CA LEU A 838 47.79 -38.74 -34.29
C LEU A 838 47.31 -37.84 -35.42
N GLY A 839 46.15 -38.19 -35.98
CA GLY A 839 45.58 -37.42 -37.07
C GLY A 839 45.88 -35.93 -37.11
N GLY A 840 45.53 -35.23 -36.05
CA GLY A 840 45.75 -33.79 -36.02
C GLY A 840 47.18 -33.44 -35.70
N PHE A 841 47.90 -34.44 -35.20
CA PHE A 841 49.30 -34.28 -34.85
C PHE A 841 50.06 -34.48 -36.16
N PHE A 842 49.56 -35.40 -36.97
CA PHE A 842 50.11 -35.72 -38.28
C PHE A 842 50.04 -34.48 -39.16
N THR A 843 48.83 -33.91 -39.22
CA THR A 843 48.56 -32.73 -40.00
C THR A 843 49.50 -31.61 -39.60
N TYR A 844 49.87 -31.58 -38.32
CA TYR A 844 50.77 -30.56 -37.78
C TYR A 844 52.06 -30.50 -38.53
N PHE A 845 52.57 -31.69 -38.84
CA PHE A 845 53.82 -31.84 -39.56
C PHE A 845 53.70 -31.40 -41.01
N VAL A 846 52.69 -31.92 -41.70
CA VAL A 846 52.46 -31.56 -43.10
C VAL A 846 52.31 -30.05 -43.19
N ILE A 847 51.66 -29.44 -42.20
CA ILE A 847 51.48 -27.99 -42.19
C ILE A 847 52.81 -27.26 -42.11
N LEU A 848 53.83 -27.96 -41.62
CA LEU A 848 55.16 -27.38 -41.51
C LEU A 848 55.99 -27.93 -42.66
N ALA A 849 55.84 -29.23 -42.90
CA ALA A 849 56.53 -29.92 -43.98
C ALA A 849 56.58 -29.09 -45.24
N GLU A 850 55.42 -28.97 -45.88
CA GLU A 850 55.28 -28.20 -47.09
C GLU A 850 55.51 -26.72 -46.78
N ASN A 851 56.51 -26.44 -45.96
CA ASN A 851 56.85 -25.06 -45.63
C ASN A 851 58.26 -24.96 -45.01
N GLY A 852 58.63 -25.98 -44.24
CA GLY A 852 59.94 -26.00 -43.59
C GLY A 852 59.98 -27.18 -42.61
N PHE A 853 59.63 -28.35 -43.13
CA PHE A 853 59.55 -29.59 -42.38
C PHE A 853 60.76 -30.04 -41.62
N LEU A 854 60.50 -30.33 -40.35
CA LEU A 854 61.53 -30.77 -39.43
C LEU A 854 61.07 -32.05 -38.74
N PRO A 855 60.85 -33.11 -39.53
CA PRO A 855 60.41 -34.42 -39.03
C PRO A 855 61.51 -35.05 -38.19
N ILE A 856 62.69 -34.45 -38.28
CA ILE A 856 63.86 -34.91 -37.56
C ILE A 856 64.40 -33.66 -36.87
N HIS A 857 64.00 -32.51 -37.38
CA HIS A 857 64.41 -31.23 -36.83
C HIS A 857 63.23 -30.69 -36.05
N LEU A 858 63.19 -29.37 -35.84
CA LEU A 858 62.12 -28.70 -35.10
C LEU A 858 62.52 -28.47 -33.65
N LEU A 859 62.22 -29.48 -32.82
CA LEU A 859 62.49 -29.53 -31.39
C LEU A 859 63.26 -28.35 -30.77
N GLY A 860 62.73 -27.14 -30.92
CA GLY A 860 63.43 -26.00 -30.37
C GLY A 860 62.68 -24.74 -29.96
N LEU A 861 63.17 -24.13 -28.89
CA LEU A 861 62.64 -22.89 -28.35
C LEU A 861 62.69 -21.83 -29.46
N ARG A 862 61.52 -21.30 -29.80
CA ARG A 862 61.39 -20.31 -30.87
C ARG A 862 61.17 -18.88 -30.33
N VAL A 863 62.22 -18.27 -29.77
CA VAL A 863 62.14 -16.92 -29.21
C VAL A 863 61.69 -15.88 -30.24
N ASN A 864 61.44 -14.65 -29.77
CA ASN A 864 61.00 -13.57 -30.65
C ASN A 864 61.66 -12.19 -30.38
N TRP A 865 62.57 -12.11 -29.41
CA TRP A 865 63.27 -10.84 -29.15
C TRP A 865 64.45 -10.83 -30.10
N ASP A 866 64.96 -12.02 -30.40
CA ASP A 866 66.11 -12.19 -31.29
C ASP A 866 65.85 -11.62 -32.68
N ASP A 867 64.79 -12.08 -33.35
CA ASP A 867 64.45 -11.58 -34.67
C ASP A 867 65.42 -12.09 -35.75
N ARG A 868 64.98 -13.09 -36.53
CA ARG A 868 65.79 -13.64 -37.63
C ARG A 868 67.01 -14.50 -37.25
N TRP A 869 67.92 -13.89 -36.49
CA TRP A 869 69.17 -14.49 -36.01
C TRP A 869 69.37 -16.01 -36.19
N ILE A 870 68.29 -16.77 -36.24
CA ILE A 870 68.37 -18.22 -36.45
C ILE A 870 67.23 -18.76 -37.34
N ASN A 871 67.29 -20.04 -37.66
CA ASN A 871 66.31 -20.67 -38.52
C ASN A 871 66.57 -22.18 -38.51
N ASP A 872 66.18 -22.82 -39.60
CA ASP A 872 66.35 -24.26 -39.80
C ASP A 872 66.04 -24.65 -41.25
N VAL A 873 66.65 -25.74 -41.68
CA VAL A 873 66.53 -26.26 -43.03
C VAL A 873 66.56 -25.21 -44.12
N GLU A 874 67.77 -24.71 -44.37
CA GLU A 874 68.07 -23.73 -45.42
C GLU A 874 67.11 -22.55 -45.46
N ASP A 875 67.17 -21.66 -44.47
CA ASP A 875 66.27 -20.51 -44.45
C ASP A 875 66.81 -19.29 -43.69
N SER A 876 66.03 -18.21 -43.66
CA SER A 876 66.43 -16.98 -42.98
C SER A 876 65.29 -16.42 -42.09
N TYR A 877 64.24 -17.23 -41.88
CA TYR A 877 63.09 -16.85 -41.03
C TYR A 877 63.46 -15.87 -39.92
N GLY A 878 62.93 -14.65 -40.00
CA GLY A 878 63.22 -13.64 -39.00
C GLY A 878 62.14 -12.58 -38.92
N GLN A 879 62.46 -11.36 -38.47
CA GLN A 879 61.45 -10.29 -38.38
C GLN A 879 60.39 -10.44 -39.47
N GLN A 880 60.84 -10.85 -40.66
CA GLN A 880 59.97 -11.09 -41.81
C GLN A 880 59.29 -12.44 -41.56
N TRP A 881 60.13 -13.47 -41.37
CA TRP A 881 59.68 -14.82 -41.07
C TRP A 881 59.99 -15.12 -39.60
N THR A 882 59.38 -14.30 -38.73
CA THR A 882 59.46 -14.37 -37.27
C THR A 882 58.05 -13.95 -36.96
N TYR A 883 57.67 -12.78 -37.48
CA TYR A 883 56.31 -12.31 -37.34
C TYR A 883 55.71 -13.56 -38.00
N GLU A 884 56.41 -14.00 -39.05
CA GLU A 884 56.02 -15.16 -39.83
C GLU A 884 56.44 -16.54 -39.31
N GLN A 885 57.60 -16.66 -38.68
CA GLN A 885 57.99 -17.99 -38.23
C GLN A 885 56.88 -18.69 -37.47
N ARG A 886 55.96 -17.91 -36.88
CA ARG A 886 54.83 -18.47 -36.15
C ARG A 886 53.58 -18.51 -37.03
N LYS A 887 53.54 -17.66 -38.05
CA LYS A 887 52.39 -17.63 -38.97
C LYS A 887 52.19 -19.02 -39.58
N ILE A 888 53.03 -19.98 -39.18
CA ILE A 888 52.94 -21.34 -39.70
C ILE A 888 52.20 -22.23 -38.72
N VAL A 889 51.89 -21.68 -37.56
CA VAL A 889 51.17 -22.42 -36.52
C VAL A 889 50.01 -21.54 -36.07
N GLU A 890 50.27 -20.25 -35.89
CA GLU A 890 49.22 -19.33 -35.48
C GLU A 890 48.19 -19.44 -36.61
N PHE A 891 48.30 -18.54 -37.58
CA PHE A 891 47.40 -18.52 -38.72
C PHE A 891 47.31 -19.92 -39.33
N THR A 892 48.35 -20.74 -39.17
CA THR A 892 48.35 -22.09 -39.73
C THR A 892 48.34 -23.16 -38.65
N CYS A 893 49.05 -24.27 -38.90
CA CYS A 893 49.13 -25.40 -37.98
C CYS A 893 47.94 -25.48 -37.03
N HIS A 894 47.83 -24.53 -36.10
CA HIS A 894 46.69 -24.53 -35.19
C HIS A 894 45.44 -24.76 -36.04
N THR A 895 45.29 -23.92 -37.07
CA THR A 895 44.16 -24.00 -37.99
C THR A 895 44.01 -25.41 -38.56
N PRO A 896 45.00 -25.89 -39.34
CA PRO A 896 44.96 -27.23 -39.93
C PRO A 896 44.75 -28.32 -38.90
N PHE A 897 45.28 -28.10 -37.71
CA PHE A 897 45.13 -29.05 -36.62
C PHE A 897 43.66 -28.92 -36.26
N PHE A 898 43.28 -27.69 -35.97
CA PHE A 898 41.92 -27.35 -35.64
C PHE A 898 41.01 -28.14 -36.59
N VAL A 899 41.03 -27.80 -37.89
CA VAL A 899 40.18 -28.49 -38.84
C VAL A 899 40.30 -30.01 -38.77
N THR A 900 41.52 -30.51 -38.64
CA THR A 900 41.70 -31.95 -38.58
C THR A 900 40.92 -32.55 -37.41
N ILE A 901 40.80 -31.80 -36.32
CA ILE A 901 40.07 -32.31 -35.16
C ILE A 901 38.60 -32.43 -35.56
N VAL A 902 38.11 -31.38 -36.22
CA VAL A 902 36.74 -31.35 -36.69
C VAL A 902 36.58 -32.60 -37.54
N VAL A 903 37.43 -32.67 -38.55
CA VAL A 903 37.45 -33.75 -39.50
C VAL A 903 37.44 -35.16 -38.92
N VAL A 904 38.06 -35.34 -37.76
CA VAL A 904 38.02 -36.66 -37.15
C VAL A 904 36.73 -36.76 -36.39
N GLN A 905 36.23 -35.61 -35.94
CA GLN A 905 34.98 -35.59 -35.18
C GLN A 905 33.77 -36.05 -35.97
N TRP A 906 33.90 -36.16 -37.30
CA TRP A 906 32.79 -36.63 -38.11
C TRP A 906 32.54 -38.07 -37.67
N ALA A 907 33.40 -38.98 -38.13
CA ALA A 907 33.30 -40.41 -37.80
C ALA A 907 33.11 -40.72 -36.31
N ASP A 908 33.42 -39.75 -35.46
CA ASP A 908 33.23 -39.96 -34.02
C ASP A 908 31.71 -39.80 -33.87
N LEU A 909 31.24 -38.65 -34.33
CA LEU A 909 29.82 -38.30 -34.29
C LEU A 909 29.03 -39.21 -35.20
N VAL A 910 29.39 -40.49 -35.25
CA VAL A 910 28.68 -41.47 -36.09
C VAL A 910 29.01 -42.86 -35.55
N ILE A 911 30.13 -42.95 -34.85
CA ILE A 911 30.53 -44.21 -34.26
C ILE A 911 29.92 -44.24 -32.85
N CYS A 912 29.60 -43.05 -32.36
CA CYS A 912 28.98 -42.86 -31.06
C CYS A 912 27.49 -42.65 -31.29
N LYS A 913 27.09 -42.59 -32.56
CA LYS A 913 25.69 -42.40 -32.89
C LYS A 913 24.99 -43.68 -32.44
N THR A 914 25.68 -44.80 -32.56
CA THR A 914 25.15 -46.07 -32.14
C THR A 914 26.03 -46.64 -31.03
N ARG A 915 25.47 -47.54 -30.21
CA ARG A 915 26.21 -48.14 -29.09
C ARG A 915 26.40 -49.65 -29.24
N ARG A 916 25.78 -50.23 -30.27
CA ARG A 916 25.90 -51.67 -30.48
C ARG A 916 25.43 -52.13 -31.84
N ASN A 917 25.05 -51.21 -32.71
CA ASN A 917 24.56 -51.60 -34.03
C ASN A 917 25.25 -50.89 -35.18
N SER A 918 25.67 -51.67 -36.16
CA SER A 918 26.34 -51.10 -37.34
C SER A 918 25.45 -50.02 -37.91
N VAL A 919 26.03 -48.86 -38.16
CA VAL A 919 25.29 -47.76 -38.73
C VAL A 919 24.54 -48.30 -39.95
N PHE A 920 24.90 -49.52 -40.37
CA PHE A 920 24.26 -50.18 -41.51
C PHE A 920 22.84 -50.62 -41.17
N GLN A 921 22.69 -51.75 -40.46
CA GLN A 921 21.37 -52.24 -40.07
C GLN A 921 20.86 -51.40 -38.90
N GLN A 922 21.07 -50.09 -39.00
CA GLN A 922 20.66 -49.11 -37.99
C GLN A 922 20.46 -47.71 -38.57
N GLY A 923 19.31 -47.14 -38.25
CA GLY A 923 18.98 -45.83 -38.75
C GLY A 923 20.15 -44.88 -38.77
N MET A 924 20.30 -44.23 -39.92
CA MET A 924 21.32 -43.23 -40.14
C MET A 924 20.48 -42.03 -40.58
N LYS A 925 19.30 -41.91 -39.97
CA LYS A 925 18.38 -40.84 -40.33
C LYS A 925 18.20 -39.75 -39.29
N ASN A 926 19.28 -39.40 -38.60
CA ASN A 926 19.19 -38.35 -37.60
C ASN A 926 19.22 -37.01 -38.31
N LYS A 927 18.10 -36.66 -38.91
CA LYS A 927 17.99 -35.39 -39.62
C LYS A 927 18.78 -34.31 -38.88
N ILE A 928 18.52 -34.14 -37.58
CA ILE A 928 19.22 -33.12 -36.82
C ILE A 928 20.73 -33.23 -36.95
N LEU A 929 21.29 -34.30 -36.40
CA LEU A 929 22.73 -34.57 -36.45
C LEU A 929 23.27 -34.16 -37.81
N ILE A 930 22.90 -34.92 -38.83
CA ILE A 930 23.31 -34.65 -40.19
C ILE A 930 23.42 -33.15 -40.41
N PHE A 931 22.27 -32.47 -40.42
CA PHE A 931 22.22 -31.02 -40.61
C PHE A 931 22.69 -30.40 -39.30
N GLY A 932 24.00 -30.47 -39.13
CA GLY A 932 24.69 -29.95 -37.97
C GLY A 932 26.11 -30.44 -38.17
N LEU A 933 26.20 -31.68 -38.62
CA LEU A 933 27.45 -32.30 -38.91
C LEU A 933 28.05 -31.40 -39.98
N PHE A 934 27.16 -30.80 -40.77
CA PHE A 934 27.56 -29.86 -41.82
C PHE A 934 27.63 -28.48 -41.18
N GLU A 935 26.68 -28.20 -40.29
CA GLU A 935 26.60 -26.92 -39.60
C GLU A 935 27.81 -26.76 -38.68
N GLU A 936 28.61 -27.83 -38.59
CA GLU A 936 29.84 -27.85 -37.78
C GLU A 936 31.02 -27.67 -38.72
N THR A 937 31.15 -28.65 -39.61
CA THR A 937 32.18 -28.74 -40.63
C THR A 937 32.29 -27.42 -41.38
N ALA A 938 31.14 -26.80 -41.62
CA ALA A 938 31.06 -25.53 -42.31
C ALA A 938 31.58 -24.42 -41.43
N LEU A 939 31.00 -24.26 -40.25
CA LEU A 939 31.46 -23.22 -39.33
C LEU A 939 32.97 -23.29 -39.38
N ALA A 940 33.49 -24.50 -39.20
CA ALA A 940 34.93 -24.78 -39.22
C ALA A 940 35.58 -23.89 -40.26
N ALA A 941 35.17 -24.08 -41.51
CA ALA A 941 35.70 -23.31 -42.61
C ALA A 941 35.49 -21.81 -42.42
N PHE A 942 34.29 -21.39 -42.03
CA PHE A 942 34.05 -19.97 -41.85
C PHE A 942 34.95 -19.42 -40.77
N LEU A 943 35.29 -20.28 -39.82
CA LEU A 943 36.14 -19.89 -38.73
C LEU A 943 37.59 -19.97 -39.20
N SER A 944 37.78 -20.63 -40.35
CA SER A 944 39.11 -20.80 -40.92
C SER A 944 39.42 -19.88 -42.10
N TYR A 945 38.44 -19.09 -42.53
CA TYR A 945 38.64 -18.15 -43.63
C TYR A 945 37.98 -16.82 -43.31
N CYS A 946 37.38 -16.72 -42.12
CA CYS A 946 36.72 -15.49 -41.66
C CYS A 946 37.64 -14.29 -41.78
N PRO A 947 37.51 -13.52 -42.87
CA PRO A 947 38.28 -12.33 -43.23
C PRO A 947 38.39 -11.18 -42.21
N GLY A 948 39.04 -11.44 -41.09
CA GLY A 948 39.18 -10.39 -40.10
C GLY A 948 39.41 -10.95 -38.72
N MET A 949 38.38 -11.56 -38.15
CA MET A 949 38.48 -12.15 -36.83
C MET A 949 39.64 -13.16 -36.88
N GLY A 950 40.04 -13.53 -38.10
CA GLY A 950 41.14 -14.46 -38.28
C GLY A 950 42.38 -13.93 -37.58
N VAL A 951 42.29 -12.69 -37.11
CA VAL A 951 43.38 -12.04 -36.39
C VAL A 951 43.42 -12.66 -34.99
N ALA A 952 42.31 -12.53 -34.26
CA ALA A 952 42.20 -13.10 -32.93
C ALA A 952 42.03 -14.60 -33.07
N LEU A 953 42.30 -15.10 -34.27
CA LEU A 953 42.16 -16.51 -34.55
C LEU A 953 43.23 -16.99 -35.53
N ARG A 954 42.91 -18.06 -36.24
CA ARG A 954 43.79 -18.71 -37.19
C ARG A 954 43.70 -18.17 -38.62
N MET A 955 44.14 -18.94 -39.62
CA MET A 955 44.10 -18.44 -41.01
C MET A 955 43.81 -19.38 -42.18
N TYR A 956 43.76 -18.74 -43.35
CA TYR A 956 43.51 -19.35 -44.65
C TYR A 956 44.34 -20.58 -44.97
N PRO A 957 43.75 -21.77 -44.85
CA PRO A 957 44.54 -22.96 -45.18
C PRO A 957 44.27 -23.31 -46.64
N LEU A 958 45.11 -24.15 -47.22
CA LEU A 958 45.03 -24.57 -48.61
C LEU A 958 43.93 -25.60 -48.89
N LYS A 959 42.68 -25.12 -48.96
CA LYS A 959 41.49 -25.94 -49.20
C LYS A 959 41.74 -27.30 -49.83
N PRO A 960 42.49 -27.34 -50.95
CA PRO A 960 42.76 -28.63 -51.60
C PRO A 960 43.38 -29.71 -50.70
N THR A 961 44.22 -29.31 -49.75
CA THR A 961 44.84 -30.31 -48.89
C THR A 961 45.02 -29.90 -47.42
N TRP A 962 45.05 -28.60 -47.16
CA TRP A 962 45.18 -28.16 -45.78
C TRP A 962 43.94 -28.61 -44.98
N TRP A 963 43.15 -29.51 -45.55
CA TRP A 963 41.95 -30.04 -44.91
C TRP A 963 42.01 -31.57 -44.84
N PHE A 964 42.12 -32.20 -46.00
CA PHE A 964 42.18 -33.64 -46.15
C PHE A 964 43.23 -34.38 -45.30
N CYS A 965 44.15 -33.65 -44.67
CA CYS A 965 45.20 -34.26 -43.87
C CYS A 965 44.69 -35.31 -42.88
N ALA A 966 43.76 -34.91 -42.01
CA ALA A 966 43.22 -35.83 -41.01
C ALA A 966 42.33 -36.88 -41.66
N PHE A 967 41.74 -36.48 -42.77
CA PHE A 967 40.84 -37.32 -43.57
C PHE A 967 41.22 -38.80 -43.59
N PRO A 968 42.52 -39.10 -43.74
CA PRO A 968 42.97 -40.50 -43.77
C PRO A 968 42.69 -41.18 -42.46
N TYR A 969 42.62 -40.38 -41.39
CA TYR A 969 42.36 -40.88 -40.05
C TYR A 969 40.89 -41.07 -39.71
N SER A 970 40.08 -40.03 -39.91
CA SER A 970 38.65 -40.11 -39.61
C SER A 970 38.16 -41.50 -39.97
N LEU A 971 38.63 -42.00 -41.11
CA LEU A 971 38.26 -43.32 -41.59
C LEU A 971 38.59 -44.43 -40.58
N LEU A 972 39.88 -44.64 -40.29
CA LEU A 972 40.28 -45.68 -39.36
C LEU A 972 39.35 -45.69 -38.17
N ILE A 973 39.03 -44.50 -37.69
CA ILE A 973 38.10 -44.38 -36.58
C ILE A 973 36.89 -45.22 -36.96
N PHE A 974 36.05 -44.64 -37.81
CA PHE A 974 34.83 -45.26 -38.32
C PHE A 974 35.03 -46.75 -38.58
N VAL A 975 36.15 -47.09 -39.19
CA VAL A 975 36.43 -48.47 -39.51
C VAL A 975 36.70 -49.28 -38.25
N TYR A 976 37.35 -48.66 -37.27
CA TYR A 976 37.68 -49.37 -36.05
C TYR A 976 36.51 -49.85 -35.21
N ASP A 977 35.86 -48.91 -34.52
CA ASP A 977 34.74 -49.26 -33.64
C ASP A 977 33.62 -50.00 -34.36
N GLU A 978 33.54 -49.81 -35.67
CA GLU A 978 32.51 -50.49 -36.44
C GLU A 978 32.70 -51.99 -36.33
N VAL A 979 33.96 -52.41 -36.29
CA VAL A 979 34.27 -53.83 -36.19
C VAL A 979 33.95 -54.34 -34.81
N ARG A 980 34.39 -53.62 -33.78
CA ARG A 980 34.12 -54.04 -32.42
C ARG A 980 32.63 -54.23 -32.19
N LYS A 981 31.81 -53.28 -32.61
CA LYS A 981 30.37 -53.43 -32.45
C LYS A 981 29.99 -54.79 -33.08
N LEU A 982 30.43 -55.01 -34.32
CA LEU A 982 30.18 -56.26 -35.02
C LEU A 982 30.93 -57.40 -34.32
N ILE A 983 31.92 -57.03 -33.53
CA ILE A 983 32.72 -57.99 -32.78
C ILE A 983 31.89 -58.34 -31.56
N ILE A 984 31.47 -57.29 -30.87
CA ILE A 984 30.64 -57.39 -29.68
C ILE A 984 29.53 -58.37 -29.95
N ARG A 985 29.02 -58.32 -31.17
CA ARG A 985 27.92 -59.15 -31.56
C ARG A 985 28.19 -60.61 -31.89
N ARG A 986 28.94 -60.89 -32.96
CA ARG A 986 29.21 -62.28 -33.32
C ARG A 986 29.50 -63.11 -32.06
N ARG A 987 30.10 -62.46 -31.06
CA ARG A 987 30.39 -63.08 -29.77
C ARG A 987 29.64 -62.21 -28.76
N PRO A 988 28.34 -62.55 -28.51
CA PRO A 988 27.41 -61.88 -27.59
C PRO A 988 27.87 -61.69 -26.16
N GLY A 989 28.14 -62.80 -25.48
CA GLY A 989 28.60 -62.74 -24.10
C GLY A 989 29.86 -61.91 -24.05
N GLY A 990 30.51 -61.82 -25.21
CA GLY A 990 31.72 -61.04 -25.36
C GLY A 990 32.88 -61.35 -24.42
N TRP A 991 34.07 -60.97 -24.88
CA TRP A 991 35.29 -61.15 -24.13
C TRP A 991 35.79 -59.73 -23.85
N VAL A 992 37.10 -59.54 -23.97
CA VAL A 992 37.72 -58.25 -23.73
C VAL A 992 36.90 -57.08 -24.33
N GLU A 993 36.32 -57.28 -25.52
CA GLU A 993 35.54 -56.23 -26.21
C GLU A 993 34.25 -55.82 -25.55
N LYS A 994 33.48 -56.81 -25.10
CA LYS A 994 32.22 -56.53 -24.43
C LYS A 994 32.57 -56.24 -22.99
N GLU A 995 33.68 -56.80 -22.54
CA GLU A 995 34.13 -56.56 -21.17
C GLU A 995 34.45 -55.06 -21.15
N THR A 996 34.81 -54.56 -22.33
CA THR A 996 35.09 -53.15 -22.53
C THR A 996 34.18 -52.74 -23.72
N TYR A 997 32.91 -53.05 -23.46
CA TYR A 997 31.74 -52.80 -24.32
C TYR A 997 31.64 -51.29 -24.29
N TYR A 998 30.78 -50.77 -23.42
CA TYR A 998 30.59 -49.33 -23.28
C TYR A 998 29.21 -48.98 -22.73
N THR B 1 40.98 -55.26 -8.27
CA THR B 1 40.17 -54.27 -9.06
C THR B 1 39.69 -54.85 -10.43
N GLY B 2 40.23 -56.03 -10.78
CA GLY B 2 39.91 -56.74 -12.01
C GLY B 2 40.64 -58.09 -12.00
N GLY B 3 39.90 -59.18 -12.23
CA GLY B 3 40.49 -60.52 -12.21
C GLY B 3 41.93 -60.70 -12.68
N SER B 4 42.11 -60.71 -14.00
CA SER B 4 43.42 -60.84 -14.65
C SER B 4 43.68 -59.45 -15.18
N TRP B 5 43.84 -58.53 -14.24
CA TRP B 5 44.06 -57.13 -14.53
C TRP B 5 45.16 -56.91 -15.58
N PHE B 6 45.85 -57.99 -15.97
CA PHE B 6 46.95 -57.95 -16.94
C PHE B 6 46.60 -57.89 -18.44
N LYS B 7 45.77 -58.81 -18.92
CA LYS B 7 45.38 -58.83 -20.33
C LYS B 7 44.92 -57.46 -20.83
N ILE B 8 44.11 -56.79 -20.03
CA ILE B 8 43.60 -55.48 -20.40
C ILE B 8 44.73 -54.55 -20.81
N LEU B 9 45.89 -54.71 -20.18
CA LEU B 9 47.06 -53.88 -20.49
C LEU B 9 47.75 -54.41 -21.72
N LEU B 10 47.91 -55.73 -21.77
CA LEU B 10 48.55 -56.34 -22.92
C LEU B 10 47.86 -55.86 -24.20
N PHE B 11 46.60 -56.21 -24.40
CA PHE B 11 45.94 -55.77 -25.61
C PHE B 11 45.66 -54.28 -25.56
N TYR B 12 46.64 -53.59 -24.97
CA TYR B 12 46.59 -52.17 -24.87
C TYR B 12 47.86 -51.55 -25.44
N VAL B 13 48.99 -52.26 -25.32
CA VAL B 13 50.24 -51.75 -25.88
C VAL B 13 50.26 -52.06 -27.36
N ILE B 14 49.74 -53.24 -27.69
CA ILE B 14 49.66 -53.68 -29.08
C ILE B 14 48.90 -52.59 -29.81
N PHE B 15 47.92 -52.02 -29.12
CA PHE B 15 47.13 -50.95 -29.70
C PHE B 15 48.05 -49.78 -29.99
N TYR B 16 48.74 -49.26 -28.97
CA TYR B 16 49.66 -48.15 -29.24
C TYR B 16 50.74 -48.67 -30.15
N GLY B 17 50.89 -49.99 -30.18
CA GLY B 17 51.88 -50.59 -31.05
C GLY B 17 51.50 -50.17 -32.44
N CYS B 18 50.49 -50.83 -32.98
CA CYS B 18 50.00 -50.54 -34.32
C CYS B 18 49.64 -49.05 -34.50
N LEU B 19 49.04 -48.44 -33.48
CA LEU B 19 48.67 -47.04 -33.59
C LEU B 19 49.91 -46.18 -33.81
N ALA B 20 51.07 -46.70 -33.44
CA ALA B 20 52.32 -45.96 -33.58
C ALA B 20 52.95 -46.05 -34.98
N GLY B 21 53.19 -47.28 -35.43
CA GLY B 21 53.75 -47.48 -36.76
C GLY B 21 52.86 -46.76 -37.75
N ILE B 22 51.56 -46.79 -37.48
CA ILE B 22 50.60 -46.12 -38.35
C ILE B 22 50.96 -44.64 -38.42
N PHE B 23 51.45 -44.08 -37.32
CA PHE B 23 51.83 -42.67 -37.31
C PHE B 23 53.11 -42.54 -38.11
N ILE B 24 53.97 -43.52 -37.88
CA ILE B 24 55.25 -43.59 -38.57
C ILE B 24 54.94 -43.51 -40.07
N GLY B 25 54.41 -44.59 -40.62
CA GLY B 25 54.06 -44.66 -42.04
C GLY B 25 53.40 -43.42 -42.65
N THR B 26 52.28 -42.98 -42.07
CA THR B 26 51.58 -41.81 -42.60
C THR B 26 52.54 -40.64 -42.62
N ILE B 27 53.56 -40.73 -41.79
CA ILE B 27 54.59 -39.69 -41.73
C ILE B 27 55.69 -40.03 -42.75
N GLN B 28 55.90 -41.33 -42.98
CA GLN B 28 56.92 -41.81 -43.93
C GLN B 28 56.49 -41.40 -45.33
N VAL B 29 55.43 -42.04 -45.79
CA VAL B 29 54.88 -41.73 -47.10
C VAL B 29 54.50 -40.24 -47.21
N MET B 30 54.52 -39.57 -46.07
CA MET B 30 54.20 -38.15 -46.04
C MET B 30 55.37 -37.43 -46.67
N LEU B 31 56.57 -37.85 -46.25
CA LEU B 31 57.84 -37.30 -46.70
C LEU B 31 58.23 -37.76 -48.10
N LEU B 32 57.88 -38.99 -48.41
CA LEU B 32 58.18 -39.57 -49.72
C LEU B 32 57.65 -38.67 -50.80
N THR B 33 57.11 -37.52 -50.39
CA THR B 33 56.55 -36.54 -51.30
C THR B 33 56.93 -35.11 -50.97
N ILE B 34 57.53 -34.90 -49.80
CA ILE B 34 57.92 -33.56 -49.43
C ILE B 34 58.50 -32.93 -50.67
N SER B 35 59.58 -33.56 -51.16
CA SER B 35 60.25 -33.12 -52.36
C SER B 35 61.52 -33.91 -52.61
N GLU B 36 62.61 -33.19 -52.89
CA GLU B 36 63.90 -33.77 -53.22
C GLU B 36 64.98 -33.60 -52.15
N PHE B 37 64.74 -32.68 -51.22
CA PHE B 37 65.67 -32.38 -50.14
C PHE B 37 64.92 -31.46 -49.19
N LYS B 38 63.78 -30.98 -49.71
CA LYS B 38 62.82 -30.08 -49.07
C LYS B 38 62.55 -29.01 -50.12
N PRO B 39 61.27 -28.83 -50.48
CA PRO B 39 60.91 -27.83 -51.47
C PRO B 39 61.14 -26.41 -50.98
N THR B 40 60.05 -25.74 -50.58
CA THR B 40 60.07 -24.36 -50.09
C THR B 40 58.77 -23.72 -50.57
N TYR B 41 58.12 -22.90 -49.74
CA TYR B 41 56.89 -22.28 -50.21
C TYR B 41 56.66 -20.81 -49.90
N GLN B 42 55.74 -20.26 -50.68
CA GLN B 42 55.34 -18.85 -50.65
C GLN B 42 55.48 -18.04 -49.36
N ASP B 43 56.68 -17.50 -49.17
CA ASP B 43 57.03 -16.65 -48.04
C ASP B 43 58.20 -15.81 -48.56
N ARG B 44 58.23 -14.52 -48.27
CA ARG B 44 59.32 -13.66 -48.74
C ARG B 44 59.55 -12.46 -47.82
N VAL B 45 60.66 -11.77 -48.03
CA VAL B 45 60.97 -10.59 -47.21
C VAL B 45 60.14 -9.40 -47.69
N ALA B 46 60.06 -8.36 -46.87
CA ALA B 46 59.30 -7.15 -47.20
C ALA B 46 59.53 -6.03 -46.20
N TYR C 1 45.97 -15.24 -51.79
CA TYR C 1 45.50 -16.31 -52.74
C TYR C 1 44.32 -15.75 -53.53
N GLU C 2 44.56 -15.37 -54.78
CA GLU C 2 43.50 -14.84 -55.63
C GLU C 2 42.47 -15.92 -55.99
N THR C 3 42.20 -16.83 -55.05
CA THR C 3 41.25 -17.92 -55.26
C THR C 3 40.33 -18.18 -54.07
N VAL C 4 40.89 -18.70 -52.98
CA VAL C 4 40.12 -19.01 -51.78
C VAL C 4 39.74 -17.79 -50.94
N ARG C 5 39.85 -16.60 -51.54
CA ARG C 5 39.48 -15.36 -50.85
C ARG C 5 37.96 -15.25 -50.95
N ASN C 6 37.47 -14.64 -52.03
CA ASN C 6 36.03 -14.51 -52.26
C ASN C 6 35.57 -15.76 -53.02
N GLY C 7 36.02 -16.92 -52.56
CA GLY C 7 35.67 -18.18 -53.19
C GLY C 7 35.76 -19.39 -52.28
N GLY C 8 36.47 -19.25 -51.16
CA GLY C 8 36.60 -20.35 -50.21
C GLY C 8 35.49 -20.32 -49.18
N LEU C 9 34.75 -19.20 -49.15
CA LEU C 9 33.64 -18.99 -48.23
C LEU C 9 32.30 -19.40 -48.85
N ILE C 10 32.18 -19.28 -50.17
CA ILE C 10 30.95 -19.68 -50.85
C ILE C 10 30.85 -21.18 -50.56
N PHE C 11 32.01 -21.82 -50.44
CA PHE C 11 32.08 -23.25 -50.13
C PHE C 11 31.63 -23.44 -48.68
N ALA C 12 31.71 -22.35 -47.92
CA ALA C 12 31.30 -22.34 -46.52
C ALA C 12 29.84 -21.87 -46.48
N ALA C 13 29.11 -22.18 -47.55
CA ALA C 13 27.72 -21.78 -47.67
C ALA C 13 26.89 -22.79 -48.46
N LEU C 14 27.43 -23.98 -48.65
CA LEU C 14 26.69 -25.01 -49.39
C LEU C 14 26.01 -25.96 -48.40
N ALA C 15 26.58 -26.07 -47.19
CA ALA C 15 26.01 -26.94 -46.15
C ALA C 15 25.53 -26.15 -44.93
N PHE C 16 25.60 -24.82 -45.03
CA PHE C 16 25.13 -23.93 -43.97
C PHE C 16 23.74 -23.49 -44.38
N ILE C 17 23.59 -23.11 -45.65
CA ILE C 17 22.31 -22.67 -46.20
C ILE C 17 21.30 -23.81 -46.15
N VAL C 18 21.75 -24.98 -45.71
CA VAL C 18 20.86 -26.12 -45.58
C VAL C 18 20.45 -26.17 -44.10
N GLY C 19 20.69 -25.05 -43.41
CA GLY C 19 20.37 -24.93 -42.00
C GLY C 19 19.12 -24.12 -41.70
N LEU C 20 18.80 -23.17 -42.58
CA LEU C 20 17.61 -22.34 -42.42
C LEU C 20 16.78 -22.46 -43.71
N ILE C 21 17.03 -23.54 -44.45
CA ILE C 21 16.35 -23.84 -45.70
C ILE C 21 15.99 -25.33 -45.86
N ILE C 22 16.80 -26.23 -45.29
CA ILE C 22 16.51 -27.67 -45.39
C ILE C 22 16.32 -28.38 -44.04
N ILE C 23 16.98 -27.91 -42.99
CA ILE C 23 16.81 -28.54 -41.67
C ILE C 23 15.53 -27.93 -41.12
N LEU C 24 15.28 -26.68 -41.49
CA LEU C 24 14.08 -25.98 -41.07
C LEU C 24 12.94 -26.59 -41.88
N SER C 25 13.29 -27.60 -42.67
CA SER C 25 12.33 -28.31 -43.51
C SER C 25 12.23 -29.79 -43.15
N LYS C 26 11.66 -30.06 -41.98
CA LYS C 26 11.44 -31.40 -41.49
C LYS C 26 9.98 -31.44 -41.03
N ARG C 27 9.34 -30.27 -41.06
CA ARG C 27 7.94 -30.09 -40.67
C ARG C 27 7.01 -30.49 -41.82
N LEU C 28 7.35 -30.10 -43.05
CA LEU C 28 6.55 -30.43 -44.24
C LEU C 28 6.82 -31.87 -44.67
N ARG C 29 7.43 -32.65 -43.78
CA ARG C 29 7.76 -34.04 -44.06
C ARG C 29 6.53 -34.89 -44.39
N ALA D 1 -27.22 15.65 -8.15
CA ALA D 1 -26.25 16.65 -8.68
C ALA D 1 -26.96 17.78 -9.42
N LYS D 2 -27.41 18.79 -8.67
CA LYS D 2 -28.12 19.94 -9.26
C LYS D 2 -27.33 21.23 -9.00
N LYS D 3 -28.03 22.35 -8.89
CA LYS D 3 -27.37 23.64 -8.64
C LYS D 3 -26.72 23.73 -7.26
N GLU D 4 -26.36 24.94 -6.87
CA GLU D 4 -25.73 25.18 -5.57
C GLU D 4 -26.75 25.53 -4.50
N ARG D 5 -27.84 26.17 -4.92
CA ARG D 5 -28.90 26.54 -4.00
C ARG D 5 -29.60 25.26 -3.55
N ASP D 6 -28.94 24.13 -3.76
CA ASP D 6 -29.47 22.82 -3.40
C ASP D 6 -28.33 21.88 -2.97
N MET D 7 -27.24 21.88 -3.72
CA MET D 7 -26.09 21.02 -3.42
C MET D 7 -25.36 21.51 -2.15
N ASP D 8 -25.64 22.75 -1.76
CA ASP D 8 -25.02 23.33 -0.58
C ASP D 8 -25.95 24.38 0.05
N GLU D 9 -27.25 24.17 -0.12
CA GLU D 9 -28.28 25.07 0.40
C GLU D 9 -29.53 24.26 0.76
N LEU D 10 -29.31 22.98 1.07
CA LEU D 10 -30.40 22.11 1.44
C LEU D 10 -30.26 21.78 2.93
N LYS D 11 -29.78 22.76 3.69
CA LYS D 11 -29.59 22.60 5.13
C LYS D 11 -30.35 23.70 5.85
N LYS D 12 -31.19 24.42 5.12
CA LYS D 12 -32.01 25.47 5.71
C LYS D 12 -33.16 24.73 6.39
N GLU D 13 -33.09 23.41 6.28
CA GLU D 13 -34.09 22.50 6.83
C GLU D 13 -33.32 21.57 7.75
N VAL D 14 -34.02 20.83 8.61
CA VAL D 14 -33.32 19.97 9.56
C VAL D 14 -33.93 18.55 9.80
N SER D 15 -35.23 18.55 10.04
CA SER D 15 -35.98 17.32 10.32
C SER D 15 -35.88 16.21 9.27
N MET D 16 -37.03 15.57 9.04
CA MET D 16 -37.17 14.48 8.10
C MET D 16 -36.59 13.22 8.72
N ASP D 17 -37.33 12.60 9.66
CA ASP D 17 -36.86 11.37 10.31
C ASP D 17 -37.97 10.36 10.73
N ASP D 18 -37.60 9.07 10.72
CA ASP D 18 -38.49 7.96 11.10
C ASP D 18 -37.76 7.12 12.13
N HIS D 19 -38.18 7.35 13.36
CA HIS D 19 -37.61 6.76 14.55
C HIS D 19 -38.76 6.84 15.53
N LYS D 20 -39.87 7.42 15.09
CA LYS D 20 -41.02 7.52 15.96
C LYS D 20 -42.03 6.53 15.39
N LEU D 21 -41.53 5.33 15.14
CA LEU D 21 -42.33 4.25 14.59
C LEU D 21 -42.08 2.92 15.33
N SER D 22 -43.13 2.11 15.40
CA SER D 22 -43.09 0.79 16.05
C SER D 22 -41.99 -0.08 15.52
N LEU D 23 -41.40 -0.89 16.40
CA LEU D 23 -40.32 -1.76 15.98
C LEU D 23 -40.77 -2.57 14.78
N ASP D 24 -42.07 -2.84 14.74
CA ASP D 24 -42.65 -3.60 13.65
C ASP D 24 -42.43 -2.77 12.39
N GLU D 25 -42.90 -1.52 12.42
CA GLU D 25 -42.76 -0.61 11.30
C GLU D 25 -41.29 -0.47 10.90
N LEU D 26 -40.43 -0.32 11.90
CA LEU D 26 -39.00 -0.19 11.70
C LEU D 26 -38.53 -1.41 10.92
N HIS D 27 -38.67 -2.57 11.56
CA HIS D 27 -38.29 -3.85 10.97
C HIS D 27 -38.72 -3.93 9.51
N ARG D 28 -39.98 -3.58 9.26
CA ARG D 28 -40.54 -3.62 7.91
C ARG D 28 -39.82 -2.64 6.98
N LYS D 29 -39.65 -1.40 7.44
CA LYS D 29 -38.98 -0.37 6.64
C LYS D 29 -37.61 -0.80 6.11
N TYR D 30 -36.78 -1.36 6.98
CA TYR D 30 -35.44 -1.81 6.58
C TYR D 30 -35.37 -3.29 6.28
N GLY D 31 -36.46 -3.99 6.55
CA GLY D 31 -36.51 -5.42 6.31
C GLY D 31 -35.28 -6.06 6.93
N THR D 32 -35.20 -5.97 8.25
CA THR D 32 -34.05 -6.53 8.95
C THR D 32 -34.40 -7.12 10.30
N ASP D 33 -34.06 -8.40 10.49
CA ASP D 33 -34.33 -9.08 11.76
C ASP D 33 -33.68 -8.29 12.90
N LEU D 34 -34.51 -7.76 13.80
CA LEU D 34 -34.02 -6.97 14.92
C LEU D 34 -33.28 -7.67 16.03
N SER D 35 -32.59 -8.77 15.71
CA SER D 35 -31.84 -9.48 16.72
C SER D 35 -30.91 -10.52 16.10
N ARG D 36 -31.32 -11.09 14.97
CA ARG D 36 -30.48 -12.07 14.30
C ARG D 36 -29.54 -11.23 13.46
N GLY D 37 -29.95 -9.98 13.27
CA GLY D 37 -29.18 -9.03 12.49
C GLY D 37 -29.63 -8.94 11.04
N LEU D 38 -28.65 -8.88 10.15
CA LEU D 38 -28.90 -8.77 8.73
C LEU D 38 -28.07 -9.86 8.04
N THR D 39 -28.46 -10.25 6.83
CA THR D 39 -27.74 -11.28 6.09
C THR D 39 -26.48 -10.72 5.43
N PRO D 40 -25.33 -11.41 5.58
CA PRO D 40 -24.07 -10.91 4.97
C PRO D 40 -24.25 -10.70 3.48
N ALA D 41 -24.96 -11.64 2.86
CA ALA D 41 -25.22 -11.55 1.42
C ALA D 41 -25.91 -10.21 1.18
N ARG D 42 -26.98 -9.99 1.93
CA ARG D 42 -27.77 -8.77 1.86
C ARG D 42 -26.92 -7.55 2.18
N ALA D 43 -25.96 -7.75 3.08
CA ALA D 43 -25.05 -6.69 3.50
C ALA D 43 -24.40 -6.05 2.28
N ALA D 44 -23.47 -6.78 1.67
CA ALA D 44 -22.77 -6.29 0.49
C ALA D 44 -23.76 -5.89 -0.60
N GLU D 45 -24.83 -6.66 -0.72
CA GLU D 45 -25.86 -6.38 -1.72
C GLU D 45 -26.32 -4.93 -1.58
N ILE D 46 -26.09 -4.37 -0.39
CA ILE D 46 -26.46 -2.99 -0.15
C ILE D 46 -25.27 -2.04 -0.27
N LEU D 47 -24.10 -2.47 0.20
CA LEU D 47 -22.93 -1.61 0.12
C LEU D 47 -22.55 -1.32 -1.33
N ALA D 48 -22.61 -2.34 -2.17
CA ALA D 48 -22.28 -2.19 -3.59
C ALA D 48 -23.39 -1.42 -4.30
N ARG D 49 -24.43 -1.08 -3.55
CA ARG D 49 -25.57 -0.33 -4.08
C ARG D 49 -25.57 1.10 -3.54
N ASP D 50 -25.50 1.22 -2.22
CA ASP D 50 -25.51 2.53 -1.53
C ASP D 50 -24.18 3.28 -1.47
N GLY D 51 -23.07 2.56 -1.32
CA GLY D 51 -21.78 3.22 -1.27
C GLY D 51 -21.21 3.49 0.13
N PRO D 52 -20.06 2.87 0.46
CA PRO D 52 -19.31 2.93 1.71
C PRO D 52 -19.72 4.00 2.72
N ASN D 53 -19.67 3.63 3.99
CA ASN D 53 -19.99 4.53 5.09
C ASN D 53 -18.75 5.33 5.43
N ALA D 54 -18.61 6.49 4.81
CA ALA D 54 -17.47 7.35 5.04
C ALA D 54 -17.63 8.65 4.26
N LEU D 55 -16.93 9.67 4.70
CA LEU D 55 -16.98 10.96 4.05
C LEU D 55 -15.88 11.08 3.02
N THR D 56 -16.08 11.96 2.05
CA THR D 56 -15.10 12.18 0.99
C THR D 56 -14.69 13.64 0.87
N PRO D 57 -13.41 13.95 1.14
CA PRO D 57 -12.94 15.33 1.05
C PRO D 57 -13.33 15.97 -0.28
N PRO D 58 -13.48 17.30 -0.29
CA PRO D 58 -13.87 17.97 -1.54
C PRO D 58 -12.78 17.81 -2.61
N PRO D 59 -13.20 17.71 -3.88
CA PRO D 59 -12.24 17.56 -4.99
C PRO D 59 -11.38 18.79 -5.09
N THR D 60 -10.23 18.77 -4.43
CA THR D 60 -9.35 19.93 -4.46
C THR D 60 -7.91 19.64 -4.07
N THR D 61 -6.99 20.11 -4.91
CA THR D 61 -5.56 19.95 -4.71
C THR D 61 -4.81 20.87 -5.68
N PRO D 62 -5.37 22.08 -5.97
CA PRO D 62 -4.66 22.96 -6.89
C PRO D 62 -3.62 23.81 -6.16
N GLU D 63 -2.35 23.45 -6.34
CA GLU D 63 -1.24 24.14 -5.69
C GLU D 63 -0.67 25.32 -6.47
N TRP D 64 -0.44 25.12 -7.76
CA TRP D 64 0.11 26.18 -8.59
C TRP D 64 -0.87 27.33 -8.74
N VAL D 65 -2.04 27.03 -9.30
CA VAL D 65 -3.06 28.05 -9.55
C VAL D 65 -3.01 29.15 -8.49
N LYS D 66 -2.72 28.78 -7.25
CA LYS D 66 -2.65 29.76 -6.17
C LYS D 66 -1.37 30.58 -6.29
N PHE D 67 -0.25 29.92 -6.59
CA PHE D 67 1.03 30.60 -6.76
C PHE D 67 1.00 31.37 -8.08
N CYS D 68 -0.18 31.37 -8.70
CA CYS D 68 -0.39 32.05 -9.98
C CYS D 68 -1.55 33.04 -9.85
N ARG D 69 -1.55 33.79 -8.76
CA ARG D 69 -2.58 34.79 -8.54
C ARG D 69 -2.01 36.04 -9.19
N GLN D 70 -0.70 36.00 -9.43
CA GLN D 70 0.01 37.12 -10.02
C GLN D 70 -0.41 37.56 -11.43
N LEU D 71 -0.82 36.62 -12.29
CA LEU D 71 -1.21 37.00 -13.65
C LEU D 71 -2.49 37.83 -13.66
N PHE D 72 -2.52 38.77 -12.73
CA PHE D 72 -3.60 39.71 -12.51
C PHE D 72 -3.12 40.33 -11.21
N GLY D 73 -2.48 39.48 -10.41
CA GLY D 73 -1.94 39.88 -9.13
C GLY D 73 -1.39 41.29 -9.04
N GLY D 74 -2.01 42.08 -8.18
CA GLY D 74 -1.59 43.45 -8.00
C GLY D 74 -1.68 44.22 -9.30
N PHE D 75 -0.53 44.66 -9.78
CA PHE D 75 -0.49 45.41 -11.02
C PHE D 75 0.32 44.64 -12.05
N SER D 76 0.48 43.33 -11.81
CA SER D 76 1.25 42.47 -12.71
C SER D 76 0.73 42.43 -14.16
N MET D 77 -0.44 43.01 -14.40
CA MET D 77 -0.96 43.05 -15.75
C MET D 77 -0.08 44.00 -16.56
N LEU D 78 -0.08 45.29 -16.19
CA LEU D 78 0.74 46.29 -16.87
C LEU D 78 2.19 45.88 -16.88
N LEU D 79 2.63 45.32 -15.76
CA LEU D 79 4.00 44.86 -15.63
C LEU D 79 4.25 43.83 -16.73
N TRP D 80 3.34 42.90 -16.90
CA TRP D 80 3.50 41.89 -17.93
C TRP D 80 3.41 42.54 -19.31
N ILE D 81 2.34 43.31 -19.54
CA ILE D 81 2.13 44.00 -20.81
C ILE D 81 3.26 44.99 -21.00
N GLY D 82 3.94 45.32 -19.90
CA GLY D 82 5.05 46.23 -19.98
C GLY D 82 6.31 45.47 -20.30
N ALA D 83 6.74 44.60 -19.39
CA ALA D 83 7.97 43.82 -19.58
C ALA D 83 7.96 42.93 -20.82
N ILE D 84 6.83 42.87 -21.51
CA ILE D 84 6.74 42.10 -22.74
C ILE D 84 6.98 43.15 -23.83
N LEU D 85 6.34 44.31 -23.66
CA LEU D 85 6.47 45.41 -24.61
C LEU D 85 7.91 45.92 -24.55
N CYS D 86 8.48 45.95 -23.34
CA CYS D 86 9.85 46.40 -23.19
C CYS D 86 10.76 45.18 -23.34
N PHE D 87 10.17 44.08 -23.80
CA PHE D 87 10.92 42.86 -24.05
C PHE D 87 10.95 42.77 -25.57
N LEU D 88 10.19 43.67 -26.19
CA LEU D 88 10.10 43.77 -27.63
C LEU D 88 11.13 44.80 -28.05
N ALA D 89 11.34 45.79 -27.19
CA ALA D 89 12.32 46.84 -27.46
C ALA D 89 13.62 46.20 -27.94
N TYR D 90 14.24 45.39 -27.09
CA TYR D 90 15.49 44.71 -27.43
C TYR D 90 15.41 43.97 -28.76
N GLY D 91 14.19 43.80 -29.26
CA GLY D 91 14.01 43.11 -30.52
C GLY D 91 14.10 44.08 -31.69
N ILE D 92 13.24 45.10 -31.68
CA ILE D 92 13.21 46.11 -32.73
C ILE D 92 14.52 46.90 -32.76
N GLN D 93 15.62 46.22 -33.05
CA GLN D 93 16.93 46.85 -33.13
C GLN D 93 17.60 46.45 -34.44
N ALA D 94 18.44 47.32 -34.97
CA ALA D 94 19.14 47.06 -36.23
C ALA D 94 20.63 46.79 -36.09
N ALA D 95 21.45 47.81 -36.42
CA ALA D 95 22.91 47.69 -36.36
C ALA D 95 23.45 47.09 -35.07
N THR D 96 23.45 45.74 -35.00
CA THR D 96 23.94 45.01 -33.83
C THR D 96 23.52 45.64 -32.50
N GLU D 97 22.37 45.20 -31.97
CA GLU D 97 21.83 45.70 -30.71
C GLU D 97 22.93 46.26 -29.80
N GLU D 98 23.26 47.53 -30.02
CA GLU D 98 24.30 48.24 -29.28
C GLU D 98 24.00 48.21 -27.78
N GLU D 99 24.15 49.36 -27.13
CA GLU D 99 23.88 49.43 -25.70
C GLU D 99 22.45 48.98 -25.42
N PRO D 100 21.51 49.24 -26.36
CA PRO D 100 20.13 48.80 -26.12
C PRO D 100 20.07 47.30 -25.82
N GLN D 101 21.23 46.65 -25.88
CA GLN D 101 21.35 45.22 -25.58
C GLN D 101 21.28 45.13 -24.06
N ASN D 102 22.02 46.02 -23.40
CA ASN D 102 22.05 46.09 -21.94
C ASN D 102 20.66 46.51 -21.47
N ASP D 103 20.24 47.73 -21.83
CA ASP D 103 18.93 48.23 -21.45
C ASP D 103 17.85 47.35 -22.08
N ASN D 104 16.59 47.73 -21.86
CA ASN D 104 15.45 47.00 -22.42
C ASN D 104 15.45 45.51 -22.04
N LEU D 105 16.29 44.73 -22.72
CA LEU D 105 16.37 43.30 -22.44
C LEU D 105 16.47 43.09 -20.94
N TYR D 106 17.35 43.86 -20.30
CA TYR D 106 17.51 43.75 -18.85
C TYR D 106 16.30 44.27 -18.11
N LEU D 107 15.81 45.45 -18.50
CA LEU D 107 14.64 46.03 -17.84
C LEU D 107 13.43 45.14 -18.06
N GLY D 108 13.51 44.25 -19.05
CA GLY D 108 12.41 43.34 -19.32
C GLY D 108 12.45 42.18 -18.32
N VAL D 109 13.64 41.60 -18.17
CA VAL D 109 13.86 40.49 -17.25
C VAL D 109 13.76 40.98 -15.81
N VAL D 110 14.05 42.25 -15.58
CA VAL D 110 13.96 42.79 -14.24
C VAL D 110 12.49 42.95 -13.88
N LEU D 111 11.76 43.74 -14.66
CA LEU D 111 10.33 43.92 -14.39
C LEU D 111 9.67 42.55 -14.42
N SER D 112 10.33 41.61 -15.10
CA SER D 112 9.86 40.25 -15.22
C SER D 112 9.89 39.55 -13.85
N ALA D 113 11.08 39.50 -13.26
CA ALA D 113 11.24 38.88 -11.95
C ALA D 113 10.28 39.55 -10.97
N VAL D 114 10.23 40.87 -11.00
CA VAL D 114 9.35 41.65 -10.12
C VAL D 114 7.96 41.02 -10.00
N VAL D 115 7.26 40.93 -11.13
CA VAL D 115 5.93 40.32 -11.16
C VAL D 115 5.97 39.03 -10.36
N ILE D 116 6.90 38.15 -10.73
CA ILE D 116 7.06 36.88 -10.05
C ILE D 116 7.15 37.07 -8.53
N ILE D 117 8.01 37.99 -8.10
CA ILE D 117 8.20 38.24 -6.68
C ILE D 117 7.05 38.99 -6.04
N THR D 118 6.44 39.90 -6.80
CA THR D 118 5.33 40.67 -6.27
C THR D 118 4.17 39.70 -6.04
N GLY D 119 4.34 38.46 -6.47
CA GLY D 119 3.30 37.46 -6.31
C GLY D 119 3.46 36.66 -5.04
N CYS D 120 4.67 36.25 -4.73
CA CYS D 120 4.96 35.49 -3.53
C CYS D 120 4.44 36.20 -2.28
N PHE D 121 4.28 37.52 -2.38
CA PHE D 121 3.76 38.29 -1.26
C PHE D 121 2.26 38.37 -1.45
N SER D 122 1.83 38.30 -2.70
CA SER D 122 0.41 38.34 -3.03
C SER D 122 0.01 36.86 -3.03
N TYR D 123 0.76 36.08 -2.26
CA TYR D 123 0.55 34.65 -2.10
C TYR D 123 0.63 34.32 -0.61
N TYR D 124 1.79 34.60 -0.02
CA TYR D 124 1.97 34.34 1.40
C TYR D 124 0.88 35.06 2.19
N GLN D 125 0.01 35.79 1.48
CA GLN D 125 -1.08 36.51 2.13
C GLN D 125 -2.31 35.60 2.27
N GLU D 126 -2.30 34.50 1.55
CA GLU D 126 -3.38 33.54 1.60
C GLU D 126 -2.83 32.11 1.58
N ALA D 127 -2.13 31.74 2.65
CA ALA D 127 -1.53 30.41 2.76
C ALA D 127 -2.63 29.38 2.55
N LYS D 128 -2.26 28.22 2.00
CA LYS D 128 -3.22 27.16 1.74
C LYS D 128 -4.16 26.98 2.93
N SER D 129 -5.36 27.52 2.80
CA SER D 129 -6.37 27.47 3.86
C SER D 129 -7.51 26.51 3.52
N SER D 130 -7.52 25.33 4.15
CA SER D 130 -8.56 24.33 3.90
C SER D 130 -8.54 23.20 4.93
N LYS D 131 -9.14 22.08 4.58
CA LYS D 131 -9.18 20.88 5.43
C LYS D 131 -10.13 20.85 6.62
N ILE D 132 -11.43 20.75 6.35
CA ILE D 132 -12.43 20.67 7.42
C ILE D 132 -12.86 19.20 7.45
N MET D 133 -13.51 18.80 6.36
CA MET D 133 -13.98 17.44 6.17
C MET D 133 -12.93 16.50 6.70
N GLU D 134 -11.68 16.96 6.66
CA GLU D 134 -10.56 16.19 7.14
C GLU D 134 -10.89 15.59 8.51
N SER D 135 -10.95 16.43 9.53
CA SER D 135 -11.25 15.98 10.88
C SER D 135 -12.56 15.23 10.94
N PHE D 136 -13.57 15.80 10.33
CA PHE D 136 -14.85 15.13 10.34
C PHE D 136 -14.72 13.65 10.01
N LYS D 137 -14.22 13.36 8.82
CA LYS D 137 -14.01 12.01 8.35
C LYS D 137 -13.01 11.29 9.26
N ASN D 138 -12.35 12.05 10.13
CA ASN D 138 -11.38 11.48 11.06
C ASN D 138 -11.99 11.48 12.46
N MET D 139 -13.32 11.42 12.50
CA MET D 139 -14.08 11.40 13.74
C MET D 139 -14.98 10.16 13.80
N VAL D 140 -15.11 9.51 12.64
CA VAL D 140 -15.87 8.28 12.51
C VAL D 140 -14.93 7.22 13.08
N PRO D 141 -15.47 6.11 13.60
CA PRO D 141 -14.55 5.11 14.15
C PRO D 141 -14.00 4.24 13.04
N GLN D 142 -12.96 3.49 13.35
CA GLN D 142 -12.38 2.63 12.36
C GLN D 142 -13.18 1.33 12.33
N GLN D 143 -13.28 0.67 13.47
CA GLN D 143 -14.02 -0.57 13.58
C GLN D 143 -15.47 -0.32 13.95
N ALA D 144 -16.25 -1.40 14.02
CA ALA D 144 -17.66 -1.33 14.39
C ALA D 144 -18.14 -2.72 14.73
N LEU D 145 -18.96 -2.81 15.76
CA LEU D 145 -19.50 -4.10 16.21
C LEU D 145 -20.95 -4.16 15.76
N VAL D 146 -21.21 -5.02 14.79
CA VAL D 146 -22.57 -5.15 14.29
C VAL D 146 -22.96 -6.60 14.26
N ILE D 147 -24.26 -6.83 14.34
CA ILE D 147 -24.79 -8.17 14.33
C ILE D 147 -25.33 -8.51 12.97
N ARG D 148 -24.99 -9.71 12.49
CA ARG D 148 -25.45 -10.16 11.21
C ARG D 148 -25.66 -11.65 11.24
N ASN D 149 -26.53 -12.12 10.35
CA ASN D 149 -26.86 -13.53 10.24
C ASN D 149 -26.48 -14.31 11.49
N GLY D 150 -26.92 -13.84 12.65
CA GLY D 150 -26.64 -14.54 13.87
C GLY D 150 -25.68 -13.92 14.86
N GLU D 151 -24.39 -14.12 14.61
CA GLU D 151 -23.35 -13.61 15.51
C GLU D 151 -23.07 -12.13 15.44
N LYS D 152 -22.26 -11.69 16.40
CA LYS D 152 -21.83 -10.30 16.46
C LYS D 152 -20.42 -10.39 15.90
N MET D 153 -20.15 -9.58 14.89
CA MET D 153 -18.83 -9.53 14.26
C MET D 153 -18.40 -8.07 14.15
N SER D 154 -17.08 -7.86 14.10
CA SER D 154 -16.51 -6.52 14.03
C SER D 154 -15.89 -6.20 12.68
N ILE D 155 -16.16 -5.01 12.17
CA ILE D 155 -15.61 -4.62 10.87
C ILE D 155 -15.40 -3.12 10.66
N ASN D 156 -14.84 -2.79 9.48
CA ASN D 156 -14.57 -1.41 9.12
C ASN D 156 -15.85 -0.62 8.99
N ALA D 157 -15.94 0.44 9.77
CA ALA D 157 -17.09 1.33 9.77
C ALA D 157 -17.57 1.54 8.34
N GLU D 158 -16.64 1.75 7.43
CA GLU D 158 -16.99 1.95 6.04
C GLU D 158 -17.97 0.90 5.53
N GLU D 159 -17.79 -0.34 5.98
CA GLU D 159 -18.61 -1.46 5.54
C GLU D 159 -20.01 -1.58 6.16
N VAL D 160 -20.41 -0.60 6.96
CA VAL D 160 -21.73 -0.62 7.57
C VAL D 160 -22.76 -0.11 6.58
N VAL D 161 -23.69 -0.97 6.17
CA VAL D 161 -24.70 -0.50 5.23
C VAL D 161 -25.91 -0.05 6.02
N VAL D 162 -26.84 0.61 5.35
CA VAL D 162 -28.05 1.08 6.02
C VAL D 162 -28.88 -0.15 6.28
N GLY D 163 -29.56 -0.19 7.42
CA GLY D 163 -30.40 -1.33 7.69
C GLY D 163 -30.02 -2.30 8.77
N ASP D 164 -28.72 -2.54 8.98
CA ASP D 164 -28.37 -3.49 10.03
C ASP D 164 -28.23 -2.86 11.40
N LEU D 165 -28.21 -3.71 12.40
CA LEU D 165 -28.10 -3.27 13.78
C LEU D 165 -26.69 -3.44 14.29
N VAL D 166 -26.26 -2.46 15.06
CA VAL D 166 -24.94 -2.46 15.64
C VAL D 166 -25.10 -2.27 17.13
N GLU D 167 -24.11 -2.76 17.86
CA GLU D 167 -24.09 -2.68 19.31
C GLU D 167 -23.02 -1.65 19.63
N VAL D 168 -23.25 -0.83 20.65
CA VAL D 168 -22.25 0.15 21.02
C VAL D 168 -21.99 0.08 22.51
N LYS D 169 -20.73 -0.09 22.89
CA LYS D 169 -20.37 -0.16 24.31
C LYS D 169 -20.01 1.25 24.73
N GLY D 170 -19.74 1.45 26.01
CA GLY D 170 -19.37 2.78 26.47
C GLY D 170 -17.91 3.07 26.15
N GLY D 171 -17.64 4.23 25.57
CA GLY D 171 -16.28 4.59 25.23
C GLY D 171 -15.94 4.37 23.77
N ASP D 172 -16.96 4.23 22.95
CA ASP D 172 -16.80 4.00 21.51
C ASP D 172 -17.52 5.10 20.75
N ARG D 173 -17.14 5.31 19.49
CA ARG D 173 -17.79 6.34 18.70
C ARG D 173 -18.93 5.69 17.93
N ILE D 174 -20.08 6.33 17.92
CA ILE D 174 -21.23 5.76 17.20
C ILE D 174 -20.88 5.55 15.72
N PRO D 175 -20.97 4.31 15.22
CA PRO D 175 -20.64 4.04 13.81
C PRO D 175 -21.37 4.98 12.85
N ALA D 176 -22.68 4.93 12.82
CA ALA D 176 -23.41 5.83 11.94
C ALA D 176 -24.60 6.31 12.72
N ASP D 177 -25.54 6.97 12.04
CA ASP D 177 -26.72 7.44 12.73
C ASP D 177 -27.56 6.20 12.91
N LEU D 178 -28.07 5.98 14.11
CA LEU D 178 -28.89 4.81 14.31
C LEU D 178 -30.00 4.99 15.34
N ARG D 179 -31.10 4.28 15.12
CA ARG D 179 -32.25 4.32 16.01
C ARG D 179 -32.13 3.11 16.92
N ILE D 180 -31.74 3.34 18.17
CA ILE D 180 -31.59 2.24 19.13
C ILE D 180 -32.90 1.55 19.36
N ILE D 181 -32.89 0.23 19.28
CA ILE D 181 -34.08 -0.56 19.50
C ILE D 181 -34.04 -1.10 20.91
N SER D 182 -32.87 -1.08 21.51
CA SER D 182 -32.74 -1.55 22.88
C SER D 182 -31.41 -1.14 23.49
N ALA D 183 -31.42 -0.94 24.80
CA ALA D 183 -30.22 -0.53 25.48
C ALA D 183 -30.35 -0.74 26.97
N ASN D 184 -29.25 -0.52 27.68
CA ASN D 184 -29.23 -0.70 29.11
C ASN D 184 -28.25 0.25 29.76
N GLY D 185 -28.79 1.33 30.34
CA GLY D 185 -27.95 2.32 31.00
C GLY D 185 -27.08 3.08 30.03
N CYS D 186 -27.59 3.27 28.81
CA CYS D 186 -26.85 3.97 27.79
C CYS D 186 -26.91 5.46 27.92
N LYS D 187 -25.72 6.07 27.84
CA LYS D 187 -25.57 7.51 27.93
C LYS D 187 -24.57 7.95 26.89
N VAL D 188 -25.02 8.74 25.92
CA VAL D 188 -24.17 9.26 24.85
C VAL D 188 -23.82 10.73 25.07
N ASP D 189 -22.62 11.12 24.66
CA ASP D 189 -22.14 12.48 24.78
C ASP D 189 -22.44 13.19 23.47
N ASN D 190 -23.35 14.16 23.49
CA ASN D 190 -23.70 14.84 22.25
C ASN D 190 -22.97 16.15 21.92
N SER D 191 -21.94 16.48 22.70
CA SER D 191 -21.17 17.70 22.48
C SER D 191 -21.26 18.21 21.04
N SER D 192 -20.60 17.48 20.15
CA SER D 192 -20.52 17.77 18.73
C SER D 192 -21.84 17.97 17.99
N LEU D 193 -22.91 18.29 18.72
CA LEU D 193 -24.22 18.45 18.07
C LEU D 193 -25.06 19.46 18.85
N THR D 194 -25.11 19.23 20.15
CA THR D 194 -25.84 20.10 21.06
C THR D 194 -24.87 21.18 21.47
N GLY D 195 -23.60 20.81 21.55
CA GLY D 195 -22.60 21.78 21.97
C GLY D 195 -22.44 21.64 23.48
N GLU D 196 -23.39 20.99 24.13
CA GLU D 196 -23.34 20.78 25.58
C GLU D 196 -22.62 19.48 25.86
N SER D 197 -21.98 19.38 27.02
CA SER D 197 -21.21 18.18 27.34
C SER D 197 -21.84 17.11 28.24
N GLU D 198 -22.72 17.50 29.15
CA GLU D 198 -23.32 16.51 30.05
C GLU D 198 -23.98 15.38 29.27
N PRO D 199 -23.66 14.13 29.63
CA PRO D 199 -24.19 12.93 29.00
C PRO D 199 -25.70 12.84 28.93
N GLN D 200 -26.20 12.35 27.80
CA GLN D 200 -27.63 12.16 27.61
C GLN D 200 -27.79 10.66 27.70
N THR D 201 -29.02 10.17 27.78
CA THR D 201 -29.26 8.73 27.88
C THR D 201 -30.01 8.22 26.67
N ARG D 202 -29.93 6.92 26.45
CA ARG D 202 -30.64 6.33 25.32
C ARG D 202 -31.65 5.25 25.74
N SER D 203 -32.90 5.44 25.32
CA SER D 203 -33.99 4.52 25.59
C SER D 203 -34.37 3.91 24.24
N PRO D 204 -34.82 2.65 24.25
CA PRO D 204 -35.19 2.11 22.95
C PRO D 204 -36.43 2.78 22.38
N ASP D 205 -37.36 3.16 23.26
CA ASP D 205 -38.57 3.80 22.79
C ASP D 205 -38.48 5.31 22.93
N PHE D 206 -39.58 5.92 23.37
CA PHE D 206 -39.67 7.37 23.58
C PHE D 206 -40.05 8.14 22.33
N THR D 207 -40.10 9.45 22.49
CA THR D 207 -40.38 10.41 21.42
C THR D 207 -40.14 11.77 22.10
N ASN D 208 -40.15 12.84 21.29
CA ASN D 208 -39.95 14.18 21.79
C ASN D 208 -39.76 15.04 20.58
N GLU D 209 -38.96 16.09 20.73
CA GLU D 209 -38.62 17.01 19.64
C GLU D 209 -38.17 16.04 18.58
N ASN D 210 -39.19 15.48 17.96
CA ASN D 210 -39.10 14.48 16.94
C ASN D 210 -37.73 14.00 16.45
N PRO D 211 -36.71 14.87 16.35
CA PRO D 211 -35.60 14.06 15.87
C PRO D 211 -34.30 14.12 16.68
N LEU D 212 -33.84 15.33 16.94
CA LEU D 212 -32.58 15.53 17.64
C LEU D 212 -32.63 15.31 19.11
N GLU D 213 -33.80 15.45 19.70
CA GLU D 213 -33.86 15.32 21.14
C GLU D 213 -34.43 14.03 21.72
N THR D 214 -34.94 13.15 20.85
CA THR D 214 -35.51 11.88 21.29
C THR D 214 -34.43 10.92 21.77
N ARG D 215 -34.65 10.32 22.94
CA ARG D 215 -33.70 9.38 23.53
C ARG D 215 -33.51 8.05 22.81
N ASN D 216 -34.10 7.88 21.63
CA ASN D 216 -33.97 6.63 20.87
C ASN D 216 -33.17 6.75 19.56
N ILE D 217 -32.32 7.77 19.47
CA ILE D 217 -31.47 7.98 18.31
C ILE D 217 -30.05 8.23 18.78
N ALA D 218 -29.08 7.70 18.05
CA ALA D 218 -27.68 7.92 18.39
C ALA D 218 -27.15 8.61 17.15
N PHE D 219 -26.20 9.53 17.32
CA PHE D 219 -25.68 10.28 16.18
C PHE D 219 -24.27 9.99 15.70
N PHE D 220 -24.08 10.20 14.40
CA PHE D 220 -22.80 9.92 13.76
C PHE D 220 -21.52 10.28 14.52
N SER D 221 -21.31 11.55 14.83
CA SER D 221 -20.09 11.92 15.51
C SER D 221 -19.99 11.44 16.95
N THR D 222 -21.04 11.70 17.73
CA THR D 222 -21.09 11.34 19.13
C THR D 222 -20.56 9.96 19.49
N ASN D 223 -20.41 9.76 20.80
CA ASN D 223 -19.92 8.51 21.34
C ASN D 223 -20.59 8.15 22.64
N CYS D 224 -20.66 6.85 22.87
CA CYS D 224 -21.27 6.28 24.06
C CYS D 224 -20.33 6.47 25.24
N VAL D 225 -20.85 6.93 26.38
CA VAL D 225 -20.02 7.19 27.55
C VAL D 225 -20.17 6.17 28.67
N GLU D 226 -21.23 5.38 28.62
CA GLU D 226 -21.47 4.34 29.61
C GLU D 226 -22.73 3.57 29.24
N GLY D 227 -22.79 2.30 29.66
CA GLY D 227 -23.94 1.48 29.33
C GLY D 227 -23.68 0.79 28.02
N THR D 228 -24.73 0.33 27.35
CA THR D 228 -24.60 -0.35 26.07
C THR D 228 -25.88 -0.20 25.27
N ALA D 229 -25.82 -0.43 23.96
CA ALA D 229 -27.01 -0.30 23.12
C ALA D 229 -26.90 -0.94 21.76
N ARG D 230 -28.05 -1.20 21.17
CA ARG D 230 -28.12 -1.79 19.84
C ARG D 230 -29.19 -0.99 19.12
N GLY D 231 -28.89 -0.58 17.89
CA GLY D 231 -29.86 0.20 17.14
C GLY D 231 -29.77 -0.13 15.68
N ILE D 232 -30.51 0.57 14.84
CA ILE D 232 -30.44 0.27 13.43
C ILE D 232 -30.08 1.49 12.61
N VAL D 233 -28.99 1.35 11.85
CA VAL D 233 -28.47 2.41 11.00
C VAL D 233 -29.57 3.02 10.14
N VAL D 234 -29.96 4.24 10.49
CA VAL D 234 -31.00 4.93 9.75
C VAL D 234 -30.36 5.83 8.66
N TYR D 235 -29.08 6.15 8.83
CA TYR D 235 -28.37 6.96 7.85
C TYR D 235 -26.87 6.63 7.82
N THR D 236 -26.31 6.57 6.62
CA THR D 236 -24.90 6.23 6.52
C THR D 236 -24.01 7.32 5.91
N GLY D 237 -22.95 7.66 6.64
CA GLY D 237 -21.99 8.66 6.21
C GLY D 237 -22.53 9.98 5.68
N ASP D 238 -22.10 10.30 4.47
CA ASP D 238 -22.48 11.54 3.79
C ASP D 238 -23.95 11.90 3.94
N ARG D 239 -24.78 10.91 4.26
CA ARG D 239 -26.21 11.15 4.40
C ARG D 239 -26.69 11.33 5.84
N THR D 240 -25.79 11.16 6.81
CA THR D 240 -26.17 11.31 8.22
C THR D 240 -26.47 12.76 8.56
N VAL D 241 -26.60 13.05 9.87
CA VAL D 241 -26.84 14.42 10.32
C VAL D 241 -25.51 15.17 10.34
N MET D 242 -24.47 14.50 10.81
CA MET D 242 -23.18 15.13 10.84
C MET D 242 -22.56 15.11 9.47
N GLY D 243 -23.13 14.29 8.59
CA GLY D 243 -22.63 14.24 7.23
C GLY D 243 -23.09 15.49 6.51
N ARG D 244 -24.39 15.77 6.61
CA ARG D 244 -24.97 16.95 6.00
C ARG D 244 -24.09 18.13 6.39
N ILE D 245 -23.75 18.21 7.68
CA ILE D 245 -22.90 19.28 8.21
C ILE D 245 -21.49 19.15 7.66
N ALA D 246 -20.85 18.01 7.93
CA ALA D 246 -19.50 17.74 7.48
C ALA D 246 -19.38 18.24 6.04
N THR D 247 -20.44 18.03 5.27
CA THR D 247 -20.45 18.48 3.89
C THR D 247 -20.58 20.00 3.88
N LEU D 248 -21.66 20.50 4.46
CA LEU D 248 -21.91 21.93 4.53
C LEU D 248 -20.72 22.72 5.06
N ALA D 249 -20.32 22.48 6.30
CA ALA D 249 -19.19 23.21 6.85
C ALA D 249 -17.91 22.79 6.14
N SER D 250 -17.97 22.71 4.81
CA SER D 250 -16.82 22.32 4.02
C SER D 250 -16.97 22.88 2.62
N GLY D 251 -17.97 22.41 1.89
CA GLY D 251 -18.19 22.89 0.53
C GLY D 251 -18.60 24.35 0.51
N LEU D 252 -18.92 24.90 1.67
CA LEU D 252 -19.33 26.30 1.78
C LEU D 252 -18.13 27.25 1.82
N GLU D 253 -18.28 28.42 1.20
CA GLU D 253 -17.19 29.39 1.18
C GLU D 253 -17.56 30.79 1.66
N GLY D 254 -16.64 31.40 2.41
CA GLY D 254 -16.84 32.73 2.94
C GLY D 254 -16.90 33.79 1.86
N GLY D 255 -15.73 34.21 1.35
CA GLY D 255 -15.70 35.21 0.30
C GLY D 255 -14.59 36.25 0.36
N GLN D 256 -14.96 37.51 0.21
CA GLN D 256 -14.01 38.62 0.23
C GLN D 256 -13.73 39.23 1.60
N THR D 257 -12.46 39.20 1.99
CA THR D 257 -12.01 39.77 3.25
C THR D 257 -11.89 41.28 3.06
N PRO D 258 -12.73 42.07 3.75
CA PRO D 258 -12.73 43.54 3.65
C PRO D 258 -11.45 44.19 3.10
N ILE D 259 -10.37 44.10 3.87
CA ILE D 259 -9.10 44.66 3.43
C ILE D 259 -8.67 44.05 2.10
N ALA D 260 -8.58 42.73 2.04
CA ALA D 260 -8.17 42.03 0.83
C ALA D 260 -9.05 42.41 -0.38
N ALA D 261 -10.24 42.90 -0.10
CA ALA D 261 -11.16 43.31 -1.15
C ALA D 261 -11.04 44.83 -1.23
N GLU D 262 -10.33 45.39 -0.27
CA GLU D 262 -10.14 46.82 -0.24
C GLU D 262 -8.95 47.13 -1.14
N ILE D 263 -8.14 46.11 -1.39
CA ILE D 263 -6.98 46.23 -2.26
C ILE D 263 -7.55 46.05 -3.68
N GLU D 264 -8.84 45.73 -3.74
CA GLU D 264 -9.53 45.56 -5.03
C GLU D 264 -9.68 46.98 -5.56
N HIS D 265 -10.60 47.72 -4.94
CA HIS D 265 -10.90 49.10 -5.28
C HIS D 265 -9.58 49.78 -5.59
N PHE D 266 -8.69 49.74 -4.60
CA PHE D 266 -7.37 50.35 -4.68
C PHE D 266 -6.63 50.09 -5.99
N ILE D 267 -6.32 48.84 -6.30
CA ILE D 267 -5.61 48.51 -7.52
C ILE D 267 -6.34 48.91 -8.78
N HIS D 268 -7.66 49.08 -8.69
CA HIS D 268 -8.44 49.49 -9.84
C HIS D 268 -8.18 50.96 -10.17
N ILE D 269 -8.44 51.84 -9.20
CA ILE D 269 -8.23 53.27 -9.41
C ILE D 269 -6.78 53.51 -9.85
N ILE D 270 -5.82 52.88 -9.18
CA ILE D 270 -4.42 53.01 -9.56
C ILE D 270 -4.31 52.71 -11.04
N THR D 271 -4.55 51.44 -11.38
CA THR D 271 -4.51 51.00 -12.77
C THR D 271 -5.36 51.91 -13.65
N GLY D 272 -6.21 52.72 -13.02
CA GLY D 272 -7.03 53.65 -13.78
C GLY D 272 -6.13 54.57 -14.57
N VAL D 273 -5.53 55.54 -13.88
CA VAL D 273 -4.63 56.48 -14.54
C VAL D 273 -3.59 55.69 -15.36
N ALA D 274 -3.18 54.54 -14.81
CA ALA D 274 -2.20 53.66 -15.44
C ALA D 274 -2.37 53.42 -16.94
N VAL D 275 -3.53 53.81 -17.48
CA VAL D 275 -3.74 53.65 -18.91
C VAL D 275 -4.23 54.94 -19.49
N PHE D 276 -5.06 55.67 -18.76
CA PHE D 276 -5.56 56.94 -19.26
C PHE D 276 -4.37 57.74 -19.70
N LEU D 277 -3.56 58.15 -18.73
CA LEU D 277 -2.37 58.91 -19.02
C LEU D 277 -1.37 58.00 -19.71
N GLY D 278 -1.80 56.79 -20.03
CA GLY D 278 -0.93 55.83 -20.70
C GLY D 278 -1.07 55.81 -22.20
N VAL D 279 -2.18 55.26 -22.70
CA VAL D 279 -2.39 55.21 -24.14
C VAL D 279 -2.50 56.64 -24.63
N SER D 280 -3.11 57.49 -23.79
CA SER D 280 -3.28 58.89 -24.14
C SER D 280 -1.94 59.42 -24.62
N PHE D 281 -1.01 59.63 -23.68
CA PHE D 281 0.31 60.14 -24.03
C PHE D 281 1.15 59.10 -24.75
N PHE D 282 0.49 58.40 -25.65
CA PHE D 282 1.12 57.42 -26.49
C PHE D 282 0.49 57.76 -27.83
N ILE D 283 -0.83 57.63 -27.90
CA ILE D 283 -1.56 57.96 -29.11
C ILE D 283 -1.24 59.41 -29.46
N LEU D 284 -1.32 60.27 -28.47
CA LEU D 284 -1.03 61.69 -28.66
C LEU D 284 0.49 61.92 -28.65
N SER D 285 1.22 60.90 -29.12
CA SER D 285 2.68 60.94 -29.20
C SER D 285 3.12 60.04 -30.35
N LEU D 286 2.27 59.08 -30.69
CA LEU D 286 2.55 58.17 -31.79
C LEU D 286 2.07 58.97 -32.97
N ILE D 287 1.87 60.26 -32.74
CA ILE D 287 1.41 61.19 -33.77
C ILE D 287 2.50 61.32 -34.83
N LEU D 288 2.70 60.22 -35.57
CA LEU D 288 3.70 60.11 -36.63
C LEU D 288 4.85 61.13 -36.44
N GLU D 289 5.41 61.14 -35.24
CA GLU D 289 6.50 62.06 -34.91
C GLU D 289 7.66 61.30 -34.24
N TYR D 290 7.31 60.30 -33.45
CA TYR D 290 8.31 59.48 -32.77
C TYR D 290 8.61 58.29 -33.65
N THR D 291 9.77 57.68 -33.43
CA THR D 291 10.18 56.52 -34.19
C THR D 291 9.27 55.40 -33.73
N TRP D 292 9.80 54.18 -33.66
CA TRP D 292 8.98 53.09 -33.18
C TRP D 292 9.41 52.82 -31.74
N LEU D 293 10.72 52.68 -31.50
CA LEU D 293 11.22 52.42 -30.15
C LEU D 293 10.74 53.49 -29.20
N GLU D 294 10.95 54.75 -29.56
CA GLU D 294 10.54 55.86 -28.72
C GLU D 294 9.09 55.70 -28.32
N ALA D 295 8.27 55.23 -29.25
CA ALA D 295 6.85 55.05 -29.00
C ALA D 295 6.56 53.99 -27.93
N VAL D 296 7.53 53.12 -27.67
CA VAL D 296 7.37 52.08 -26.66
C VAL D 296 8.27 52.36 -25.44
N ILE D 297 9.50 52.80 -25.67
CA ILE D 297 10.43 53.10 -24.59
C ILE D 297 9.81 54.14 -23.66
N PHE D 298 8.92 54.96 -24.22
CA PHE D 298 8.23 55.98 -23.45
C PHE D 298 7.01 55.37 -22.79
N LEU D 299 6.44 54.37 -23.44
CA LEU D 299 5.27 53.69 -22.89
C LEU D 299 5.74 52.83 -21.71
N ILE D 300 6.74 51.98 -21.95
CA ILE D 300 7.27 51.10 -20.90
C ILE D 300 7.69 51.95 -19.71
N GLY D 301 7.83 53.25 -19.95
CA GLY D 301 8.21 54.15 -18.90
C GLY D 301 7.02 54.37 -17.99
N ILE D 302 6.03 55.13 -18.46
CA ILE D 302 4.84 55.42 -17.66
C ILE D 302 4.29 54.15 -17.00
N ILE D 303 4.46 53.02 -17.68
CA ILE D 303 4.02 51.77 -17.11
C ILE D 303 4.75 51.69 -15.78
N VAL D 304 6.08 51.67 -15.85
CA VAL D 304 6.91 51.61 -14.66
C VAL D 304 6.86 52.97 -13.96
N ALA D 305 5.78 53.71 -14.16
CA ALA D 305 5.63 55.02 -13.53
C ALA D 305 4.23 55.23 -12.97
N ASN D 306 3.56 54.11 -12.66
CA ASN D 306 2.21 54.13 -12.11
C ASN D 306 2.09 53.01 -11.09
N VAL D 307 2.58 51.85 -11.48
CA VAL D 307 2.56 50.63 -10.66
C VAL D 307 3.54 50.67 -9.48
N PRO D 308 3.08 51.01 -8.26
CA PRO D 308 4.02 51.04 -7.12
C PRO D 308 4.55 49.66 -6.72
N GLU D 309 5.44 49.11 -7.55
CA GLU D 309 6.02 47.79 -7.33
C GLU D 309 6.43 47.53 -5.89
N GLY D 310 6.60 48.60 -5.10
CA GLY D 310 6.96 48.42 -3.71
C GLY D 310 5.81 48.89 -2.85
N LEU D 311 4.67 48.23 -2.98
CA LEU D 311 3.48 48.61 -2.23
C LEU D 311 2.59 47.41 -1.90
N LEU D 312 2.17 46.68 -2.93
CA LEU D 312 1.33 45.51 -2.69
C LEU D 312 2.17 44.58 -1.84
N ALA D 313 3.39 44.31 -2.30
CA ALA D 313 4.32 43.44 -1.58
C ALA D 313 4.66 44.07 -0.23
N THR D 314 4.12 45.27 -0.01
CA THR D 314 4.33 46.01 1.24
C THR D 314 3.21 45.66 2.21
N VAL D 315 1.98 46.04 1.87
CA VAL D 315 0.86 45.74 2.76
C VAL D 315 1.09 44.38 3.42
N THR D 316 1.49 43.41 2.61
CA THR D 316 1.79 42.08 3.11
C THR D 316 2.73 42.26 4.31
N VAL D 317 4.02 42.42 4.05
CA VAL D 317 5.01 42.59 5.11
C VAL D 317 4.49 43.48 6.24
N CYS D 318 3.63 44.43 5.91
CA CYS D 318 3.04 45.31 6.93
C CYS D 318 2.15 44.44 7.82
N LEU D 319 1.16 43.80 7.20
CA LEU D 319 0.25 42.93 7.92
C LEU D 319 1.08 41.91 8.67
N THR D 320 1.87 41.14 7.93
CA THR D 320 2.75 40.14 8.53
C THR D 320 3.32 40.62 9.86
N LEU D 321 3.51 41.93 9.97
CA LEU D 321 4.02 42.53 11.19
C LEU D 321 2.97 42.60 12.29
N THR D 322 1.80 43.11 11.95
CA THR D 322 0.74 43.20 12.93
C THR D 322 0.32 41.76 13.25
N ALA D 323 0.72 40.83 12.39
CA ALA D 323 0.42 39.42 12.58
C ALA D 323 1.34 38.88 13.67
N LYS D 324 2.62 38.73 13.33
CA LYS D 324 3.61 38.24 14.29
C LYS D 324 3.84 39.28 15.39
N ARG D 325 2.77 40.02 15.68
CA ARG D 325 2.75 41.04 16.73
C ARG D 325 1.62 40.58 17.63
N MET D 326 0.47 40.28 17.05
CA MET D 326 -0.63 39.80 17.86
C MET D 326 -0.25 38.43 18.35
N ALA D 327 0.46 37.68 17.51
CA ALA D 327 0.89 36.33 17.86
C ALA D 327 1.83 36.30 19.08
N ARG D 328 2.52 37.41 19.33
CA ARG D 328 3.40 37.49 20.49
C ARG D 328 2.49 37.56 21.71
N LYS D 329 1.22 37.89 21.45
CA LYS D 329 0.19 37.98 22.49
C LYS D 329 -0.80 36.82 22.25
N ASN D 330 -0.33 35.81 21.52
CA ASN D 330 -1.07 34.61 21.16
C ASN D 330 -2.08 34.78 20.03
N CYS D 331 -3.35 34.47 20.31
CA CYS D 331 -4.41 34.57 19.30
C CYS D 331 -3.87 34.43 17.88
N LEU D 332 -3.08 33.39 17.65
CA LEU D 332 -2.49 33.12 16.34
C LEU D 332 -3.42 33.38 15.16
N VAL D 333 -2.82 33.68 14.02
CA VAL D 333 -3.57 33.94 12.81
C VAL D 333 -3.14 32.99 11.70
N LYS D 334 -4.13 32.44 10.99
CA LYS D 334 -3.85 31.51 9.91
C LYS D 334 -4.04 32.21 8.56
N ASN D 335 -4.81 33.30 8.57
CA ASN D 335 -5.09 34.09 7.37
C ASN D 335 -4.85 35.57 7.65
N LEU D 336 -3.86 36.15 6.97
CA LEU D 336 -3.53 37.56 7.21
C LEU D 336 -4.71 38.52 7.21
N GLU D 337 -5.17 38.89 6.03
CA GLU D 337 -6.27 39.84 5.87
C GLU D 337 -7.25 39.85 7.03
N ALA D 338 -7.47 38.69 7.64
CA ALA D 338 -8.38 38.60 8.77
C ALA D 338 -8.05 39.70 9.76
N VAL D 339 -6.76 39.85 10.03
CA VAL D 339 -6.30 40.84 10.97
C VAL D 339 -7.04 42.17 10.87
N GLU D 340 -7.22 42.67 9.65
CA GLU D 340 -7.88 43.96 9.45
C GLU D 340 -9.35 43.87 9.18
N THR D 341 -9.92 42.70 9.44
CA THR D 341 -11.34 42.48 9.24
C THR D 341 -11.92 42.52 10.64
N LEU D 342 -11.15 42.00 11.59
CA LEU D 342 -11.59 41.97 12.96
C LEU D 342 -11.83 43.41 13.41
N GLY D 343 -11.20 44.34 12.71
CA GLY D 343 -11.34 45.75 13.04
C GLY D 343 -12.51 46.37 12.32
N SER D 344 -12.75 45.89 11.11
CA SER D 344 -13.85 46.39 10.30
C SER D 344 -15.14 45.77 10.85
N THR D 345 -14.96 44.80 11.75
CA THR D 345 -16.04 44.05 12.40
C THR D 345 -17.19 44.87 13.00
N SER D 346 -18.42 44.46 12.72
CA SER D 346 -19.60 45.16 13.22
C SER D 346 -20.40 44.32 14.21
N THR D 347 -20.39 42.99 14.03
CA THR D 347 -21.13 42.09 14.91
C THR D 347 -20.37 40.81 15.24
N ILE D 348 -20.54 40.37 16.48
CA ILE D 348 -19.90 39.15 16.97
C ILE D 348 -20.96 38.14 17.35
N CYS D 349 -20.70 36.88 17.00
CA CYS D 349 -21.58 35.76 17.32
C CYS D 349 -20.75 34.80 18.16
N SER D 350 -21.29 34.43 19.32
CA SER D 350 -20.58 33.54 20.23
C SER D 350 -21.30 32.30 20.74
N ASP D 351 -20.51 31.24 20.86
CA ASP D 351 -20.95 29.97 21.40
C ASP D 351 -20.80 30.23 22.89
N LYS D 352 -21.92 30.15 23.61
CA LYS D 352 -21.90 30.38 25.04
C LYS D 352 -20.93 29.40 25.69
N THR D 353 -21.35 28.14 25.75
CA THR D 353 -20.58 27.07 26.35
C THR D 353 -19.25 26.78 25.66
N GLY D 354 -18.18 26.90 26.44
CA GLY D 354 -16.86 26.62 25.92
C GLY D 354 -16.12 27.86 25.47
N THR D 355 -16.89 28.87 25.04
CA THR D 355 -16.31 30.12 24.59
C THR D 355 -16.46 31.14 25.70
N LEU D 356 -17.65 31.67 25.86
CA LEU D 356 -17.86 32.64 26.91
C LEU D 356 -17.59 31.92 28.21
N THR D 357 -18.41 30.92 28.55
CA THR D 357 -18.21 30.18 29.79
C THR D 357 -17.08 29.18 29.58
N GLN D 358 -16.46 28.78 30.68
CA GLN D 358 -15.33 27.86 30.64
C GLN D 358 -15.68 26.39 30.46
N ASN D 359 -16.98 26.07 30.53
CA ASN D 359 -17.45 24.69 30.36
C ASN D 359 -16.83 23.76 31.39
N ARG D 360 -17.29 23.91 32.63
CA ARG D 360 -16.80 23.11 33.75
C ARG D 360 -17.75 23.50 34.88
N MET D 361 -18.53 22.53 35.35
CA MET D 361 -19.47 22.81 36.43
C MET D 361 -18.72 23.31 37.63
N THR D 362 -19.05 24.51 38.10
CA THR D 362 -18.36 25.04 39.27
C THR D 362 -19.34 25.57 40.30
N VAL D 363 -19.03 25.34 41.58
CA VAL D 363 -19.91 25.80 42.65
C VAL D 363 -20.00 27.31 42.65
N ALA D 364 -21.22 27.80 42.42
CA ALA D 364 -21.50 29.23 42.36
C ALA D 364 -21.86 29.93 43.67
N HIS D 365 -23.05 29.57 44.23
CA HIS D 365 -23.55 30.16 45.50
C HIS D 365 -23.83 29.11 46.59
N MET D 366 -24.28 29.60 47.74
CA MET D 366 -24.59 28.73 48.87
C MET D 366 -25.55 29.45 49.81
N TRP D 367 -26.40 28.68 50.49
CA TRP D 367 -27.35 29.29 51.42
C TRP D 367 -27.14 28.85 52.87
N SER D 368 -25.93 29.07 53.38
CA SER D 368 -25.64 28.69 54.76
C SER D 368 -25.95 29.86 55.68
N ASP D 369 -26.81 29.61 56.67
CA ASP D 369 -27.19 30.61 57.68
C ASP D 369 -28.29 31.60 57.31
N ASN D 370 -29.29 31.15 56.56
CA ASN D 370 -30.35 32.07 56.20
C ASN D 370 -29.82 33.24 55.36
N GLN D 371 -28.56 33.14 54.92
CA GLN D 371 -27.95 34.17 54.10
C GLN D 371 -27.30 33.59 52.84
N ILE D 372 -27.32 34.35 51.74
CA ILE D 372 -26.74 33.91 50.47
C ILE D 372 -25.24 34.09 50.45
N HIS D 373 -24.56 33.33 49.60
CA HIS D 373 -23.11 33.43 49.47
C HIS D 373 -22.69 33.23 48.03
N GLU D 374 -21.58 33.85 47.64
CA GLU D 374 -21.06 33.71 46.28
C GLU D 374 -19.61 33.26 46.34
N ALA D 375 -19.13 32.58 45.31
CA ALA D 375 -17.75 32.10 45.33
C ALA D 375 -16.93 32.46 44.10
N ASP D 376 -15.65 32.10 44.14
CA ASP D 376 -14.72 32.36 43.04
C ASP D 376 -15.17 31.54 41.82
N THR D 377 -16.22 32.01 41.16
CA THR D 377 -16.78 31.34 40.00
C THR D 377 -15.80 31.37 38.84
N THR D 378 -14.61 31.90 39.10
CA THR D 378 -13.56 32.03 38.09
C THR D 378 -12.61 30.84 37.96
N GLU D 379 -11.47 31.09 37.31
CA GLU D 379 -10.43 30.06 37.10
C GLU D 379 -9.33 30.39 38.11
N ASN D 380 -9.73 30.43 39.39
CA ASN D 380 -8.84 30.74 40.50
C ASN D 380 -8.41 32.19 40.33
N GLN D 381 -9.14 33.10 40.96
CA GLN D 381 -8.84 34.52 40.84
C GLN D 381 -9.20 35.26 42.12
N SER D 382 -9.84 36.41 41.93
CA SER D 382 -10.26 37.27 43.02
C SER D 382 -11.60 36.82 43.65
N GLY D 383 -12.28 37.76 44.32
CA GLY D 383 -13.55 37.45 44.96
C GLY D 383 -13.32 36.82 46.33
N VAL D 384 -12.42 35.83 46.34
CA VAL D 384 -12.04 35.07 47.53
C VAL D 384 -13.13 34.70 48.53
N SER D 385 -13.32 33.39 48.68
CA SER D 385 -14.29 32.79 49.59
C SER D 385 -15.64 33.50 49.75
N PHE D 386 -16.43 32.95 50.68
CA PHE D 386 -17.78 33.40 51.01
C PHE D 386 -17.80 33.76 52.49
N ASP D 387 -16.94 33.08 53.24
CA ASP D 387 -16.80 33.29 54.68
C ASP D 387 -15.85 32.25 55.25
N LYS D 388 -16.38 31.06 55.53
CA LYS D 388 -15.60 29.95 56.08
C LYS D 388 -15.42 30.07 57.61
N THR D 389 -16.20 30.96 58.22
CA THR D 389 -16.15 31.19 59.67
C THR D 389 -17.21 30.35 60.37
N SER D 390 -18.46 30.82 60.29
CA SER D 390 -19.61 30.17 60.91
C SER D 390 -19.54 28.64 60.87
N ALA D 391 -19.63 28.03 62.05
CA ALA D 391 -19.56 26.58 62.14
C ALA D 391 -20.54 25.93 61.19
N THR D 392 -21.64 26.59 60.89
CA THR D 392 -22.62 26.02 59.98
C THR D 392 -21.93 25.51 58.73
N TRP D 393 -21.29 26.42 57.99
CA TRP D 393 -20.60 25.99 56.78
C TRP D 393 -19.76 24.77 57.11
N LEU D 394 -18.99 24.86 58.20
CA LEU D 394 -18.14 23.76 58.61
C LEU D 394 -18.84 22.43 58.34
N ALA D 395 -20.10 22.33 58.77
CA ALA D 395 -20.91 21.12 58.59
C ALA D 395 -21.20 20.88 57.12
N LEU D 396 -21.89 21.83 56.52
CA LEU D 396 -22.23 21.76 55.12
C LEU D 396 -21.03 21.23 54.34
N SER D 397 -19.86 21.73 54.72
CA SER D 397 -18.60 21.33 54.10
C SER D 397 -18.47 19.82 54.01
N ARG D 398 -18.34 19.17 55.17
CA ARG D 398 -18.21 17.73 55.21
C ARG D 398 -19.31 17.06 54.41
N ILE D 399 -20.57 17.44 54.66
CA ILE D 399 -21.68 16.85 53.93
C ILE D 399 -21.33 16.68 52.45
N ALA D 400 -21.21 17.81 51.76
CA ALA D 400 -20.87 17.83 50.34
C ALA D 400 -19.66 16.93 50.06
N GLY D 401 -18.76 16.87 51.04
CA GLY D 401 -17.58 16.07 50.91
C GLY D 401 -17.83 14.58 51.06
N LEU D 402 -18.44 14.16 52.17
CA LEU D 402 -18.71 12.75 52.41
C LEU D 402 -19.76 12.17 51.49
N CYS D 403 -20.92 12.83 51.40
CA CYS D 403 -21.99 12.37 50.53
C CYS D 403 -21.52 12.65 49.10
N ASN D 404 -20.53 11.88 48.64
CA ASN D 404 -19.94 12.13 47.32
C ASN D 404 -19.14 10.91 46.85
N ARG D 405 -19.13 10.63 45.55
CA ARG D 405 -18.37 9.50 44.98
C ARG D 405 -17.18 9.97 44.12
N ALA D 406 -16.82 11.24 44.25
CA ALA D 406 -15.76 11.82 43.45
C ALA D 406 -14.32 11.65 43.95
N VAL D 407 -13.39 11.82 43.01
CA VAL D 407 -11.96 11.69 43.28
C VAL D 407 -11.15 12.33 42.15
N PHE D 408 -9.87 11.99 42.08
CA PHE D 408 -8.98 12.51 41.04
C PHE D 408 -8.18 11.34 40.47
N GLN D 409 -7.56 11.49 39.30
CA GLN D 409 -6.80 10.38 38.68
C GLN D 409 -5.33 10.28 39.05
N ALA D 410 -4.44 10.74 38.16
CA ALA D 410 -3.01 10.68 38.42
C ALA D 410 -2.72 11.44 39.71
N ASN D 411 -1.44 11.59 39.99
CA ASN D 411 -1.00 12.29 41.19
C ASN D 411 -1.34 13.78 41.20
N GLN D 412 -1.60 14.33 40.01
CA GLN D 412 -1.91 15.75 39.84
C GLN D 412 -1.15 16.58 40.87
N GLU D 413 0.11 16.92 40.55
CA GLU D 413 0.93 17.72 41.45
C GLU D 413 0.61 19.18 41.19
N ASN D 414 0.28 19.47 39.94
CA ASN D 414 -0.06 20.83 39.54
C ASN D 414 -1.14 21.34 40.47
N LEU D 415 -0.93 22.53 41.03
CA LEU D 415 -1.90 23.12 41.95
C LEU D 415 -3.29 23.45 41.36
N PRO D 416 -3.47 23.33 40.03
CA PRO D 416 -4.79 23.63 39.46
C PRO D 416 -5.89 22.75 40.04
N ILE D 417 -6.22 22.97 41.30
CA ILE D 417 -7.26 22.21 41.96
C ILE D 417 -8.47 22.18 41.04
N LEU D 418 -8.76 23.32 40.43
CA LEU D 418 -9.91 23.47 39.53
C LEU D 418 -9.70 22.88 38.14
N LYS D 419 -8.46 22.74 37.72
CA LYS D 419 -8.19 22.20 36.40
C LYS D 419 -7.81 20.73 36.49
N ARG D 420 -7.93 20.15 37.70
CA ARG D 420 -7.59 18.75 37.92
C ARG D 420 -8.61 17.78 37.34
N ALA D 421 -8.26 16.50 37.30
CA ALA D 421 -9.13 15.48 36.73
C ALA D 421 -10.20 14.88 37.65
N VAL D 422 -11.46 14.98 37.21
CA VAL D 422 -12.61 14.48 37.94
C VAL D 422 -12.82 13.00 37.67
N ALA D 423 -13.87 12.44 38.26
CA ALA D 423 -14.19 11.03 38.07
C ALA D 423 -15.70 10.87 37.95
N GLY D 424 -16.40 11.19 39.03
CA GLY D 424 -17.84 11.07 39.04
C GLY D 424 -18.59 11.81 37.94
N ASP D 425 -19.03 13.02 38.24
CA ASP D 425 -19.79 13.81 37.31
C ASP D 425 -19.86 15.28 37.75
N ALA D 426 -20.18 16.15 36.79
CA ALA D 426 -20.27 17.57 37.03
C ALA D 426 -20.81 17.86 38.41
N SER D 427 -22.12 17.75 38.54
CA SER D 427 -22.81 17.99 39.79
C SER D 427 -21.95 17.66 41.02
N GLU D 428 -21.43 16.45 41.07
CA GLU D 428 -20.62 16.03 42.21
C GLU D 428 -19.18 16.57 42.28
N SER D 429 -18.40 16.32 41.24
CA SER D 429 -17.02 16.80 41.19
C SER D 429 -17.02 18.29 41.45
N ALA D 430 -18.05 18.95 40.94
CA ALA D 430 -18.21 20.37 41.12
C ALA D 430 -18.04 20.63 42.60
N LEU D 431 -18.71 19.81 43.40
CA LEU D 431 -18.67 19.94 44.84
C LEU D 431 -17.31 19.57 45.39
N LEU D 432 -16.82 18.40 45.01
CA LEU D 432 -15.53 17.94 45.50
C LEU D 432 -14.55 19.08 45.38
N LYS D 433 -14.39 19.56 44.15
CA LYS D 433 -13.48 20.65 43.87
C LYS D 433 -13.75 21.81 44.83
N CYS D 434 -14.99 22.31 44.85
CA CYS D 434 -15.33 23.41 45.74
C CYS D 434 -14.76 23.16 47.13
N ILE D 435 -14.66 21.91 47.52
CA ILE D 435 -14.10 21.58 48.81
C ILE D 435 -12.66 21.14 48.62
N GLU D 436 -11.84 22.10 48.24
CA GLU D 436 -10.42 21.90 47.99
C GLU D 436 -9.86 23.30 47.86
N LEU D 437 -10.74 24.25 47.57
CA LEU D 437 -10.34 25.64 47.47
C LEU D 437 -9.97 25.92 48.91
N CYS D 438 -10.77 25.33 49.79
CA CYS D 438 -10.62 25.46 51.23
C CYS D 438 -10.91 24.10 51.87
N CYS D 439 -10.98 24.07 53.20
CA CYS D 439 -11.25 22.85 53.95
C CYS D 439 -10.37 21.67 53.53
N GLY D 440 -9.07 21.91 53.45
CA GLY D 440 -8.12 20.87 53.09
C GLY D 440 -8.57 19.91 52.00
N SER D 441 -8.04 18.68 52.06
CA SER D 441 -8.36 17.64 51.08
C SER D 441 -9.48 16.69 51.52
N VAL D 442 -10.44 16.51 50.62
CA VAL D 442 -11.56 15.64 50.86
C VAL D 442 -11.12 14.21 51.04
N LYS D 443 -10.15 13.76 50.25
CA LYS D 443 -9.68 12.38 50.36
C LYS D 443 -9.38 12.04 51.82
N GLU D 444 -8.78 12.99 52.54
CA GLU D 444 -8.44 12.76 53.94
C GLU D 444 -9.69 12.86 54.79
N MET D 445 -10.57 13.80 54.43
CA MET D 445 -11.83 13.99 55.13
C MET D 445 -12.76 12.78 54.90
N ARG D 446 -12.55 12.10 53.78
CA ARG D 446 -13.33 10.92 53.43
C ARG D 446 -12.90 9.78 54.31
N GLU D 447 -11.64 9.81 54.72
CA GLU D 447 -11.11 8.76 55.59
C GLU D 447 -11.27 9.17 57.05
N ARG D 448 -11.43 10.46 57.29
CA ARG D 448 -11.62 10.97 58.65
C ARG D 448 -12.89 10.30 59.16
N TYR D 449 -13.98 10.54 58.45
CA TYR D 449 -15.28 9.97 58.79
C TYR D 449 -15.48 8.73 57.91
N THR D 450 -15.20 7.55 58.44
CA THR D 450 -15.35 6.34 57.64
C THR D 450 -16.79 6.00 57.34
N LYS D 451 -17.04 5.62 56.08
CA LYS D 451 -18.35 5.26 55.59
C LYS D 451 -18.66 3.81 55.92
N ILE D 452 -19.84 3.54 56.48
CA ILE D 452 -20.21 2.16 56.80
C ILE D 452 -21.33 1.68 55.92
N VAL D 453 -22.20 2.60 55.51
CA VAL D 453 -23.33 2.29 54.63
C VAL D 453 -23.68 3.51 53.81
N GLU D 454 -24.11 3.28 52.57
CA GLU D 454 -24.51 4.38 51.70
C GLU D 454 -25.64 4.00 50.77
N ILE D 455 -26.60 4.90 50.62
CA ILE D 455 -27.76 4.68 49.76
C ILE D 455 -27.49 5.40 48.43
N PRO D 456 -27.23 4.61 47.37
CA PRO D 456 -26.95 5.09 46.00
C PRO D 456 -27.62 6.40 45.63
N PHE D 457 -26.88 7.24 44.90
CA PHE D 457 -27.36 8.55 44.43
C PHE D 457 -28.79 8.41 43.94
N ASN D 458 -29.50 9.54 43.89
CA ASN D 458 -30.88 9.57 43.47
C ASN D 458 -31.28 8.32 42.70
N SER D 459 -32.22 7.59 43.25
CA SER D 459 -32.70 6.37 42.63
C SER D 459 -34.18 6.60 42.37
N THR D 460 -34.46 7.62 41.56
CA THR D 460 -35.82 8.00 41.22
C THR D 460 -36.51 8.64 42.42
N ASN D 461 -36.21 8.12 43.61
CA ASN D 461 -36.79 8.63 44.84
C ASN D 461 -36.11 9.87 45.42
N LYS D 462 -35.27 10.52 44.61
CA LYS D 462 -34.57 11.72 45.05
C LYS D 462 -33.76 11.48 46.30
N TYR D 463 -32.74 12.31 46.52
CA TYR D 463 -31.80 12.25 47.65
C TYR D 463 -30.74 11.16 47.59
N GLN D 464 -29.75 11.26 48.47
CA GLN D 464 -28.65 10.32 48.52
C GLN D 464 -28.08 10.46 49.91
N LEU D 465 -27.86 9.34 50.59
CA LEU D 465 -27.33 9.42 51.94
C LEU D 465 -26.33 8.33 52.27
N SER D 466 -25.65 8.51 53.38
CA SER D 466 -24.68 7.55 53.83
C SER D 466 -24.38 7.85 55.28
N ILE D 467 -24.11 6.81 56.04
CA ILE D 467 -23.81 6.99 57.44
C ILE D 467 -22.35 6.62 57.66
N HIS D 468 -21.65 7.55 58.29
CA HIS D 468 -20.23 7.40 58.59
C HIS D 468 -20.11 7.50 60.10
N LYS D 469 -18.97 7.08 60.65
CA LYS D 469 -18.78 7.18 62.08
C LYS D 469 -17.95 8.40 62.44
N ASN D 470 -18.49 9.19 63.37
CA ASN D 470 -17.86 10.40 63.85
C ASN D 470 -16.73 10.10 64.83
N PRO D 471 -15.55 10.70 64.61
CA PRO D 471 -14.41 10.47 65.50
C PRO D 471 -14.39 11.35 66.74
N ASN D 472 -15.16 12.44 66.73
CA ASN D 472 -15.23 13.37 67.85
C ASN D 472 -15.85 12.76 69.10
N THR D 473 -15.31 11.62 69.51
CA THR D 473 -15.76 10.86 70.69
C THR D 473 -16.30 11.73 71.83
N ALA D 474 -17.51 12.23 71.62
CA ALA D 474 -18.18 13.09 72.59
C ALA D 474 -19.66 13.07 72.21
N GLU D 475 -19.97 13.71 71.08
CA GLU D 475 -21.33 13.74 70.57
C GLU D 475 -21.52 12.45 69.77
N PRO D 476 -22.75 12.17 69.30
CA PRO D 476 -23.07 10.96 68.54
C PRO D 476 -21.89 10.19 67.92
N ARG D 477 -22.03 8.88 67.87
CA ARG D 477 -21.00 8.01 67.34
C ARG D 477 -21.33 7.66 65.90
N HIS D 478 -22.49 8.09 65.43
CA HIS D 478 -22.94 7.81 64.07
C HIS D 478 -23.52 9.01 63.36
N LEU D 479 -22.87 9.45 62.30
CA LEU D 479 -23.39 10.58 61.54
C LEU D 479 -23.79 10.17 60.13
N LEU D 480 -25.06 10.38 59.83
CA LEU D 480 -25.59 10.05 58.52
C LEU D 480 -25.78 11.39 57.85
N VAL D 481 -25.63 11.41 56.53
CA VAL D 481 -25.76 12.63 55.76
C VAL D 481 -26.43 12.36 54.44
N MET D 482 -27.21 13.32 53.96
CA MET D 482 -27.90 13.16 52.68
C MET D 482 -28.12 14.46 51.95
N LYS D 483 -28.25 14.35 50.64
CA LYS D 483 -28.48 15.50 49.77
C LYS D 483 -29.31 15.04 48.60
N GLY D 484 -30.10 15.95 48.04
CA GLY D 484 -30.92 15.59 46.90
C GLY D 484 -31.64 16.83 46.47
N ALA D 485 -32.72 16.67 45.72
CA ALA D 485 -33.49 17.83 45.27
C ALA D 485 -33.72 18.78 46.44
N PRO D 486 -33.51 20.07 46.23
CA PRO D 486 -33.69 21.06 47.29
C PRO D 486 -35.08 20.97 47.97
N GLU D 487 -36.14 20.87 47.17
CA GLU D 487 -37.50 20.77 47.72
C GLU D 487 -37.55 19.59 48.68
N ARG D 488 -37.50 18.38 48.13
CA ARG D 488 -37.52 17.15 48.90
C ARG D 488 -36.77 17.28 50.23
N ILE D 489 -35.44 17.30 50.15
CA ILE D 489 -34.59 17.41 51.33
C ILE D 489 -35.24 18.26 52.41
N LEU D 490 -35.41 19.54 52.13
CA LEU D 490 -36.02 20.44 53.10
C LEU D 490 -37.25 19.81 53.74
N ASP D 491 -38.25 19.52 52.92
CA ASP D 491 -39.48 18.91 53.42
C ASP D 491 -39.32 17.49 53.92
N ARG D 492 -38.38 17.30 54.82
CA ARG D 492 -38.12 16.00 55.43
C ARG D 492 -37.08 16.17 56.53
N CYS D 493 -37.05 17.38 57.07
CA CYS D 493 -36.15 17.73 58.15
C CYS D 493 -37.06 18.23 59.26
N SER D 494 -36.49 18.92 60.24
CA SER D 494 -37.28 19.43 61.34
C SER D 494 -36.49 20.49 62.10
N SER D 495 -35.20 20.59 61.80
CA SER D 495 -34.33 21.56 62.45
C SER D 495 -33.18 21.88 61.51
N ILE D 496 -32.76 23.15 61.48
CA ILE D 496 -31.66 23.59 60.62
C ILE D 496 -30.64 24.42 61.38
N LEU D 497 -29.38 24.31 60.98
CA LEU D 497 -28.31 25.05 61.64
C LEU D 497 -28.41 26.58 61.62
N ILE D 498 -27.51 27.21 62.37
CA ILE D 498 -27.39 28.68 62.51
C ILE D 498 -26.13 29.00 63.34
N HIS D 499 -25.01 29.20 62.66
CA HIS D 499 -23.72 29.49 63.30
C HIS D 499 -23.22 28.30 64.11
N GLY D 500 -24.14 27.39 64.46
CA GLY D 500 -23.78 26.21 65.21
C GLY D 500 -24.95 25.62 65.99
N LYS D 501 -25.87 26.48 66.41
CA LYS D 501 -27.05 26.07 67.18
C LYS D 501 -27.94 25.20 66.32
N GLU D 502 -29.17 24.96 66.75
CA GLU D 502 -30.06 24.10 65.99
C GLU D 502 -31.54 24.49 66.15
N GLN D 503 -31.86 25.77 65.96
CA GLN D 503 -33.26 26.19 66.08
C GLN D 503 -34.09 25.34 65.12
N PRO D 504 -35.29 24.94 65.56
CA PRO D 504 -36.21 24.12 64.77
C PRO D 504 -36.73 24.74 63.47
N LEU D 505 -37.14 23.87 62.54
CA LEU D 505 -37.70 24.30 61.28
C LEU D 505 -39.07 24.88 61.61
N ASP D 506 -39.60 25.73 60.73
CA ASP D 506 -40.89 26.34 60.98
C ASP D 506 -41.41 27.11 59.77
N GLU D 507 -42.11 28.21 60.03
CA GLU D 507 -42.66 29.04 58.98
C GLU D 507 -41.68 30.17 58.67
N GLU D 508 -41.08 30.72 59.72
CA GLU D 508 -40.13 31.83 59.58
C GLU D 508 -39.02 31.61 58.53
N LEU D 509 -38.27 30.52 58.66
CA LEU D 509 -37.19 30.24 57.72
C LEU D 509 -37.61 29.53 56.45
N LYS D 510 -38.69 28.76 56.53
CA LYS D 510 -39.17 28.04 55.36
C LYS D 510 -39.41 29.07 54.24
N ASP D 511 -39.44 30.35 54.63
CA ASP D 511 -39.65 31.45 53.71
C ASP D 511 -38.33 31.85 53.06
N ALA D 512 -37.43 32.41 53.88
CA ALA D 512 -36.12 32.82 53.39
C ALA D 512 -35.51 31.70 52.57
N PHE D 513 -35.93 30.48 52.86
CA PHE D 513 -35.48 29.29 52.15
C PHE D 513 -36.00 29.33 50.72
N GLN D 514 -37.33 29.29 50.56
CA GLN D 514 -37.94 29.37 49.25
C GLN D 514 -37.30 30.52 48.48
N ASN D 515 -37.16 31.65 49.15
CA ASN D 515 -36.53 32.83 48.55
C ASN D 515 -35.24 32.34 47.93
N ALA D 516 -34.26 32.04 48.79
CA ALA D 516 -32.95 31.57 48.36
C ALA D 516 -33.05 30.65 47.15
N TYR D 517 -33.98 29.70 47.22
CA TYR D 517 -34.20 28.75 46.14
C TYR D 517 -34.56 29.47 44.85
N LEU D 518 -35.82 29.87 44.75
CA LEU D 518 -36.29 30.57 43.56
C LEU D 518 -35.32 31.69 43.22
N GLU D 519 -34.83 32.40 44.24
CA GLU D 519 -33.89 33.50 44.05
C GLU D 519 -32.58 33.04 43.44
N LEU D 520 -32.27 31.76 43.60
CA LEU D 520 -31.06 31.21 43.02
C LEU D 520 -31.40 30.57 41.68
N GLY D 521 -32.51 29.83 41.66
CA GLY D 521 -32.93 29.19 40.44
C GLY D 521 -32.94 30.21 39.32
N GLY D 522 -33.39 31.42 39.66
CA GLY D 522 -33.45 32.50 38.70
C GLY D 522 -32.15 32.70 37.94
N LEU D 523 -31.03 32.62 38.64
CA LEU D 523 -29.74 32.79 37.97
C LEU D 523 -29.46 31.57 37.10
N GLY D 524 -30.39 30.62 37.13
CA GLY D 524 -30.27 29.43 36.32
C GLY D 524 -29.24 28.38 36.71
N GLU D 525 -28.85 28.36 37.97
CA GLU D 525 -27.90 27.36 38.42
C GLU D 525 -28.68 26.25 39.09
N ARG D 526 -28.15 25.02 39.06
CA ARG D 526 -28.85 23.90 39.68
C ARG D 526 -28.59 23.96 41.17
N VAL D 527 -29.61 23.66 41.96
CA VAL D 527 -29.46 23.68 43.41
C VAL D 527 -29.77 22.35 44.07
N LEU D 528 -28.96 22.03 45.07
CA LEU D 528 -29.09 20.79 45.81
C LEU D 528 -29.33 21.05 47.28
N GLY D 529 -30.05 20.13 47.91
CA GLY D 529 -30.32 20.29 49.32
C GLY D 529 -29.37 19.43 50.11
N PHE D 530 -28.74 20.00 51.14
CA PHE D 530 -27.83 19.25 51.98
C PHE D 530 -28.34 19.25 53.41
N CYS D 531 -28.17 18.11 54.08
CA CYS D 531 -28.63 17.94 55.46
C CYS D 531 -28.01 16.71 56.08
N HIS D 532 -27.89 16.71 57.40
CA HIS D 532 -27.31 15.58 58.11
C HIS D 532 -28.03 15.30 59.42
N LEU D 533 -27.68 14.18 60.03
CA LEU D 533 -28.28 13.82 61.29
C LEU D 533 -27.34 12.98 62.10
N PHE D 534 -27.36 13.21 63.40
CA PHE D 534 -26.54 12.47 64.34
C PHE D 534 -27.46 11.48 65.03
N LEU D 535 -27.37 10.23 64.64
CA LEU D 535 -28.22 9.20 65.22
C LEU D 535 -27.89 9.00 66.69
N PRO D 536 -28.86 9.26 67.58
CA PRO D 536 -28.67 9.10 69.04
C PRO D 536 -28.03 7.76 69.45
N ASP D 537 -27.21 7.79 70.51
CA ASP D 537 -26.49 6.61 70.97
C ASP D 537 -27.37 5.53 71.56
N GLU D 538 -28.11 5.88 72.61
CA GLU D 538 -29.01 4.96 73.28
C GLU D 538 -29.95 4.30 72.28
N GLN D 539 -29.83 4.73 71.02
CA GLN D 539 -30.63 4.23 69.91
C GLN D 539 -29.77 3.39 68.96
N PHE D 540 -28.50 3.74 68.86
CA PHE D 540 -27.56 3.04 68.00
C PHE D 540 -26.20 2.87 68.66
N PRO D 541 -25.96 1.71 69.29
CA PRO D 541 -24.65 1.52 69.92
C PRO D 541 -23.64 1.21 68.83
N GLU D 542 -22.36 1.46 69.10
CA GLU D 542 -21.32 1.19 68.12
C GLU D 542 -21.50 -0.21 67.57
N GLY D 543 -21.23 -0.39 66.28
CA GLY D 543 -21.40 -1.71 65.71
C GLY D 543 -22.83 -2.01 65.29
N PHE D 544 -23.74 -1.09 65.63
CA PHE D 544 -25.15 -1.23 65.27
C PHE D 544 -25.26 -1.71 63.82
N GLN D 545 -26.25 -2.53 63.52
CA GLN D 545 -26.38 -3.00 62.16
C GLN D 545 -27.36 -2.21 61.31
N PHE D 546 -26.82 -1.45 60.37
CA PHE D 546 -27.65 -0.68 59.47
C PHE D 546 -27.99 -1.51 58.24
N ASP D 547 -29.26 -1.54 57.85
CA ASP D 547 -29.64 -2.31 56.67
C ASP D 547 -29.60 -1.40 55.44
N THR D 548 -28.68 -1.72 54.52
CA THR D 548 -28.44 -0.96 53.29
C THR D 548 -29.70 -0.48 52.60
N ASP D 549 -30.04 -1.16 51.51
CA ASP D 549 -31.21 -0.84 50.73
C ASP D 549 -32.52 -1.15 51.45
N ASP D 550 -32.51 -1.08 52.77
CA ASP D 550 -33.70 -1.37 53.55
C ASP D 550 -33.94 -0.41 54.73
N VAL D 551 -35.18 0.07 54.84
CA VAL D 551 -35.57 0.96 55.92
C VAL D 551 -34.97 0.41 57.20
N ASN D 552 -34.51 1.28 58.08
CA ASN D 552 -33.90 0.82 59.30
C ASN D 552 -33.47 1.93 60.29
N PHE D 553 -33.14 3.11 59.75
CA PHE D 553 -32.73 4.27 60.55
C PHE D 553 -33.51 5.50 60.08
N PRO D 554 -33.66 6.51 60.95
CA PRO D 554 -34.38 7.74 60.64
C PRO D 554 -34.14 8.34 59.26
N LEU D 555 -35.13 9.09 58.79
CA LEU D 555 -35.04 9.75 57.48
C LEU D 555 -35.68 11.12 57.56
N ASP D 556 -36.67 11.25 58.44
CA ASP D 556 -37.35 12.52 58.65
C ASP D 556 -36.80 13.18 59.91
N ASN D 557 -37.29 14.38 60.20
CA ASN D 557 -36.83 15.09 61.38
C ASN D 557 -35.32 15.20 61.38
N LEU D 558 -34.72 15.26 60.20
CA LEU D 558 -33.28 15.39 60.08
C LEU D 558 -32.91 16.85 60.24
N CYS D 559 -31.63 17.15 60.10
CA CYS D 559 -31.21 18.54 60.24
C CYS D 559 -30.80 19.14 58.89
N PHE D 560 -31.52 20.17 58.45
CA PHE D 560 -31.22 20.85 57.20
C PHE D 560 -30.05 21.80 57.40
N VAL D 561 -28.95 21.53 56.72
CA VAL D 561 -27.75 22.35 56.88
C VAL D 561 -27.59 23.45 55.83
N GLY D 562 -28.07 23.24 54.62
CA GLY D 562 -27.93 24.27 53.61
C GLY D 562 -28.21 23.96 52.14
N LEU D 563 -28.01 24.98 51.31
CA LEU D 563 -28.22 24.91 49.88
C LEU D 563 -26.95 25.23 49.11
N ILE D 564 -26.73 24.53 48.01
CA ILE D 564 -25.57 24.81 47.17
C ILE D 564 -25.97 24.76 45.70
N SER D 565 -25.60 25.81 44.98
CA SER D 565 -25.89 25.93 43.57
C SER D 565 -24.60 25.92 42.76
N MET D 566 -24.61 25.22 41.64
CA MET D 566 -23.43 25.17 40.79
C MET D 566 -23.87 25.54 39.40
N ILE D 567 -22.90 25.95 38.57
CA ILE D 567 -23.21 26.36 37.20
C ILE D 567 -21.99 26.35 36.28
N ASP D 568 -22.23 26.68 35.02
CA ASP D 568 -21.15 26.76 34.05
C ASP D 568 -20.90 28.25 33.98
N PRO D 569 -19.92 28.72 34.77
CA PRO D 569 -19.53 30.13 34.86
C PRO D 569 -18.81 30.68 33.65
N PRO D 570 -18.86 32.00 33.49
CA PRO D 570 -18.22 32.75 32.40
C PRO D 570 -16.72 32.73 32.65
N ARG D 571 -15.92 32.78 31.60
CA ARG D 571 -14.49 32.79 31.81
C ARG D 571 -14.14 34.06 32.58
N ALA D 572 -12.93 34.12 33.11
CA ALA D 572 -12.50 35.28 33.86
C ALA D 572 -12.79 36.56 33.10
N ALA D 573 -12.15 36.65 31.94
CA ALA D 573 -12.24 37.81 31.04
C ALA D 573 -13.62 38.14 30.44
N VAL D 574 -14.23 37.17 29.79
CA VAL D 574 -15.52 37.36 29.17
C VAL D 574 -16.41 38.45 29.76
N PRO D 575 -16.54 38.50 31.10
CA PRO D 575 -17.38 39.51 31.73
C PRO D 575 -17.40 40.89 31.05
N ASP D 576 -16.31 41.63 31.20
CA ASP D 576 -16.21 42.98 30.64
C ASP D 576 -15.66 43.05 29.22
N ALA D 577 -14.86 42.06 28.84
CA ALA D 577 -14.32 42.05 27.48
C ALA D 577 -15.49 42.21 26.52
N VAL D 578 -16.67 41.77 26.95
CA VAL D 578 -17.86 41.90 26.13
C VAL D 578 -18.23 43.38 26.14
N GLY D 579 -18.31 43.96 27.34
CA GLY D 579 -18.63 45.37 27.46
C GLY D 579 -17.73 46.25 26.61
N LYS D 580 -16.44 45.89 26.50
CA LYS D 580 -15.48 46.64 25.70
C LYS D 580 -15.91 46.65 24.23
N CYS D 581 -16.33 45.50 23.72
CA CYS D 581 -16.77 45.39 22.34
C CYS D 581 -17.99 46.26 22.16
N ARG D 582 -18.69 46.52 23.25
CA ARG D 582 -19.86 47.37 23.21
C ARG D 582 -19.34 48.80 23.27
N SER D 583 -18.32 49.02 24.09
CA SER D 583 -17.72 50.34 24.23
C SER D 583 -17.42 50.77 22.80
N ALA D 584 -17.13 49.78 21.96
CA ALA D 584 -16.80 50.00 20.57
C ALA D 584 -17.98 49.84 19.62
N GLY D 585 -19.19 50.06 20.12
CA GLY D 585 -20.38 49.96 19.30
C GLY D 585 -20.62 48.66 18.55
N ILE D 586 -19.83 47.63 18.82
CA ILE D 586 -19.99 46.33 18.16
C ILE D 586 -21.20 45.63 18.75
N LYS D 587 -22.02 45.03 17.90
CA LYS D 587 -23.18 44.34 18.41
C LYS D 587 -22.76 42.89 18.60
N VAL D 588 -23.36 42.21 19.56
CA VAL D 588 -23.05 40.81 19.81
C VAL D 588 -24.35 40.05 19.85
N ILE D 589 -24.23 38.74 19.85
CA ILE D 589 -25.38 37.86 19.87
C ILE D 589 -24.89 36.53 20.42
N MET D 590 -25.76 35.83 21.13
CA MET D 590 -25.39 34.53 21.67
C MET D 590 -26.03 33.48 20.78
N VAL D 591 -25.22 32.64 20.16
CA VAL D 591 -25.76 31.59 19.32
C VAL D 591 -25.41 30.30 20.04
N THR D 592 -26.38 29.75 20.76
CA THR D 592 -26.14 28.55 21.55
C THR D 592 -27.21 27.44 21.45
N GLY D 593 -26.72 26.22 21.43
CA GLY D 593 -27.59 25.07 21.35
C GLY D 593 -28.00 24.67 22.75
N ASP D 594 -27.42 25.29 23.78
CA ASP D 594 -27.80 24.97 25.14
C ASP D 594 -29.23 25.45 25.33
N HIS D 595 -29.81 25.23 26.51
CA HIS D 595 -31.21 25.63 26.75
C HIS D 595 -31.42 27.09 27.18
N PRO D 596 -32.61 27.63 26.92
CA PRO D 596 -33.00 29.01 27.23
C PRO D 596 -32.54 29.54 28.58
N ILE D 597 -33.15 29.04 29.65
CA ILE D 597 -32.83 29.46 31.01
C ILE D 597 -31.37 29.80 31.15
N THR D 598 -30.51 28.80 30.95
CA THR D 598 -29.08 28.97 31.06
C THR D 598 -28.59 30.11 30.15
N ALA D 599 -28.83 29.97 28.85
CA ALA D 599 -28.43 30.97 27.89
C ALA D 599 -28.73 32.40 28.33
N LYS D 600 -29.95 32.64 28.81
CA LYS D 600 -30.31 33.97 29.25
C LYS D 600 -29.58 34.34 30.52
N ALA D 601 -29.71 33.53 31.55
CA ALA D 601 -29.03 33.83 32.82
C ALA D 601 -27.55 34.11 32.59
N ILE D 602 -26.97 33.41 31.61
CA ILE D 602 -25.56 33.60 31.29
C ILE D 602 -25.38 34.86 30.45
N ALA D 603 -26.39 35.18 29.64
CA ALA D 603 -26.33 36.38 28.82
C ALA D 603 -26.24 37.58 29.75
N LYS D 604 -27.15 37.64 30.73
CA LYS D 604 -27.17 38.74 31.70
C LYS D 604 -25.85 38.80 32.45
N GLY D 605 -25.29 37.63 32.73
CA GLY D 605 -24.04 37.56 33.45
C GLY D 605 -22.87 38.26 32.78
N VAL D 606 -22.79 38.18 31.45
CA VAL D 606 -21.69 38.80 30.70
C VAL D 606 -22.08 40.04 29.91
N GLY D 607 -22.96 40.85 30.48
CA GLY D 607 -23.38 42.08 29.83
C GLY D 607 -24.23 41.94 28.58
N ILE D 608 -24.07 40.81 27.89
CA ILE D 608 -24.82 40.55 26.66
C ILE D 608 -26.25 41.06 26.74
N ILE D 609 -26.79 41.15 27.97
CA ILE D 609 -28.14 41.64 28.19
C ILE D 609 -28.17 42.49 29.46
N SER D 610 -28.84 43.64 29.41
CA SER D 610 -28.90 44.49 30.59
C SER D 610 -30.27 44.47 31.23
N GLU D 611 -31.08 45.48 30.93
CA GLU D 611 -32.43 45.56 31.47
C GLU D 611 -33.51 45.73 30.41
N GLY D 612 -34.52 44.86 30.47
CA GLY D 612 -35.62 44.91 29.53
C GLY D 612 -35.96 43.62 28.83
N ASN D 613 -35.98 42.50 29.56
CA ASN D 613 -36.32 41.23 28.92
C ASN D 613 -37.76 41.33 28.44
N GLU D 614 -38.03 40.72 27.30
CA GLU D 614 -39.36 40.74 26.75
C GLU D 614 -40.36 39.95 27.64
N THR D 615 -40.31 38.63 27.50
CA THR D 615 -41.19 37.74 28.24
C THR D 615 -41.30 38.01 29.75
N VAL D 616 -40.47 38.90 30.28
CA VAL D 616 -40.53 39.18 31.72
C VAL D 616 -41.57 40.25 32.04
N GLU D 617 -41.47 41.40 31.38
CA GLU D 617 -42.42 42.47 31.63
C GLU D 617 -43.79 41.85 31.43
N ASP D 618 -43.83 40.81 30.61
CA ASP D 618 -45.06 40.09 30.35
C ASP D 618 -45.72 39.77 31.68
N ILE D 619 -44.91 39.54 32.70
CA ILE D 619 -45.42 39.22 34.02
C ILE D 619 -45.30 40.42 34.97
N ALA D 620 -44.21 41.16 34.84
CA ALA D 620 -43.97 42.32 35.69
C ALA D 620 -45.02 43.42 35.50
N ALA D 621 -46.15 43.08 34.90
CA ALA D 621 -47.23 44.04 34.65
C ALA D 621 -48.48 43.36 34.09
N ARG D 622 -48.90 43.84 32.92
CA ARG D 622 -50.09 43.37 32.20
C ARG D 622 -50.09 41.85 31.96
N LEU D 623 -49.95 41.12 33.07
CA LEU D 623 -49.93 39.67 33.08
C LEU D 623 -50.45 39.03 31.80
N ASN D 624 -49.63 39.03 30.75
CA ASN D 624 -49.99 38.43 29.46
C ASN D 624 -48.78 38.36 28.55
N ILE D 625 -49.02 38.00 27.29
CA ILE D 625 -47.94 37.92 26.32
C ILE D 625 -48.27 38.92 25.21
N PRO D 626 -49.40 38.71 24.52
CA PRO D 626 -49.72 39.68 23.47
C PRO D 626 -50.07 41.02 24.10
N VAL D 627 -51.35 41.37 24.08
CA VAL D 627 -51.85 42.61 24.65
C VAL D 627 -50.87 43.78 24.55
N SER D 628 -50.83 44.62 25.58
CA SER D 628 -49.96 45.80 25.62
C SER D 628 -48.49 45.43 25.70
N GLN D 629 -48.17 44.18 25.36
CA GLN D 629 -46.79 43.74 25.41
C GLN D 629 -46.11 43.60 24.07
N VAL D 630 -46.24 42.43 23.45
CA VAL D 630 -45.61 42.14 22.15
C VAL D 630 -45.41 43.34 21.21
N ASN D 631 -46.52 43.82 20.62
CA ASN D 631 -46.47 44.95 19.70
C ASN D 631 -45.53 46.03 20.24
N PRO D 632 -45.86 46.59 21.42
CA PRO D 632 -45.01 47.64 22.00
C PRO D 632 -43.52 47.36 21.93
N ARG D 633 -43.14 46.09 21.88
CA ARG D 633 -41.72 45.78 21.84
C ARG D 633 -41.04 46.68 22.86
N ASP D 634 -41.74 46.98 23.95
CA ASP D 634 -41.18 47.85 24.99
C ASP D 634 -39.87 47.21 25.49
N ALA D 635 -39.54 46.06 24.88
CA ALA D 635 -38.36 45.29 25.24
C ALA D 635 -37.19 45.44 24.25
N LYS D 636 -36.05 45.89 24.77
CA LYS D 636 -34.86 46.07 23.96
C LYS D 636 -34.22 44.74 23.58
N ALA D 637 -34.46 43.69 24.38
CA ALA D 637 -33.86 42.38 24.12
C ALA D 637 -34.81 41.22 24.34
N CYS D 638 -34.48 40.09 23.73
CA CYS D 638 -35.30 38.89 23.83
C CYS D 638 -34.49 37.61 23.63
N VAL D 639 -35.10 36.49 23.98
CA VAL D 639 -34.48 35.19 23.84
C VAL D 639 -35.28 34.36 22.85
N VAL D 640 -34.64 34.01 21.74
CA VAL D 640 -35.28 33.22 20.71
C VAL D 640 -34.87 31.76 20.74
N HIS D 641 -35.85 30.90 20.92
CA HIS D 641 -35.61 29.47 20.97
C HIS D 641 -35.53 28.99 19.54
N GLY D 642 -34.61 28.06 19.28
CA GLY D 642 -34.46 27.53 17.94
C GLY D 642 -35.72 26.89 17.38
N SER D 643 -36.52 26.30 18.27
CA SER D 643 -37.77 25.65 17.90
C SER D 643 -38.63 26.58 17.06
N ASP D 644 -38.53 27.88 17.34
CA ASP D 644 -39.29 28.89 16.63
C ASP D 644 -38.53 29.47 15.43
N LEU D 645 -37.22 29.55 15.52
CA LEU D 645 -36.41 30.07 14.42
C LEU D 645 -36.59 29.15 13.21
N LYS D 646 -36.98 27.92 13.48
CA LYS D 646 -37.20 26.92 12.43
C LYS D 646 -38.36 27.32 11.52
N ASP D 647 -39.37 27.96 12.11
CA ASP D 647 -40.56 28.39 11.37
C ASP D 647 -40.55 29.88 11.00
N MET D 648 -39.38 30.44 10.75
CA MET D 648 -39.30 31.86 10.39
C MET D 648 -38.76 32.06 8.96
N THR D 649 -39.19 33.16 8.35
CA THR D 649 -38.76 33.49 6.98
C THR D 649 -37.65 34.54 7.01
N SER D 650 -36.94 34.66 5.89
CA SER D 650 -35.85 35.63 5.77
C SER D 650 -36.16 36.90 6.54
N GLU D 651 -37.10 37.68 6.02
CA GLU D 651 -37.48 38.92 6.66
C GLU D 651 -37.93 38.78 8.12
N GLN D 652 -38.62 37.69 8.45
CA GLN D 652 -39.07 37.49 9.83
C GLN D 652 -37.87 37.58 10.76
N LEU D 653 -36.76 36.99 10.32
CA LEU D 653 -35.54 37.01 11.12
C LEU D 653 -35.04 38.43 11.17
N ASP D 654 -34.94 39.05 10.01
CA ASP D 654 -34.49 40.43 9.88
C ASP D 654 -35.13 41.26 10.98
N ASP D 655 -36.46 41.27 11.00
CA ASP D 655 -37.21 42.00 12.01
C ASP D 655 -36.59 41.71 13.37
N ILE D 656 -36.84 40.51 13.87
CA ILE D 656 -36.32 40.10 15.16
C ILE D 656 -34.86 40.49 15.32
N LEU D 657 -34.03 40.08 14.36
CA LEU D 657 -32.59 40.37 14.41
C LEU D 657 -32.23 41.85 14.57
N LYS D 658 -32.81 42.72 13.75
CA LYS D 658 -32.47 44.15 13.83
C LYS D 658 -33.57 45.09 14.27
N TYR D 659 -34.23 44.76 15.37
CA TYR D 659 -35.28 45.60 15.92
C TYR D 659 -35.07 45.73 17.40
N HIS D 660 -34.07 45.02 17.90
CA HIS D 660 -33.70 45.04 19.30
C HIS D 660 -32.37 44.33 19.51
N THR D 661 -31.70 44.64 20.62
CA THR D 661 -30.42 44.03 20.92
C THR D 661 -30.51 42.91 21.96
N GLU D 662 -31.24 41.86 21.57
CA GLU D 662 -31.47 40.68 22.41
C GLU D 662 -30.17 39.98 22.68
N ILE D 663 -29.38 39.81 21.63
CA ILE D 663 -28.08 39.16 21.72
C ILE D 663 -28.17 37.67 22.13
N VAL D 664 -29.33 37.03 21.99
CA VAL D 664 -29.44 35.60 22.36
C VAL D 664 -30.52 34.64 21.81
N PHE D 665 -30.09 33.72 20.94
CA PHE D 665 -30.96 32.69 20.38
C PHE D 665 -30.45 31.44 21.08
N ALA D 666 -31.35 30.60 21.60
CA ALA D 666 -30.90 29.40 22.30
C ALA D 666 -31.32 28.12 21.62
N ARG D 667 -30.78 27.00 22.11
CA ARG D 667 -31.05 25.67 21.57
C ARG D 667 -31.13 25.83 20.08
N THR D 668 -29.98 25.77 19.42
CA THR D 668 -29.96 25.97 17.99
C THR D 668 -29.19 24.90 17.24
N SER D 669 -29.71 24.47 16.09
CA SER D 669 -29.01 23.44 15.34
C SER D 669 -27.92 24.15 14.58
N PRO D 670 -26.76 23.49 14.38
CA PRO D 670 -25.60 24.04 13.67
C PRO D 670 -26.00 24.95 12.51
N GLN D 671 -26.83 24.42 11.63
CA GLN D 671 -27.32 25.18 10.48
C GLN D 671 -27.82 26.52 10.97
N GLN D 672 -28.63 26.48 12.01
CA GLN D 672 -29.19 27.70 12.58
C GLN D 672 -28.15 28.75 12.92
N LYS D 673 -27.05 28.36 13.54
CA LYS D 673 -26.02 29.33 13.88
C LYS D 673 -25.68 30.10 12.61
N LEU D 674 -25.48 29.35 11.52
CA LEU D 674 -25.15 29.94 10.23
C LEU D 674 -26.32 30.74 9.67
N ILE D 675 -27.47 30.11 9.50
CA ILE D 675 -28.61 30.85 8.99
C ILE D 675 -28.70 32.16 9.78
N ILE D 676 -28.31 32.13 11.05
CA ILE D 676 -28.35 33.32 11.88
C ILE D 676 -27.29 34.27 11.38
N VAL D 677 -26.06 33.77 11.27
CA VAL D 677 -24.97 34.58 10.80
C VAL D 677 -25.36 35.21 9.47
N GLU D 678 -25.80 34.38 8.53
CA GLU D 678 -26.20 34.87 7.22
C GLU D 678 -27.07 36.08 7.41
N GLY D 679 -28.19 35.89 8.10
CA GLY D 679 -29.12 36.98 8.35
C GLY D 679 -28.46 38.25 8.86
N CYS D 680 -27.43 38.11 9.66
CA CYS D 680 -26.73 39.27 10.17
C CYS D 680 -26.02 39.87 8.96
N GLN D 681 -25.33 39.02 8.21
CA GLN D 681 -24.60 39.44 7.03
C GLN D 681 -25.47 40.07 5.95
N ARG D 682 -26.61 39.45 5.64
CA ARG D 682 -27.50 39.97 4.62
C ARG D 682 -27.93 41.41 4.86
N GLN D 683 -27.59 41.96 6.03
CA GLN D 683 -27.93 43.35 6.31
C GLN D 683 -26.68 44.21 6.20
N GLY D 684 -25.88 43.93 5.18
CA GLY D 684 -24.65 44.65 4.91
C GLY D 684 -23.75 44.91 6.11
N ALA D 685 -23.28 43.85 6.76
CA ALA D 685 -22.42 44.02 7.92
C ALA D 685 -21.24 43.06 7.93
N ILE D 686 -20.33 43.29 8.86
CA ILE D 686 -19.15 42.45 8.96
C ILE D 686 -19.25 41.72 10.29
N VAL D 687 -19.64 40.44 10.26
CA VAL D 687 -19.77 39.64 11.48
C VAL D 687 -18.65 38.64 11.73
N ALA D 688 -18.32 38.51 13.01
CA ALA D 688 -17.29 37.60 13.43
C ALA D 688 -17.97 36.57 14.32
N VAL D 689 -17.47 35.33 14.31
CA VAL D 689 -18.03 34.28 15.13
C VAL D 689 -16.96 33.58 15.97
N THR D 690 -17.30 33.41 17.23
CA THR D 690 -16.43 32.80 18.21
C THR D 690 -16.98 31.46 18.66
N GLY D 691 -16.21 30.40 18.50
CA GLY D 691 -16.72 29.10 18.91
C GLY D 691 -15.72 28.19 19.59
N ASP D 692 -16.13 26.94 19.80
CA ASP D 692 -15.26 25.95 20.44
C ASP D 692 -15.55 24.57 19.87
N GLY D 693 -16.81 24.16 19.99
CA GLY D 693 -17.22 22.86 19.52
C GLY D 693 -17.45 22.79 18.04
N VAL D 694 -17.58 21.57 17.55
CA VAL D 694 -17.81 21.30 16.14
C VAL D 694 -19.16 21.81 15.68
N ASN D 695 -20.10 21.95 16.60
CA ASN D 695 -21.41 22.43 16.18
C ASN D 695 -21.30 23.81 15.55
N ASP D 696 -20.17 24.48 15.75
CA ASP D 696 -19.95 25.81 15.20
C ASP D 696 -19.46 25.78 13.75
N SER D 697 -18.60 24.82 13.46
CA SER D 697 -18.00 24.62 12.14
C SER D 697 -18.58 25.54 11.09
N PRO D 698 -19.84 25.32 10.70
CA PRO D 698 -20.49 26.16 9.69
C PRO D 698 -20.35 27.65 9.99
N ALA D 699 -21.11 28.14 10.97
CA ALA D 699 -21.04 29.55 11.35
C ALA D 699 -19.60 30.10 11.46
N SER D 700 -18.65 29.20 11.69
CA SER D 700 -17.26 29.63 11.75
C SER D 700 -16.68 29.73 10.36
N LYS D 701 -17.55 29.80 9.36
CA LYS D 701 -17.10 29.91 7.98
C LYS D 701 -17.84 31.00 7.25
N LYS D 702 -19.17 30.96 7.24
CA LYS D 702 -19.92 32.00 6.56
C LYS D 702 -19.58 33.30 7.25
N ALA D 703 -19.08 33.18 8.48
CA ALA D 703 -18.68 34.34 9.26
C ALA D 703 -17.49 34.97 8.57
N ASP D 704 -17.47 36.30 8.54
CA ASP D 704 -16.37 37.02 7.91
C ASP D 704 -15.07 36.55 8.55
N ILE D 705 -14.95 36.74 9.85
CA ILE D 705 -13.76 36.27 10.55
C ILE D 705 -14.19 35.28 11.65
N GLY D 706 -13.49 34.14 11.70
CA GLY D 706 -13.80 33.11 12.68
C GLY D 706 -12.75 32.93 13.74
N VAL D 707 -13.19 32.91 14.99
CA VAL D 707 -12.27 32.77 16.11
C VAL D 707 -12.49 31.46 16.87
N ALA D 708 -11.52 30.56 16.76
CA ALA D 708 -11.61 29.28 17.44
C ALA D 708 -11.48 29.47 18.95
N MET D 709 -10.80 28.53 19.61
CA MET D 709 -10.60 28.60 21.05
C MET D 709 -9.43 27.75 21.53
N GLY D 710 -8.44 27.57 20.66
CA GLY D 710 -7.26 26.79 21.00
C GLY D 710 -7.51 25.43 21.63
N ILE D 711 -7.47 25.39 22.96
CA ILE D 711 -7.66 24.16 23.73
C ILE D 711 -9.13 23.80 23.93
N ALA D 712 -9.95 24.79 24.26
CA ALA D 712 -11.38 24.56 24.47
C ALA D 712 -12.10 24.22 23.17
N GLY D 713 -11.33 23.98 22.11
CA GLY D 713 -11.94 23.70 20.82
C GLY D 713 -11.60 22.37 20.19
N SER D 714 -12.50 21.95 19.30
CA SER D 714 -12.40 20.71 18.57
C SER D 714 -11.32 20.79 17.51
N ASP D 715 -10.61 19.69 17.30
CA ASP D 715 -9.54 19.64 16.30
C ASP D 715 -10.14 19.91 14.92
N VAL D 716 -11.26 20.63 14.90
CA VAL D 716 -11.97 20.99 13.67
C VAL D 716 -12.44 22.44 13.73
N SER D 717 -13.15 22.77 14.80
CA SER D 717 -13.65 24.12 14.98
C SER D 717 -12.54 25.08 14.56
N LYS D 718 -11.33 24.77 15.00
CA LYS D 718 -10.16 25.57 14.67
C LYS D 718 -9.85 25.50 13.19
N GLN D 719 -9.82 24.29 12.64
CA GLN D 719 -9.55 24.15 11.23
C GLN D 719 -10.44 25.05 10.39
N ALA D 720 -11.60 25.39 10.92
CA ALA D 720 -12.53 26.24 10.20
C ALA D 720 -12.32 27.71 10.50
N ALA D 721 -11.76 28.01 11.67
CA ALA D 721 -11.56 29.41 12.04
C ALA D 721 -10.35 30.09 11.41
N ASP D 722 -10.32 31.42 11.54
CA ASP D 722 -9.26 32.28 11.02
C ASP D 722 -8.24 32.52 12.12
N MET D 723 -8.75 32.93 13.28
CA MET D 723 -7.94 33.20 14.46
C MET D 723 -8.09 32.09 15.49
N ILE D 724 -6.99 31.77 16.14
CA ILE D 724 -6.97 30.70 17.12
C ILE D 724 -6.46 31.13 18.47
N LEU D 725 -7.31 31.70 19.31
CA LEU D 725 -6.87 32.13 20.65
C LEU D 725 -6.23 30.93 21.35
N LEU D 726 -4.94 30.99 21.64
CA LEU D 726 -4.29 29.83 22.27
C LEU D 726 -4.16 29.94 23.78
N ASP D 727 -4.74 30.98 24.35
CA ASP D 727 -4.72 31.18 25.80
C ASP D 727 -6.19 31.29 26.20
N ASP D 728 -7.07 31.09 25.23
CA ASP D 728 -8.51 31.16 25.45
C ASP D 728 -8.93 32.44 26.14
N ASN D 729 -8.05 33.44 26.17
CA ASN D 729 -8.36 34.72 26.79
C ASN D 729 -9.29 35.48 25.86
N PHE D 730 -10.58 35.40 26.12
CA PHE D 730 -11.55 36.06 25.26
C PHE D 730 -11.41 37.57 25.21
N ALA D 731 -10.35 38.11 25.78
CA ALA D 731 -10.15 39.56 25.73
C ALA D 731 -9.34 39.92 24.48
N SER D 732 -8.65 38.94 23.93
CA SER D 732 -7.86 39.17 22.73
C SER D 732 -8.73 39.66 21.58
N ILE D 733 -10.03 39.40 21.68
CA ILE D 733 -10.95 39.87 20.65
C ILE D 733 -10.80 41.39 20.63
N VAL D 734 -10.74 42.02 21.80
CA VAL D 734 -10.57 43.46 21.85
C VAL D 734 -9.14 43.85 21.46
N THR D 735 -8.16 43.11 21.96
CA THR D 735 -6.76 43.36 21.63
C THR D 735 -6.55 42.75 20.25
N GLY D 736 -7.56 42.93 19.41
CA GLY D 736 -7.52 42.41 18.06
C GLY D 736 -8.37 43.33 17.21
N VAL D 737 -9.46 43.80 17.78
CA VAL D 737 -10.33 44.71 17.07
C VAL D 737 -9.58 46.05 17.09
N GLU D 738 -8.78 46.27 18.12
CA GLU D 738 -8.02 47.50 18.18
C GLU D 738 -6.89 47.38 17.19
N GLU D 739 -5.97 46.47 17.47
CA GLU D 739 -4.83 46.25 16.59
C GLU D 739 -5.21 46.19 15.11
N GLY D 740 -6.47 45.83 14.84
CA GLY D 740 -6.94 45.75 13.47
C GLY D 740 -7.29 47.14 12.97
N ARG D 741 -8.15 47.83 13.73
CA ARG D 741 -8.57 49.19 13.41
C ARG D 741 -7.36 50.09 13.20
N LEU D 742 -6.29 49.79 13.94
CA LEU D 742 -5.06 50.53 13.83
C LEU D 742 -4.52 50.46 12.39
N ILE D 743 -4.26 49.24 11.93
CA ILE D 743 -3.72 49.04 10.60
C ILE D 743 -4.59 49.53 9.45
N PHE D 744 -5.86 49.86 9.72
CA PHE D 744 -6.69 50.37 8.64
C PHE D 744 -6.10 51.72 8.35
N ASP D 745 -6.03 52.54 9.40
CA ASP D 745 -5.45 53.87 9.30
C ASP D 745 -4.00 53.73 8.91
N ASN D 746 -3.21 53.10 9.78
CA ASN D 746 -1.79 52.91 9.50
C ASN D 746 -1.48 52.17 8.19
N LEU D 747 -2.43 52.21 7.26
CA LEU D 747 -2.24 51.59 5.96
C LEU D 747 -2.46 52.71 4.95
N LYS D 748 -3.45 53.54 5.20
CA LYS D 748 -3.69 54.65 4.32
C LYS D 748 -2.36 55.42 4.25
N LYS D 749 -1.69 55.47 5.39
CA LYS D 749 -0.40 56.14 5.51
C LYS D 749 0.63 55.39 4.72
N SER D 750 1.03 54.23 5.24
CA SER D 750 2.04 53.44 4.55
C SER D 750 1.78 53.40 3.05
N ILE D 751 0.51 53.36 2.66
CA ILE D 751 0.22 53.30 1.23
C ILE D 751 0.42 54.68 0.61
N ALA D 752 -0.42 55.64 0.98
CA ALA D 752 -0.30 56.99 0.45
C ALA D 752 1.17 57.36 0.24
N TYR D 753 1.93 57.39 1.33
CA TYR D 753 3.35 57.71 1.26
C TYR D 753 4.00 57.23 -0.02
N THR D 754 3.82 55.97 -0.37
CA THR D 754 4.46 55.48 -1.56
C THR D 754 3.77 55.83 -2.90
N LEU D 755 2.45 55.76 -2.99
CA LEU D 755 1.85 56.09 -4.27
C LEU D 755 1.77 57.60 -4.51
N THR D 756 2.36 58.39 -3.61
CA THR D 756 2.34 59.84 -3.76
C THR D 756 3.67 60.32 -4.36
N SER D 757 4.68 59.46 -4.33
CA SER D 757 5.98 59.81 -4.88
C SER D 757 6.05 59.42 -6.33
N ASN D 758 4.99 58.77 -6.82
CA ASN D 758 4.94 58.41 -8.23
C ASN D 758 5.16 59.71 -9.02
N ILE D 759 4.22 60.65 -8.87
CA ILE D 759 4.25 61.95 -9.53
C ILE D 759 5.67 62.43 -9.86
N PRO D 760 6.48 62.76 -8.84
CA PRO D 760 7.83 63.20 -9.16
C PRO D 760 8.66 62.14 -9.85
N GLU D 761 8.00 61.23 -10.56
CA GLU D 761 8.72 60.19 -11.28
C GLU D 761 7.88 59.70 -12.45
N ILE D 762 6.78 60.41 -12.70
CA ILE D 762 5.88 60.11 -13.81
C ILE D 762 6.18 61.21 -14.82
N THR D 763 5.95 62.45 -14.37
CA THR D 763 6.17 63.63 -15.19
C THR D 763 7.53 63.65 -15.90
N PRO D 764 8.58 63.13 -15.26
CA PRO D 764 9.88 63.15 -15.95
C PRO D 764 9.72 62.62 -17.37
N PHE D 765 8.77 61.70 -17.53
CA PHE D 765 8.44 61.09 -18.81
C PHE D 765 7.36 61.91 -19.51
N LEU D 766 6.51 62.51 -18.70
CA LEU D 766 5.40 63.31 -19.21
C LEU D 766 5.88 64.60 -19.87
N ILE D 767 6.64 65.42 -19.15
CA ILE D 767 7.14 66.66 -19.70
C ILE D 767 8.13 66.39 -20.82
N PHE D 768 8.77 65.21 -20.77
CA PHE D 768 9.75 64.79 -21.78
C PHE D 768 9.12 64.75 -23.17
N ILE D 769 7.79 64.82 -23.23
CA ILE D 769 7.07 64.79 -24.50
C ILE D 769 6.50 66.15 -24.84
N ILE D 770 5.85 66.78 -23.87
CA ILE D 770 5.25 68.09 -24.09
C ILE D 770 6.27 69.08 -24.62
N ALA D 771 7.42 69.24 -23.93
CA ALA D 771 8.48 70.17 -24.34
C ALA D 771 9.76 69.49 -24.82
N ASN D 772 9.62 68.24 -25.25
CA ASN D 772 10.73 67.41 -25.72
C ASN D 772 12.11 67.85 -25.25
N ILE D 773 12.33 67.86 -23.93
CA ILE D 773 13.63 68.22 -23.37
C ILE D 773 14.34 66.90 -23.00
N PRO D 774 15.49 66.96 -22.31
CA PRO D 774 16.16 65.70 -21.98
C PRO D 774 15.60 64.93 -20.77
N LEU D 775 15.33 63.64 -20.99
CA LEU D 775 14.79 62.74 -19.98
C LEU D 775 15.38 62.97 -18.59
N PRO D 776 14.61 63.64 -17.71
CA PRO D 776 14.99 63.97 -16.33
C PRO D 776 15.22 62.75 -15.43
N LEU D 777 14.40 61.72 -15.62
CA LEU D 777 14.47 60.50 -14.82
C LEU D 777 14.39 59.26 -15.72
N GLY D 778 15.25 58.29 -15.47
CA GLY D 778 15.25 57.07 -16.28
C GLY D 778 14.36 55.98 -15.71
N THR D 779 14.04 54.98 -16.53
CA THR D 779 13.19 53.87 -16.10
C THR D 779 13.91 53.03 -15.04
N VAL D 780 15.07 52.49 -15.41
CA VAL D 780 15.87 51.68 -14.50
C VAL D 780 16.09 52.54 -13.24
N THR D 781 15.98 53.84 -13.41
CA THR D 781 16.16 54.79 -12.33
C THR D 781 14.93 54.87 -11.44
N ILE D 782 13.78 54.53 -11.99
CA ILE D 782 12.54 54.58 -11.22
C ILE D 782 12.44 53.38 -10.27
N LEU D 783 12.93 52.24 -10.72
CA LEU D 783 12.91 51.03 -9.89
C LEU D 783 13.96 51.15 -8.80
N CYS D 784 14.02 52.33 -8.19
CA CYS D 784 14.96 52.60 -7.12
C CYS D 784 14.21 53.30 -6.02
N ILE D 785 12.96 53.65 -6.29
CA ILE D 785 12.13 54.31 -5.29
C ILE D 785 11.17 53.28 -4.74
N ASP D 786 10.71 52.40 -5.62
CA ASP D 786 9.78 51.36 -5.22
C ASP D 786 10.48 50.20 -4.54
N LEU D 787 10.86 49.19 -5.31
CA LEU D 787 11.50 48.02 -4.74
C LEU D 787 12.92 48.31 -4.22
N GLY D 788 13.17 49.50 -3.67
CA GLY D 788 14.50 49.82 -3.18
C GLY D 788 14.70 50.81 -2.04
N THR D 789 14.42 52.08 -2.30
CA THR D 789 14.58 53.10 -1.28
C THR D 789 13.33 53.32 -0.41
N ASP D 790 12.23 53.76 -1.02
CA ASP D 790 11.00 54.00 -0.27
C ASP D 790 10.55 52.77 0.51
N MET D 791 11.05 51.60 0.12
CA MET D 791 10.68 50.35 0.78
C MET D 791 10.61 50.46 2.29
N VAL D 792 11.76 50.36 2.93
CA VAL D 792 11.82 50.44 4.39
C VAL D 792 10.95 51.53 5.03
N PRO D 793 11.02 52.77 4.52
CA PRO D 793 10.21 53.86 5.09
C PRO D 793 8.72 53.56 5.29
N ALA D 794 8.06 53.06 4.25
CA ALA D 794 6.63 52.74 4.31
C ALA D 794 6.39 51.63 5.32
N ILE D 795 7.14 50.53 5.17
CA ILE D 795 7.05 49.37 6.05
C ILE D 795 7.00 49.94 7.45
N SER D 796 7.99 50.79 7.74
CA SER D 796 8.09 51.43 9.03
C SER D 796 6.85 52.24 9.36
N LEU D 797 6.26 52.89 8.37
CA LEU D 797 5.09 53.68 8.66
C LEU D 797 4.15 52.82 9.52
N ALA D 798 4.02 51.55 9.15
CA ALA D 798 3.15 50.63 9.87
C ALA D 798 3.35 50.67 11.37
N TYR D 799 4.58 50.39 11.82
CA TYR D 799 4.94 50.42 13.24
C TYR D 799 4.36 51.61 13.97
N GLU D 800 3.96 52.62 13.22
CA GLU D 800 3.36 53.82 13.81
C GLU D 800 2.31 53.37 14.80
N GLN D 801 2.08 54.17 15.83
CA GLN D 801 1.11 53.82 16.85
C GLN D 801 -0.19 54.62 16.78
N ALA D 802 -1.04 54.41 17.78
CA ALA D 802 -2.33 55.07 17.84
C ALA D 802 -2.21 56.57 17.59
N GLU D 803 -3.37 57.22 17.45
CA GLU D 803 -3.44 58.66 17.23
C GLU D 803 -4.66 59.14 17.97
N SER D 804 -5.23 58.24 18.77
CA SER D 804 -6.40 58.53 19.57
C SER D 804 -6.99 57.23 20.13
N ASP D 805 -8.08 57.38 20.87
CA ASP D 805 -8.80 56.27 21.49
C ASP D 805 -9.78 55.72 20.45
N ILE D 806 -9.28 54.95 19.50
CA ILE D 806 -10.13 54.39 18.46
C ILE D 806 -11.23 53.45 18.92
N MET D 807 -10.98 52.76 20.02
CA MET D 807 -11.94 51.83 20.59
C MET D 807 -13.07 52.67 21.18
N LYS D 808 -13.34 53.79 20.50
CA LYS D 808 -14.37 54.74 20.87
C LYS D 808 -14.91 55.35 19.58
N ARG D 809 -15.44 54.51 18.70
CA ARG D 809 -16.00 54.97 17.43
C ARG D 809 -16.61 53.81 16.64
N GLN D 810 -17.89 53.94 16.30
CA GLN D 810 -18.61 52.92 15.57
C GLN D 810 -17.71 52.27 14.52
N PRO D 811 -17.95 51.00 14.19
CA PRO D 811 -17.09 50.35 13.20
C PRO D 811 -17.22 51.01 11.83
N ARG D 812 -16.11 51.14 11.14
CA ARG D 812 -16.11 51.75 9.82
C ARG D 812 -17.07 51.08 8.88
N ASN D 813 -17.89 51.87 8.22
CA ASN D 813 -18.83 51.34 7.26
C ASN D 813 -18.13 51.05 5.92
N PRO D 814 -17.80 49.78 5.65
CA PRO D 814 -17.12 49.32 4.44
C PRO D 814 -17.77 49.74 3.14
N LYS D 815 -18.90 50.43 3.25
CA LYS D 815 -19.62 50.91 2.08
C LYS D 815 -19.19 52.32 1.75
N THR D 816 -18.53 53.01 2.66
CA THR D 816 -18.12 54.38 2.41
C THR D 816 -16.63 54.69 2.55
N ASP D 817 -16.19 54.84 3.80
CA ASP D 817 -14.81 55.16 4.12
C ASP D 817 -13.83 54.08 3.71
N LYS D 818 -13.53 54.06 2.42
CA LYS D 818 -12.62 53.08 1.86
C LYS D 818 -11.22 53.25 2.42
N LEU D 819 -10.33 52.32 2.06
CA LEU D 819 -8.95 52.37 2.51
C LEU D 819 -8.30 53.45 1.68
N VAL D 820 -8.21 53.17 0.38
CA VAL D 820 -7.64 54.12 -0.54
C VAL D 820 -8.76 55.04 -1.04
N ASN D 821 -9.06 56.01 -0.19
CA ASN D 821 -10.07 57.04 -0.41
C ASN D 821 -9.62 57.77 -1.67
N GLU D 822 -10.39 58.76 -2.13
CA GLU D 822 -9.94 59.50 -3.30
C GLU D 822 -9.39 60.84 -2.81
N GLN D 823 -9.83 61.24 -1.62
CA GLN D 823 -9.32 62.45 -1.00
C GLN D 823 -7.83 62.13 -0.95
N LEU D 824 -7.52 60.92 -0.49
CA LEU D 824 -6.15 60.42 -0.42
C LEU D 824 -5.46 60.87 -1.70
N ILE D 825 -5.97 60.44 -2.84
CA ILE D 825 -5.36 60.80 -4.11
C ILE D 825 -5.11 62.30 -4.21
N SER D 826 -6.12 63.09 -3.92
CA SER D 826 -5.98 64.54 -3.95
C SER D 826 -4.76 64.94 -3.14
N MET D 827 -4.84 64.69 -1.82
CA MET D 827 -3.80 65.00 -0.85
C MET D 827 -2.43 64.40 -1.14
N ALA D 828 -2.26 63.85 -2.35
CA ALA D 828 -0.99 63.25 -2.74
C ALA D 828 -0.80 63.34 -4.24
N TYR D 829 -1.44 62.43 -4.97
CA TYR D 829 -1.33 62.40 -6.42
C TYR D 829 -1.49 63.76 -7.11
N GLY D 830 -2.05 64.75 -6.43
CA GLY D 830 -2.24 66.06 -7.02
C GLY D 830 -2.03 67.20 -6.06
N GLN D 831 -1.10 67.04 -5.13
CA GLN D 831 -0.81 68.08 -4.14
C GLN D 831 0.64 67.98 -3.68
N ILE D 832 0.98 66.89 -3.00
CA ILE D 832 2.34 66.74 -2.53
C ILE D 832 3.19 65.99 -3.54
N GLY D 833 2.56 65.51 -4.60
CA GLY D 833 3.29 64.81 -5.65
C GLY D 833 3.80 65.88 -6.57
N MET D 834 3.16 67.05 -6.45
CA MET D 834 3.50 68.21 -7.26
C MET D 834 4.63 69.02 -6.65
N ILE D 835 4.46 69.56 -5.44
CA ILE D 835 5.54 70.32 -4.83
C ILE D 835 6.76 69.43 -4.76
N GLN D 836 6.55 68.12 -4.72
CA GLN D 836 7.65 67.17 -4.70
C GLN D 836 8.09 67.01 -6.15
N ALA D 837 7.19 67.33 -7.06
CA ALA D 837 7.48 67.25 -8.47
C ALA D 837 8.43 68.38 -8.85
N LEU D 838 8.03 69.61 -8.52
CA LEU D 838 8.80 70.82 -8.80
C LEU D 838 10.21 70.71 -8.25
N GLY D 839 10.35 70.29 -7.01
CA GLY D 839 11.66 70.13 -6.40
C GLY D 839 12.65 69.26 -7.15
N GLY D 840 12.18 68.20 -7.79
CA GLY D 840 13.07 67.32 -8.52
C GLY D 840 13.13 67.78 -9.95
N PHE D 841 12.11 68.53 -10.34
CA PHE D 841 12.01 69.07 -11.68
C PHE D 841 12.59 70.49 -11.61
N PHE D 842 13.59 70.64 -10.75
CA PHE D 842 14.28 71.91 -10.51
C PHE D 842 15.75 71.53 -10.55
N THR D 843 16.11 70.65 -9.63
CA THR D 843 17.45 70.13 -9.53
C THR D 843 17.92 69.67 -10.90
N TYR D 844 17.02 69.14 -11.71
CA TYR D 844 17.39 68.69 -13.04
C TYR D 844 18.02 69.83 -13.81
N PHE D 845 17.50 71.04 -13.58
CA PHE D 845 18.01 72.22 -14.26
C PHE D 845 19.41 72.62 -13.80
N VAL D 846 19.51 73.05 -12.56
CA VAL D 846 20.79 73.45 -12.02
C VAL D 846 21.84 72.34 -12.04
N ILE D 847 21.47 71.14 -12.49
CA ILE D 847 22.42 70.05 -12.56
C ILE D 847 23.08 70.18 -13.89
N LEU D 848 22.53 71.05 -14.72
CA LEU D 848 23.07 71.30 -16.05
C LEU D 848 23.68 72.70 -16.11
N ALA D 849 22.94 73.71 -15.62
CA ALA D 849 23.40 75.10 -15.64
C ALA D 849 24.91 75.14 -15.47
N GLU D 850 25.36 74.44 -14.45
CA GLU D 850 26.76 74.36 -14.13
C GLU D 850 27.38 73.29 -15.05
N ASN D 851 27.11 73.42 -16.34
CA ASN D 851 27.62 72.49 -17.35
C ASN D 851 27.25 72.88 -18.79
N GLY D 852 26.28 73.79 -18.93
CA GLY D 852 25.84 74.18 -20.27
C GLY D 852 24.35 73.91 -20.39
N PHE D 853 23.63 74.27 -19.33
CA PHE D 853 22.19 74.10 -19.26
C PHE D 853 21.60 75.32 -19.89
N LEU D 854 20.46 75.09 -20.51
CA LEU D 854 19.75 76.14 -21.19
C LEU D 854 18.57 76.53 -20.31
N PRO D 855 18.80 77.53 -19.44
CA PRO D 855 17.79 78.06 -18.50
C PRO D 855 16.43 78.14 -19.17
N ILE D 856 16.40 78.77 -20.34
CA ILE D 856 15.16 78.93 -21.10
C ILE D 856 15.30 78.27 -22.48
N HIS D 857 16.45 77.62 -22.72
CA HIS D 857 16.70 76.94 -24.00
C HIS D 857 16.76 75.43 -23.76
N LEU D 858 17.31 74.72 -24.75
CA LEU D 858 17.49 73.26 -24.71
C LEU D 858 16.35 72.50 -25.36
N LEU D 859 15.13 72.84 -24.97
CA LEU D 859 13.92 72.22 -25.46
C LEU D 859 14.08 71.62 -26.86
N GLY D 860 14.69 70.43 -26.94
CA GLY D 860 14.91 69.78 -28.22
C GLY D 860 15.73 68.50 -28.19
N LEU D 861 15.35 67.54 -29.04
CA LEU D 861 16.02 66.25 -29.19
C LEU D 861 17.54 66.31 -29.05
N ARG D 862 18.14 65.16 -28.78
CA ARG D 862 19.57 65.06 -28.60
C ARG D 862 20.04 63.70 -29.09
N VAL D 863 20.17 63.56 -30.41
CA VAL D 863 20.60 62.30 -31.04
C VAL D 863 21.88 61.76 -30.39
N ASN D 864 22.23 60.52 -30.73
CA ASN D 864 23.42 59.87 -30.20
C ASN D 864 24.41 59.52 -31.32
N TRP D 865 23.89 59.14 -32.49
CA TRP D 865 24.74 58.81 -33.64
C TRP D 865 25.29 60.13 -34.14
N ASP D 866 24.69 61.22 -33.66
CA ASP D 866 25.14 62.58 -34.00
C ASP D 866 26.64 62.59 -33.77
N ASP D 867 27.05 62.21 -32.56
CA ASP D 867 28.45 62.14 -32.23
C ASP D 867 29.12 63.48 -32.49
N ARG D 868 29.12 64.36 -31.50
CA ARG D 868 29.74 65.70 -31.59
C ARG D 868 28.85 66.78 -32.23
N TRP D 869 28.96 66.90 -33.55
CA TRP D 869 28.25 67.85 -34.43
C TRP D 869 27.51 69.07 -33.83
N ILE D 870 26.80 68.90 -32.72
CA ILE D 870 26.08 70.02 -32.12
C ILE D 870 26.25 70.11 -30.60
N ASN D 871 25.79 71.22 -30.05
CA ASN D 871 25.85 71.50 -28.64
C ASN D 871 24.91 72.68 -28.42
N ASP D 872 25.27 73.54 -27.46
CA ASP D 872 24.49 74.74 -27.14
C ASP D 872 25.05 75.56 -25.98
N VAL D 873 24.44 76.73 -25.80
CA VAL D 873 24.82 77.72 -24.80
C VAL D 873 26.31 77.79 -24.61
N GLU D 874 27.00 78.11 -25.70
CA GLU D 874 28.44 78.28 -25.66
C GLU D 874 29.15 76.96 -25.31
N ASP D 875 29.30 76.04 -26.26
CA ASP D 875 29.95 74.75 -25.97
C ASP D 875 30.38 73.94 -27.19
N SER D 876 30.67 72.66 -26.98
CA SER D 876 31.08 71.70 -28.01
C SER D 876 30.87 70.27 -27.44
N TYR D 877 29.62 69.81 -27.44
CA TYR D 877 29.26 68.48 -26.89
C TYR D 877 29.04 67.41 -27.95
N GLY D 878 29.40 66.16 -27.62
CA GLY D 878 29.24 65.07 -28.55
C GLY D 878 30.28 63.99 -28.33
N GLN D 879 30.23 62.91 -29.14
CA GLN D 879 31.15 61.75 -29.04
C GLN D 879 32.06 61.71 -27.82
N GLN D 880 31.97 60.62 -27.05
CA GLN D 880 32.77 60.47 -25.83
C GLN D 880 32.28 61.56 -24.87
N TRP D 881 31.83 62.68 -25.46
CA TRP D 881 31.24 63.81 -24.73
C TRP D 881 29.77 63.75 -25.18
N THR D 882 29.43 62.60 -25.76
CA THR D 882 28.08 62.24 -26.23
C THR D 882 27.74 61.23 -25.16
N TYR D 883 28.73 60.43 -24.81
CA TYR D 883 28.60 59.48 -23.72
C TYR D 883 28.35 60.50 -22.63
N GLU D 884 28.89 61.71 -22.85
CA GLU D 884 28.75 62.84 -21.93
C GLU D 884 27.62 63.81 -22.27
N GLN D 885 27.27 63.96 -23.55
CA GLN D 885 26.17 64.87 -23.88
C GLN D 885 24.98 64.22 -23.18
N ARG D 886 25.13 62.93 -22.90
CA ARG D 886 24.14 62.13 -22.20
C ARG D 886 24.91 61.50 -21.04
N LYS D 887 25.42 62.35 -20.16
CA LYS D 887 26.18 61.93 -18.99
C LYS D 887 26.06 63.00 -17.93
N ILE D 888 25.77 64.23 -18.34
CA ILE D 888 25.57 65.31 -17.39
C ILE D 888 24.11 65.09 -17.03
N VAL D 889 23.58 64.01 -17.61
CA VAL D 889 22.21 63.59 -17.39
C VAL D 889 22.19 62.14 -16.94
N GLU D 890 22.67 61.22 -17.79
CA GLU D 890 22.70 59.80 -17.45
C GLU D 890 23.25 59.62 -16.05
N PHE D 891 24.57 59.47 -15.97
CA PHE D 891 25.25 59.29 -14.70
C PHE D 891 25.11 60.52 -13.81
N THR D 892 24.33 61.50 -14.26
CA THR D 892 24.10 62.72 -13.50
C THR D 892 22.61 62.99 -13.42
N CYS D 893 22.18 64.18 -13.85
CA CYS D 893 20.76 64.59 -13.81
C CYS D 893 19.79 63.56 -13.23
N HIS D 894 19.72 62.38 -13.84
CA HIS D 894 18.86 61.33 -13.31
C HIS D 894 19.19 61.17 -11.82
N THR D 895 20.35 60.59 -11.53
CA THR D 895 20.81 60.37 -10.15
C THR D 895 20.38 61.47 -9.17
N PRO D 896 20.53 62.75 -9.56
CA PRO D 896 20.13 63.85 -8.68
C PRO D 896 18.62 63.91 -8.54
N PHE D 897 17.93 63.81 -9.66
CA PHE D 897 16.47 63.84 -9.69
C PHE D 897 16.00 62.69 -8.81
N PHE D 898 16.95 61.83 -8.45
CA PHE D 898 16.73 60.66 -7.63
C PHE D 898 16.91 61.08 -6.17
N VAL D 899 18.09 61.58 -5.82
CA VAL D 899 18.33 62.02 -4.45
C VAL D 899 17.33 63.11 -4.10
N THR D 900 16.94 63.88 -5.10
CA THR D 900 15.96 64.94 -4.86
C THR D 900 14.68 64.28 -4.37
N ILE D 901 14.32 63.16 -4.99
CA ILE D 901 13.13 62.43 -4.58
C ILE D 901 13.30 62.25 -3.08
N VAL D 902 14.09 61.24 -2.75
CA VAL D 902 14.40 60.88 -1.37
C VAL D 902 14.37 62.12 -0.46
N VAL D 903 15.08 63.15 -0.90
CA VAL D 903 15.16 64.39 -0.15
C VAL D 903 13.81 64.79 0.41
N VAL D 904 12.81 64.87 -0.46
CA VAL D 904 11.48 65.24 0.00
C VAL D 904 10.79 64.07 0.71
N GLN D 905 11.21 62.86 0.39
CA GLN D 905 10.61 61.66 1.02
C GLN D 905 10.75 61.74 2.52
N TRP D 906 11.63 62.62 2.99
CA TRP D 906 11.82 62.79 4.41
C TRP D 906 10.57 63.49 4.88
N ALA D 907 10.44 64.77 4.55
CA ALA D 907 9.28 65.56 4.93
C ALA D 907 8.01 64.79 4.59
N ASP D 908 8.12 63.89 3.61
CA ASP D 908 6.98 63.08 3.22
C ASP D 908 6.76 62.04 4.30
N LEU D 909 7.80 61.27 4.59
CA LEU D 909 7.73 60.23 5.60
C LEU D 909 7.36 60.80 6.97
N VAL D 910 7.63 62.07 7.19
CA VAL D 910 7.35 62.69 8.49
C VAL D 910 5.98 63.39 8.53
N ILE D 911 5.30 63.41 7.40
CA ILE D 911 4.01 64.03 7.35
C ILE D 911 2.96 62.92 7.22
N CYS D 912 3.37 61.82 6.59
CA CYS D 912 2.52 60.66 6.43
C CYS D 912 2.63 59.85 7.71
N LYS D 913 2.59 60.55 8.84
CA LYS D 913 2.70 59.88 10.13
C LYS D 913 1.61 60.41 11.04
N THR D 914 0.51 60.79 10.40
CA THR D 914 -0.66 61.30 11.07
C THR D 914 -1.49 61.95 10.01
N ARG D 915 -2.78 62.07 10.29
CA ARG D 915 -3.71 62.68 9.36
C ARG D 915 -4.54 63.61 10.24
N ARG D 916 -3.97 63.97 11.40
CA ARG D 916 -4.64 64.88 12.32
C ARG D 916 -3.76 65.51 13.37
N ASN D 917 -2.63 64.90 13.69
CA ASN D 917 -1.77 65.48 14.71
C ASN D 917 -0.47 66.02 14.12
N SER D 918 0.11 67.01 14.80
CA SER D 918 1.36 67.62 14.34
C SER D 918 2.52 66.75 14.78
N VAL D 919 3.63 66.80 14.05
CA VAL D 919 4.79 66.00 14.42
C VAL D 919 5.14 66.22 15.89
N PHE D 920 4.57 67.27 16.49
CA PHE D 920 4.81 67.60 17.89
C PHE D 920 3.82 66.88 18.80
N GLN D 921 2.53 67.12 18.57
CA GLN D 921 1.49 66.48 19.38
C GLN D 921 1.64 64.97 19.38
N GLN D 922 2.52 64.49 18.51
CA GLN D 922 2.81 63.06 18.38
C GLN D 922 4.32 62.95 18.21
N GLY D 923 5.03 62.84 19.32
CA GLY D 923 6.49 62.73 19.26
C GLY D 923 6.98 61.98 18.04
N MET D 924 8.06 62.46 17.45
CA MET D 924 8.62 61.79 16.27
C MET D 924 9.52 60.65 16.77
N LYS D 925 8.91 59.66 17.41
CA LYS D 925 9.65 58.53 17.96
C LYS D 925 9.32 57.13 17.41
N ASN D 926 9.12 57.00 16.11
CA ASN D 926 8.84 55.70 15.54
C ASN D 926 10.16 54.99 15.30
N LYS D 927 10.89 54.76 16.38
CA LYS D 927 12.19 54.09 16.32
C LYS D 927 12.60 53.55 14.94
N ILE D 928 11.82 52.65 14.36
CA ILE D 928 12.17 52.09 13.06
C ILE D 928 12.26 53.17 11.98
N LEU D 929 11.21 53.97 11.85
CA LEU D 929 11.13 55.04 10.87
C LEU D 929 12.27 56.02 10.94
N ILE D 930 12.48 56.57 12.14
CA ILE D 930 13.56 57.51 12.40
C ILE D 930 14.79 56.80 11.88
N PHE D 931 15.04 55.62 12.45
CA PHE D 931 16.18 54.82 12.05
C PHE D 931 15.77 53.94 10.86
N GLY D 932 15.07 54.58 9.93
CA GLY D 932 14.63 53.92 8.73
C GLY D 932 14.99 54.98 7.70
N LEU D 933 15.08 56.21 8.19
CA LEU D 933 15.42 57.38 7.37
C LEU D 933 16.86 57.31 6.92
N PHE D 934 17.76 57.14 7.88
CA PHE D 934 19.17 57.02 7.53
C PHE D 934 19.20 55.78 6.66
N GLU D 935 18.44 54.77 7.12
CA GLU D 935 18.33 53.48 6.43
C GLU D 935 17.91 53.61 4.97
N GLU D 936 17.52 54.82 4.58
CA GLU D 936 17.10 55.12 3.21
C GLU D 936 18.18 56.02 2.61
N THR D 937 18.23 57.24 3.12
CA THR D 937 19.19 58.27 2.74
C THR D 937 20.51 57.62 2.35
N ALA D 938 21.02 56.77 3.27
CA ALA D 938 22.27 56.05 3.10
C ALA D 938 22.29 55.17 1.85
N LEU D 939 21.19 54.49 1.58
CA LEU D 939 21.13 53.65 0.40
C LEU D 939 21.43 54.55 -0.79
N ALA D 940 20.76 55.71 -0.82
CA ALA D 940 20.92 56.70 -1.89
C ALA D 940 22.38 56.98 -2.19
N ALA D 941 23.06 57.58 -1.22
CA ALA D 941 24.46 57.90 -1.36
C ALA D 941 25.31 56.65 -1.57
N PHE D 942 25.15 55.63 -0.73
CA PHE D 942 25.95 54.42 -0.89
C PHE D 942 25.65 53.82 -2.26
N LEU D 943 24.71 54.45 -2.96
CA LEU D 943 24.34 54.01 -4.29
C LEU D 943 24.81 55.00 -5.34
N SER D 944 24.85 56.28 -4.96
CA SER D 944 25.27 57.35 -5.85
C SER D 944 26.79 57.50 -5.87
N TYR D 945 27.45 56.84 -4.92
CA TYR D 945 28.90 56.87 -4.84
C TYR D 945 29.38 55.43 -4.84
N CYS D 946 28.51 54.53 -5.26
CA CYS D 946 28.85 53.11 -5.34
C CYS D 946 30.18 53.07 -6.08
N PRO D 947 31.16 52.37 -5.53
CA PRO D 947 32.48 52.27 -6.17
C PRO D 947 32.47 51.84 -7.64
N GLY D 948 31.29 51.67 -8.21
CA GLY D 948 31.21 51.25 -9.60
C GLY D 948 29.83 50.84 -10.06
N MET D 949 28.92 50.61 -9.13
CA MET D 949 27.55 50.22 -9.47
C MET D 949 26.90 51.38 -10.22
N GLY D 950 27.74 52.14 -10.91
CA GLY D 950 27.28 53.28 -11.68
C GLY D 950 27.03 52.86 -13.11
N VAL D 951 27.36 51.61 -13.42
CA VAL D 951 27.14 51.07 -14.76
C VAL D 951 25.64 50.90 -14.94
N ALA D 952 25.03 50.20 -13.99
CA ALA D 952 23.60 49.97 -14.01
C ALA D 952 22.90 51.28 -13.66
N LEU D 953 23.35 51.91 -12.59
CA LEU D 953 22.75 53.19 -12.19
C LEU D 953 23.57 54.33 -12.79
N ARG D 954 23.70 55.42 -12.03
CA ARG D 954 24.39 56.61 -12.49
C ARG D 954 25.76 56.86 -11.82
N MET D 955 26.15 58.14 -11.78
CA MET D 955 27.43 58.55 -11.20
C MET D 955 27.32 59.54 -10.05
N TYR D 956 28.38 59.57 -9.25
CA TYR D 956 28.48 60.40 -8.07
C TYR D 956 28.08 61.85 -8.28
N PRO D 957 26.97 62.29 -7.66
CA PRO D 957 26.59 63.70 -7.82
C PRO D 957 27.25 64.55 -6.74
N LEU D 958 28.09 65.47 -7.16
CA LEU D 958 28.84 66.40 -6.29
C LEU D 958 28.24 66.69 -4.90
N LYS D 959 28.71 65.93 -3.90
CA LYS D 959 28.28 66.07 -2.50
C LYS D 959 28.07 67.54 -2.12
N PRO D 960 29.00 68.43 -2.51
CA PRO D 960 28.86 69.85 -2.18
C PRO D 960 27.47 70.47 -2.31
N THR D 961 26.86 70.42 -3.49
CA THR D 961 25.54 71.01 -3.65
C THR D 961 24.50 70.08 -4.23
N TRP D 962 24.88 69.35 -5.28
CA TRP D 962 24.00 68.41 -5.96
C TRP D 962 22.92 67.78 -5.07
N TRP D 963 23.17 67.70 -3.77
CA TRP D 963 22.21 67.12 -2.85
C TRP D 963 21.25 68.18 -2.35
N PHE D 964 21.73 69.01 -1.46
CA PHE D 964 20.94 70.08 -0.85
C PHE D 964 19.90 70.75 -1.77
N CYS D 965 20.29 71.05 -3.00
CA CYS D 965 19.40 71.70 -3.97
C CYS D 965 17.92 71.34 -3.90
N ALA D 966 17.63 70.07 -3.61
CA ALA D 966 16.25 69.58 -3.53
C ALA D 966 15.62 69.93 -2.17
N PHE D 967 16.48 69.96 -1.15
CA PHE D 967 16.18 70.27 0.25
C PHE D 967 15.29 71.52 0.43
N PRO D 968 15.49 72.55 -0.39
CA PRO D 968 14.70 73.79 -0.32
C PRO D 968 13.23 73.51 -0.32
N TYR D 969 12.85 72.58 -1.19
CA TYR D 969 11.46 72.17 -1.38
C TYR D 969 10.88 71.35 -0.24
N SER D 970 11.67 70.43 0.30
CA SER D 970 11.21 69.61 1.41
C SER D 970 10.58 70.47 2.48
N LEU D 971 11.23 71.58 2.82
CA LEU D 971 10.68 72.45 3.85
C LEU D 971 9.33 72.99 3.42
N LEU D 972 9.07 73.02 2.11
CA LEU D 972 7.77 73.48 1.64
C LEU D 972 6.74 72.42 2.03
N ILE D 973 6.98 71.19 1.58
CA ILE D 973 6.08 70.09 1.89
C ILE D 973 5.69 70.22 3.34
N PHE D 974 6.64 69.83 4.20
CA PHE D 974 6.48 69.87 5.63
C PHE D 974 5.42 70.86 6.07
N VAL D 975 5.87 72.08 6.37
CA VAL D 975 5.00 73.14 6.83
C VAL D 975 3.59 73.10 6.25
N TYR D 976 3.46 72.83 4.96
CA TYR D 976 2.14 72.81 4.36
C TYR D 976 1.21 71.85 5.10
N ASP D 977 1.36 70.54 4.87
CA ASP D 977 0.48 69.57 5.52
C ASP D 977 0.47 69.83 7.02
N GLU D 978 1.55 70.41 7.51
CA GLU D 978 1.64 70.71 8.94
C GLU D 978 0.63 71.81 9.31
N VAL D 979 0.44 72.75 8.40
CA VAL D 979 -0.48 73.85 8.63
C VAL D 979 -1.92 73.34 8.58
N ARG D 980 -2.32 72.90 7.40
CA ARG D 980 -3.68 72.40 7.17
C ARG D 980 -4.20 71.65 8.38
N LYS D 981 -3.44 70.67 8.84
CA LYS D 981 -3.84 69.87 9.99
C LYS D 981 -4.44 70.74 11.07
N LEU D 982 -3.92 71.96 11.20
CA LEU D 982 -4.44 72.91 12.18
C LEU D 982 -5.75 73.42 11.65
N ILE D 983 -5.78 73.80 10.38
CA ILE D 983 -7.03 74.27 9.82
C ILE D 983 -8.02 73.15 10.09
N ILE D 984 -7.55 71.90 9.95
CA ILE D 984 -8.38 70.74 10.20
C ILE D 984 -8.90 70.79 11.64
N ARG D 985 -7.97 70.85 12.59
CA ARG D 985 -8.32 70.88 14.02
C ARG D 985 -9.00 72.17 14.50
N ARG D 986 -8.48 73.31 14.07
CA ARG D 986 -9.05 74.60 14.47
C ARG D 986 -10.44 74.74 13.85
N ARG D 987 -10.78 73.81 12.96
CA ARG D 987 -12.07 73.80 12.31
C ARG D 987 -12.62 72.39 12.32
N PRO D 988 -13.64 72.14 13.17
CA PRO D 988 -14.24 70.81 13.26
C PRO D 988 -14.36 70.08 11.92
N GLY D 989 -15.48 70.29 11.24
CA GLY D 989 -15.72 69.66 9.95
C GLY D 989 -15.09 70.47 8.83
N GLY D 990 -13.86 70.89 9.08
CA GLY D 990 -13.08 71.68 8.15
C GLY D 990 -13.64 71.76 6.75
N TRP D 991 -13.76 72.99 6.25
CA TRP D 991 -14.28 73.24 4.92
C TRP D 991 -13.43 72.51 3.89
N VAL D 992 -13.48 72.99 2.65
CA VAL D 992 -12.77 72.42 1.51
C VAL D 992 -11.60 71.45 1.83
N GLU D 993 -10.90 71.65 2.96
CA GLU D 993 -9.77 70.78 3.32
C GLU D 993 -10.03 69.59 4.23
N LYS D 994 -10.83 69.75 5.28
CA LYS D 994 -11.07 68.57 6.12
C LYS D 994 -11.89 67.72 5.20
N GLU D 995 -12.61 68.39 4.31
CA GLU D 995 -13.41 67.66 3.36
C GLU D 995 -12.41 66.76 2.66
N THR D 996 -11.21 67.29 2.46
CA THR D 996 -10.12 66.53 1.86
C THR D 996 -9.06 66.32 2.96
N TYR D 997 -9.55 65.67 4.02
CA TYR D 997 -8.84 65.28 5.23
C TYR D 997 -7.97 64.07 4.91
N TYR D 998 -8.58 62.89 4.81
CA TYR D 998 -7.87 61.66 4.50
C TYR D 998 -8.76 60.48 4.82
N THR E 1 -21.26 64.32 -9.22
CA THR E 1 -20.27 63.82 -8.21
C THR E 1 -19.95 64.90 -7.14
N GLY E 2 -20.72 65.99 -7.14
CA GLY E 2 -20.52 67.07 -6.18
C GLY E 2 -20.96 68.41 -6.76
N GLY E 3 -21.73 69.18 -6.00
CA GLY E 3 -22.20 70.49 -6.49
C GLY E 3 -21.11 71.56 -6.58
N SER E 4 -20.36 71.71 -5.49
CA SER E 4 -19.25 72.66 -5.41
C SER E 4 -18.10 71.97 -6.09
N TRP E 5 -18.36 71.48 -7.30
CA TRP E 5 -17.35 70.78 -8.07
C TRP E 5 -16.26 71.76 -8.44
N PHE E 6 -16.66 72.99 -8.73
CA PHE E 6 -15.70 74.01 -9.11
C PHE E 6 -14.69 74.33 -8.02
N LYS E 7 -15.16 74.72 -6.84
CA LYS E 7 -14.25 75.03 -5.74
C LYS E 7 -13.13 74.00 -5.56
N ILE E 8 -13.50 72.73 -5.38
CA ILE E 8 -12.52 71.64 -5.21
C ILE E 8 -11.51 71.77 -6.35
N LEU E 9 -11.94 72.43 -7.42
CA LEU E 9 -11.14 72.63 -8.62
C LEU E 9 -10.65 74.06 -8.81
N LEU E 10 -11.54 75.05 -8.66
CA LEU E 10 -11.17 76.45 -8.81
C LEU E 10 -10.29 76.90 -7.65
N PHE E 11 -9.62 75.92 -7.06
CA PHE E 11 -8.70 76.17 -5.97
C PHE E 11 -7.41 75.47 -6.33
N TYR E 12 -7.52 74.51 -7.25
CA TYR E 12 -6.37 73.76 -7.71
C TYR E 12 -5.49 74.60 -8.65
N VAL E 13 -6.07 75.65 -9.20
CA VAL E 13 -5.29 76.52 -10.08
C VAL E 13 -4.47 77.43 -9.18
N ILE E 14 -5.13 78.05 -8.21
CA ILE E 14 -4.46 78.93 -7.27
C ILE E 14 -3.33 78.15 -6.64
N PHE E 15 -3.59 76.87 -6.35
CA PHE E 15 -2.59 75.99 -5.76
C PHE E 15 -1.48 75.78 -6.79
N TYR E 16 -1.85 75.22 -7.94
CA TYR E 16 -0.88 74.97 -9.00
C TYR E 16 -0.21 76.27 -9.43
N GLY E 17 -0.87 77.39 -9.13
CA GLY E 17 -0.32 78.68 -9.50
C GLY E 17 0.78 79.11 -8.55
N CYS E 18 0.47 79.06 -7.26
CA CYS E 18 1.44 79.43 -6.25
C CYS E 18 2.58 78.42 -6.29
N LEU E 19 2.31 77.25 -6.85
CA LEU E 19 3.35 76.23 -6.98
C LEU E 19 4.22 76.62 -8.15
N ALA E 20 3.61 77.22 -9.16
CA ALA E 20 4.36 77.64 -10.32
C ALA E 20 5.19 78.83 -9.87
N GLY E 21 4.53 79.83 -9.29
CA GLY E 21 5.22 81.02 -8.82
C GLY E 21 6.49 80.64 -8.09
N ILE E 22 6.34 79.91 -6.98
CA ILE E 22 7.46 79.47 -6.15
C ILE E 22 8.47 78.58 -6.91
N PHE E 23 8.05 78.01 -8.02
CA PHE E 23 8.94 77.16 -8.81
C PHE E 23 9.82 77.99 -9.70
N ILE E 24 9.19 78.80 -10.54
CA ILE E 24 9.93 79.67 -11.45
C ILE E 24 10.77 80.58 -10.58
N GLY E 25 10.18 81.08 -9.50
CA GLY E 25 10.91 81.94 -8.60
C GLY E 25 12.29 81.35 -8.37
N THR E 26 12.34 80.18 -7.75
CA THR E 26 13.62 79.50 -7.48
C THR E 26 14.47 79.58 -8.73
N ILE E 27 13.97 79.00 -9.81
CA ILE E 27 14.69 79.01 -11.07
C ILE E 27 15.27 80.39 -11.37
N GLN E 28 14.41 81.41 -11.43
CA GLN E 28 14.86 82.77 -11.71
C GLN E 28 15.92 83.19 -10.69
N VAL E 29 15.51 83.24 -9.42
CA VAL E 29 16.41 83.65 -8.32
C VAL E 29 17.51 82.66 -7.94
N MET E 30 17.80 81.72 -8.81
CA MET E 30 18.85 80.76 -8.57
C MET E 30 19.82 81.01 -9.70
N LEU E 31 19.25 81.30 -10.87
CA LEU E 31 20.03 81.60 -12.08
C LEU E 31 20.83 82.86 -11.82
N LEU E 32 20.16 83.84 -11.22
CA LEU E 32 20.77 85.12 -10.90
C LEU E 32 21.91 84.86 -9.93
N THR E 33 22.95 84.22 -10.48
CA THR E 33 24.21 83.81 -9.82
C THR E 33 24.46 82.40 -10.34
N ILE E 34 25.57 81.79 -9.89
CA ILE E 34 25.96 80.46 -10.32
C ILE E 34 26.49 80.57 -11.75
N SER E 35 25.78 81.35 -12.55
CA SER E 35 26.16 81.57 -13.93
C SER E 35 26.07 83.06 -14.27
N GLU E 36 27.25 83.69 -14.32
CA GLU E 36 27.38 85.10 -14.63
C GLU E 36 26.50 85.48 -15.83
N PHE E 37 26.47 84.60 -16.82
CA PHE E 37 25.71 84.76 -18.05
C PHE E 37 25.88 83.44 -18.78
N LYS E 38 26.89 82.71 -18.32
CA LYS E 38 27.28 81.41 -18.84
C LYS E 38 28.68 81.11 -18.30
N PRO E 39 28.81 80.02 -17.51
CA PRO E 39 30.08 79.60 -16.90
C PRO E 39 30.90 78.46 -17.53
N THR E 40 30.40 77.23 -17.43
CA THR E 40 31.06 76.04 -17.95
C THR E 40 31.95 75.43 -16.88
N TYR E 41 31.91 74.10 -16.77
CA TYR E 41 32.69 73.39 -15.76
C TYR E 41 33.33 72.10 -16.26
N GLN E 42 34.46 71.75 -15.63
CA GLN E 42 35.27 70.58 -15.92
C GLN E 42 34.73 69.52 -16.88
N ASP E 43 35.66 68.99 -17.68
CA ASP E 43 35.44 67.95 -18.70
C ASP E 43 36.41 68.28 -19.85
N ARG E 44 37.20 67.28 -20.28
CA ARG E 44 38.18 67.49 -21.35
C ARG E 44 37.94 66.67 -22.63
N VAL E 45 38.15 67.30 -23.78
CA VAL E 45 37.90 66.68 -25.08
C VAL E 45 38.82 65.55 -25.52
N ALA E 46 38.24 64.66 -26.33
CA ALA E 46 38.92 63.50 -26.89
C ALA E 46 38.58 63.43 -28.38
N TYR F 1 36.20 65.45 -8.09
CA TYR F 1 35.66 64.07 -8.25
C TYR F 1 36.45 63.03 -7.47
N GLU F 2 37.63 63.43 -7.00
CA GLU F 2 38.52 62.53 -6.24
C GLU F 2 38.23 62.49 -4.74
N THR F 3 38.20 63.66 -4.10
CA THR F 3 37.94 63.73 -2.66
C THR F 3 36.50 63.28 -2.34
N VAL F 4 35.70 63.06 -3.38
CA VAL F 4 34.31 62.61 -3.19
C VAL F 4 34.11 61.16 -3.65
N ARG F 5 35.02 60.65 -4.49
CA ARG F 5 34.94 59.28 -4.98
C ARG F 5 34.67 58.37 -3.78
N ASN F 6 35.03 58.87 -2.60
CA ASN F 6 34.85 58.14 -1.35
C ASN F 6 33.97 58.99 -0.42
N GLY F 7 32.78 59.36 -0.88
CA GLY F 7 31.89 60.19 -0.08
C GLY F 7 30.82 59.43 0.70
N GLY F 8 29.73 59.06 0.02
CA GLY F 8 28.65 58.34 0.66
C GLY F 8 29.10 57.05 1.31
N LEU F 9 30.38 56.72 1.12
CA LEU F 9 30.95 55.52 1.71
C LEU F 9 31.60 55.95 3.03
N ILE F 10 31.32 57.19 3.42
CA ILE F 10 31.86 57.75 4.66
C ILE F 10 30.87 58.70 5.33
N PHE F 11 30.32 59.64 4.57
CA PHE F 11 29.36 60.61 5.10
C PHE F 11 27.96 60.01 5.30
N ALA F 12 27.71 58.90 4.63
CA ALA F 12 26.44 58.21 4.72
C ALA F 12 26.67 56.75 5.08
N ALA F 13 27.92 56.42 5.42
CA ALA F 13 28.28 55.05 5.80
C ALA F 13 28.14 54.86 7.30
N LEU F 14 27.82 55.95 8.00
CA LEU F 14 27.65 55.90 9.45
C LEU F 14 26.17 55.76 9.79
N ALA F 15 25.38 55.21 8.87
CA ALA F 15 23.96 55.00 9.10
C ALA F 15 23.64 53.52 9.24
N PHE F 16 24.26 52.69 8.40
CA PHE F 16 24.04 51.24 8.48
C PHE F 16 24.42 50.87 9.90
N ILE F 17 25.25 51.70 10.51
CA ILE F 17 25.73 51.49 11.86
C ILE F 17 24.82 52.15 12.91
N VAL F 18 23.84 52.96 12.47
CA VAL F 18 22.89 53.57 13.41
C VAL F 18 21.58 52.82 13.24
N GLY F 19 21.69 51.64 12.64
CA GLY F 19 20.54 50.79 12.41
C GLY F 19 20.88 49.40 12.92
N LEU F 20 21.99 48.83 12.44
CA LEU F 20 22.42 47.51 12.89
C LEU F 20 22.96 47.63 14.31
N ILE F 21 23.03 48.87 14.80
CA ILE F 21 23.50 49.18 16.15
C ILE F 21 22.37 49.94 16.85
N ILE F 22 21.19 49.94 16.20
CA ILE F 22 20.02 50.60 16.75
C ILE F 22 18.74 49.79 16.45
N ILE F 23 18.95 48.57 15.96
CA ILE F 23 17.86 47.60 15.68
C ILE F 23 18.02 46.64 16.85
N LEU F 24 19.28 46.41 17.22
CA LEU F 24 19.64 45.55 18.34
C LEU F 24 19.90 46.45 19.53
N SER F 25 19.26 47.62 19.55
CA SER F 25 19.43 48.58 20.64
C SER F 25 18.12 49.18 21.13
N LYS F 26 17.02 48.88 20.44
CA LYS F 26 15.71 49.37 20.84
C LYS F 26 15.06 48.30 21.70
N ARG F 27 15.87 47.32 22.07
CA ARG F 27 15.45 46.20 22.92
C ARG F 27 16.49 46.09 24.03
N LEU F 28 17.54 46.90 23.93
CA LEU F 28 18.63 46.90 24.91
C LEU F 28 18.70 48.21 25.70
N ARG F 29 17.72 49.09 25.50
CA ARG F 29 17.69 50.38 26.19
C ARG F 29 16.94 50.29 27.52
#